data_5LGR
#
_entry.id   5LGR
#
_cell.length_a   74.831
_cell.length_b   98.544
_cell.length_c   208.336
_cell.angle_alpha   90.000
_cell.angle_beta   90.000
_cell.angle_gamma   90.000
#
_symmetry.space_group_name_H-M   'P 21 21 2'
#
loop_
_entity.id
_entity.type
_entity.pdbx_description
1 polymer 'Histone-arginine methyltransferase CARM1'
2 polymer 'Polyadenylate-binding protein 1'
3 non-polymer 'SULFATE ION'
4 non-polymer 1,2-ETHANEDIOL
5 non-polymer 1,2-DIMETHOXYETHANE
6 non-polymer 1-(2-METHOXY-ETHOXY)-2-{2-[2-(2-METHOXY-ETHOXY]-ETHOXY}-ETHANE
7 non-polymer DI(HYDROXYETHYL)ETHER
8 non-polymer (2~{R},3~{R},4~{S},5~{R})-2-(6-aminopurin-9-yl)-5-[(~{E})-prop-1-enyl]oxolane-3,4-diol
9 non-polymer L-PROLINAMIDE
10 non-polymer 'ACETYL GROUP'
11 water water
#
loop_
_entity_poly.entity_id
_entity_poly.type
_entity_poly.pdbx_seq_one_letter_code
_entity_poly.pdbx_strand_id
1 'polypeptide(L)'
;GHMGHTLERSVFSERTEESSAVQYFQFYGYLSQQQNMMQDYVRTGTYQRAILQNHTDFKDKIVLDVGCGSGILSFFAAQA
GARKIYAVEASTMAQHAEVLVKSNNLTDRIVVIPGKVEEVSLPEQVDIIISEPMGYMLFNERMLESYLHAKKYLKPSGNM
FPTIGDVHLAPFTDEQLYMEQFTKANFWYQPSFHGVDLSALRGAAVDEYFRQPVVDTFDIRILMAKSVKYTVNFLEAKEG
DLHRIEIPFKFHMLHSGLVHGLAFWFDVAFIGSIMTVWLSTAPTEPLTHWYQVRCLFQSPLFAKAGDTLSGTCLLIANKR
QSYDISIVAQVDQTGSKSSNLLDLKNPFFRYTGTTPSPPPG
;
A,B,C,D
2 'polypeptide(L)' FQNMPGAIRPAA E,F,G,H
#
# COMPACT_ATOMS: atom_id res chain seq x y z
N ARG A 9 41.42 17.66 -16.28
CA ARG A 9 41.17 19.00 -15.79
C ARG A 9 41.16 19.03 -14.25
N SER A 10 40.57 18.01 -13.65
CA SER A 10 40.48 17.90 -12.20
C SER A 10 41.16 16.61 -11.74
N VAL A 11 41.43 16.54 -10.44
CA VAL A 11 42.02 15.33 -9.87
C VAL A 11 41.15 14.12 -10.16
N PHE A 12 39.83 14.30 -10.14
CA PHE A 12 38.93 13.18 -10.36
C PHE A 12 39.00 12.67 -11.79
N SER A 13 38.85 13.58 -12.76
CA SER A 13 38.81 13.15 -14.16
C SER A 13 40.11 12.52 -14.61
N GLU A 14 41.24 12.96 -14.04
CA GLU A 14 42.53 12.42 -14.46
C GLU A 14 42.76 11.00 -13.96
N ARG A 15 42.03 10.55 -12.94
CA ARG A 15 42.20 9.20 -12.42
C ARG A 15 41.01 8.30 -12.73
N THR A 16 40.04 8.77 -13.52
CA THR A 16 38.81 8.03 -13.75
C THR A 16 38.43 8.10 -15.22
N GLU A 17 38.20 6.94 -15.82
CA GLU A 17 37.69 6.90 -17.19
C GLU A 17 36.23 7.35 -17.22
N GLU A 18 35.88 8.11 -18.25
CA GLU A 18 34.54 8.69 -18.35
C GLU A 18 33.46 7.61 -18.23
N SER A 19 33.60 6.52 -19.00
CA SER A 19 32.57 5.49 -19.01
C SER A 19 32.33 4.93 -17.61
N SER A 20 33.38 4.80 -16.81
CA SER A 20 33.21 4.34 -15.43
C SER A 20 32.47 5.36 -14.59
N ALA A 21 32.83 6.64 -14.73
CA ALA A 21 32.21 7.68 -13.92
C ALA A 21 30.73 7.82 -14.24
N VAL A 22 30.37 7.76 -15.53
CA VAL A 22 28.97 7.91 -15.91
C VAL A 22 28.11 6.85 -15.23
N GLN A 23 28.47 5.58 -15.43
CA GLN A 23 27.73 4.50 -14.79
C GLN A 23 27.74 4.64 -13.27
N TYR A 24 28.87 5.04 -12.71
CA TYR A 24 29.01 5.14 -11.27
C TYR A 24 27.97 6.08 -10.67
N PHE A 25 27.87 7.29 -11.21
CA PHE A 25 26.95 8.28 -10.65
C PHE A 25 25.51 8.08 -11.11
N GLN A 26 25.27 7.38 -12.21
CA GLN A 26 23.92 6.98 -12.56
C GLN A 26 23.35 6.04 -11.49
N PHE A 27 24.15 5.06 -11.07
CA PHE A 27 23.73 4.16 -10.02
C PHE A 27 23.32 4.92 -8.76
N TYR A 28 24.07 5.96 -8.42
CA TYR A 28 23.77 6.73 -7.21
C TYR A 28 22.70 7.79 -7.44
N GLY A 29 22.23 7.98 -8.66
CA GLY A 29 21.10 8.85 -8.91
C GLY A 29 19.76 8.23 -8.60
N TYR A 30 19.72 6.95 -8.26
CA TYR A 30 18.49 6.25 -7.98
C TYR A 30 18.12 6.37 -6.50
N LEU A 31 16.90 6.85 -6.23
CA LEU A 31 16.41 6.88 -4.86
C LEU A 31 16.38 5.49 -4.25
N SER A 32 16.16 4.46 -5.07
CA SER A 32 16.15 3.10 -4.55
C SER A 32 17.50 2.70 -3.96
N GLN A 33 18.58 3.29 -4.46
CA GLN A 33 19.90 2.94 -3.97
C GLN A 33 20.28 3.73 -2.72
N GLN A 34 19.84 4.98 -2.62
CA GLN A 34 19.88 5.66 -1.32
C GLN A 34 19.10 4.86 -0.30
N GLN A 35 17.88 4.45 -0.66
CA GLN A 35 17.05 3.64 0.22
C GLN A 35 17.78 2.37 0.64
N ASN A 36 18.47 1.72 -0.30
CA ASN A 36 19.20 0.50 0.02
C ASN A 36 20.20 0.74 1.16
N MET A 37 20.94 1.85 1.09
CA MET A 37 21.91 2.14 2.14
C MET A 37 21.23 2.63 3.40
N MET A 38 20.20 3.45 3.26
CA MET A 38 19.52 4.01 4.43
C MET A 38 18.84 2.93 5.26
N GLN A 39 18.34 1.87 4.62
CA GLN A 39 17.67 0.79 5.34
C GLN A 39 18.63 -0.11 6.09
N ASP A 40 19.94 -0.03 5.82
CA ASP A 40 20.94 -0.72 6.62
C ASP A 40 21.02 0.00 7.96
N TYR A 41 20.37 -0.58 8.98
CA TYR A 41 20.25 0.11 10.27
C TYR A 41 21.60 0.15 11.00
N VAL A 42 22.41 -0.91 10.86
CA VAL A 42 23.77 -0.87 11.39
C VAL A 42 24.50 0.35 10.83
N ARG A 43 24.39 0.56 9.53
CA ARG A 43 25.09 1.65 8.87
C ARG A 43 24.51 3.00 9.29
N THR A 44 23.21 3.20 9.07
CA THR A 44 22.60 4.49 9.37
C THR A 44 22.58 4.77 10.87
N GLY A 45 22.26 3.76 11.68
CA GLY A 45 22.18 3.98 13.11
C GLY A 45 23.52 4.32 13.74
N THR A 46 24.58 3.63 13.30
CA THR A 46 25.90 3.90 13.86
C THR A 46 26.36 5.31 13.51
N TYR A 47 26.14 5.75 12.27
CA TYR A 47 26.50 7.12 11.90
C TYR A 47 25.77 8.13 12.78
N GLN A 48 24.48 7.91 13.04
CA GLN A 48 23.73 8.84 13.86
C GLN A 48 24.23 8.83 15.30
N ARG A 49 24.55 7.65 15.83
CA ARG A 49 25.10 7.58 17.18
C ARG A 49 26.47 8.22 17.26
N ALA A 50 27.29 8.03 16.22
CA ALA A 50 28.63 8.63 16.22
C ALA A 50 28.55 10.16 16.23
N ILE A 51 27.56 10.71 15.52
CA ILE A 51 27.47 12.16 15.39
C ILE A 51 26.78 12.77 16.61
N LEU A 52 25.66 12.17 17.04
CA LEU A 52 24.89 12.77 18.13
C LEU A 52 25.60 12.61 19.47
N GLN A 53 26.26 11.48 19.68
CA GLN A 53 26.98 11.25 20.93
C GLN A 53 28.29 12.03 21.00
N ASN A 54 28.76 12.58 19.88
CA ASN A 54 29.87 13.52 19.88
C ASN A 54 29.35 14.90 19.46
N HIS A 55 28.29 15.35 20.13
CA HIS A 55 27.61 16.58 19.70
C HIS A 55 28.50 17.80 19.84
N THR A 56 29.47 17.78 20.76
CA THR A 56 30.37 18.91 20.92
C THR A 56 31.30 19.08 19.72
N ASP A 57 31.52 18.01 18.94
CA ASP A 57 32.28 18.14 17.71
C ASP A 57 31.50 18.84 16.61
N PHE A 58 30.19 19.03 16.79
CA PHE A 58 29.34 19.62 15.76
C PHE A 58 28.63 20.89 16.19
N LYS A 59 28.34 21.07 17.47
CA LYS A 59 27.54 22.21 17.90
C LYS A 59 28.21 23.51 17.46
N ASP A 60 27.52 24.27 16.60
CA ASP A 60 27.96 25.56 16.13
C ASP A 60 29.20 25.48 15.24
N LYS A 61 29.49 24.32 14.68
CA LYS A 61 30.65 24.13 13.82
C LYS A 61 30.23 24.21 12.35
N ILE A 62 31.22 24.36 11.48
CA ILE A 62 31.04 24.29 10.04
C ILE A 62 31.39 22.87 9.59
N VAL A 63 30.55 22.29 8.74
CA VAL A 63 30.66 20.89 8.37
C VAL A 63 30.69 20.76 6.85
N LEU A 64 31.52 19.84 6.36
CA LEU A 64 31.51 19.42 4.97
C LEU A 64 31.08 17.96 4.91
N ASP A 65 30.07 17.68 4.07
CA ASP A 65 29.56 16.32 3.88
C ASP A 65 29.91 15.88 2.46
N VAL A 66 30.84 14.95 2.34
CA VAL A 66 31.35 14.51 1.05
C VAL A 66 30.54 13.30 0.58
N GLY A 67 29.87 13.46 -0.56
CA GLY A 67 29.03 12.39 -1.08
C GLY A 67 27.78 12.22 -0.25
N CYS A 68 27.08 13.33 0.00
CA CYS A 68 25.97 13.33 0.94
C CYS A 68 24.77 12.52 0.46
N GLY A 69 24.70 12.20 -0.83
CA GLY A 69 23.56 11.46 -1.33
C GLY A 69 22.27 12.23 -1.08
N SER A 70 21.33 11.57 -0.41
CA SER A 70 20.07 12.23 -0.05
C SER A 70 20.24 13.26 1.05
N GLY A 71 21.39 13.30 1.71
CA GLY A 71 21.67 14.30 2.73
C GLY A 71 21.50 13.86 4.16
N ILE A 72 21.27 12.56 4.40
CA ILE A 72 20.91 12.11 5.74
C ILE A 72 21.99 12.47 6.75
N LEU A 73 23.26 12.28 6.39
CA LEU A 73 24.34 12.58 7.33
C LEU A 73 24.39 14.08 7.64
N SER A 74 24.08 14.91 6.65
CA SER A 74 23.97 16.35 6.91
C SER A 74 22.88 16.65 7.92
N PHE A 75 21.76 15.91 7.84
CA PHE A 75 20.67 16.13 8.78
C PHE A 75 21.07 15.71 10.19
N PHE A 76 21.82 14.59 10.31
CA PHE A 76 22.35 14.21 11.61
C PHE A 76 23.26 15.30 12.16
N ALA A 77 24.15 15.85 11.32
CA ALA A 77 24.99 16.95 11.75
C ALA A 77 24.16 18.12 12.25
N ALA A 78 23.03 18.40 11.59
CA ALA A 78 22.14 19.45 12.06
C ALA A 78 21.47 19.08 13.37
N GLN A 79 21.01 17.82 13.49
CA GLN A 79 20.47 17.35 14.75
C GLN A 79 21.46 17.55 15.89
N ALA A 80 22.75 17.52 15.59
CA ALA A 80 23.79 17.70 16.60
C ALA A 80 24.13 19.17 16.85
N GLY A 81 23.57 20.08 16.05
CA GLY A 81 23.71 21.51 16.30
C GLY A 81 24.67 22.26 15.40
N ALA A 82 25.00 21.73 14.22
CA ALA A 82 25.96 22.40 13.36
C ALA A 82 25.44 23.76 12.93
N ARG A 83 26.34 24.74 12.90
CA ARG A 83 25.98 26.08 12.42
C ARG A 83 25.71 26.06 10.93
N LYS A 84 26.63 25.48 10.15
CA LYS A 84 26.46 25.41 8.70
C LYS A 84 27.05 24.11 8.19
N ILE A 85 26.40 23.54 7.18
CA ILE A 85 26.77 22.24 6.62
C ILE A 85 26.79 22.40 5.10
N TYR A 86 27.95 22.13 4.50
CA TYR A 86 28.08 22.11 3.04
C TYR A 86 28.01 20.67 2.59
N ALA A 87 26.95 20.33 1.86
CA ALA A 87 26.68 18.95 1.44
C ALA A 87 27.01 18.84 -0.05
N VAL A 88 28.07 18.12 -0.36
CA VAL A 88 28.56 17.97 -1.73
C VAL A 88 28.16 16.59 -2.25
N GLU A 89 27.54 16.57 -3.42
CA GLU A 89 27.13 15.32 -4.06
C GLU A 89 27.21 15.52 -5.56
N ALA A 90 27.79 14.54 -6.26
CA ALA A 90 28.04 14.66 -7.68
C ALA A 90 26.96 14.03 -8.56
N SER A 91 26.21 13.06 -8.03
CA SER A 91 25.13 12.47 -8.79
C SER A 91 23.92 13.41 -8.81
N THR A 92 22.92 13.06 -9.61
CA THR A 92 21.70 13.85 -9.67
C THR A 92 20.90 13.77 -8.37
N MET A 93 21.30 12.90 -7.44
CA MET A 93 20.68 12.87 -6.12
C MET A 93 20.79 14.20 -5.40
N ALA A 94 21.76 15.04 -5.77
CA ALA A 94 21.88 16.36 -5.16
C ALA A 94 20.58 17.14 -5.27
N GLN A 95 19.87 17.00 -6.39
CA GLN A 95 18.60 17.70 -6.56
C GLN A 95 17.59 17.25 -5.52
N HIS A 96 17.55 15.96 -5.21
CA HIS A 96 16.61 15.46 -4.21
C HIS A 96 17.03 15.89 -2.81
N ALA A 97 18.34 15.93 -2.54
CA ALA A 97 18.80 16.42 -1.25
C ALA A 97 18.37 17.87 -1.03
N GLU A 98 18.38 18.68 -2.09
CA GLU A 98 17.93 20.06 -1.97
C GLU A 98 16.47 20.13 -1.58
N VAL A 99 15.63 19.30 -2.19
CA VAL A 99 14.22 19.25 -1.83
C VAL A 99 14.06 18.93 -0.36
N LEU A 100 14.80 17.92 0.12
CA LEU A 100 14.67 17.51 1.51
C LEU A 100 15.14 18.60 2.46
N VAL A 101 16.17 19.37 2.07
CA VAL A 101 16.60 20.49 2.90
C VAL A 101 15.50 21.53 3.00
N LYS A 102 14.83 21.81 1.88
CA LYS A 102 13.73 22.76 1.90
C LYS A 102 12.58 22.26 2.75
N SER A 103 12.13 21.02 2.49
CA SER A 103 10.97 20.48 3.19
C SER A 103 11.24 20.27 4.68
N ASN A 104 12.50 20.21 5.10
CA ASN A 104 12.85 20.11 6.50
C ASN A 104 13.20 21.46 7.12
N ASN A 105 12.95 22.56 6.40
CA ASN A 105 13.16 23.90 6.93
CA ASN A 105 13.16 23.91 6.91
C ASN A 105 14.58 24.10 7.44
N LEU A 106 15.55 23.64 6.64
CA LEU A 106 16.97 23.75 7.01
C LEU A 106 17.79 24.49 5.97
N THR A 107 17.13 25.29 5.12
CA THR A 107 17.86 26.01 4.07
C THR A 107 18.90 26.95 4.65
N ASP A 108 18.71 27.42 5.87
CA ASP A 108 19.65 28.34 6.49
C ASP A 108 20.87 27.65 7.10
N ARG A 109 20.86 26.32 7.20
CA ARG A 109 21.96 25.59 7.83
C ARG A 109 22.62 24.57 6.92
N ILE A 110 21.92 24.04 5.91
CA ILE A 110 22.47 23.06 4.99
C ILE A 110 22.44 23.67 3.59
N VAL A 111 23.59 23.67 2.93
CA VAL A 111 23.72 24.13 1.55
C VAL A 111 24.18 22.96 0.72
N VAL A 112 23.38 22.56 -0.26
CA VAL A 112 23.71 21.47 -1.16
C VAL A 112 24.54 22.04 -2.31
N ILE A 113 25.74 21.49 -2.52
CA ILE A 113 26.63 21.93 -3.59
C ILE A 113 26.74 20.78 -4.59
N PRO A 114 26.01 20.81 -5.71
CA PRO A 114 26.10 19.72 -6.68
C PRO A 114 27.43 19.72 -7.40
N GLY A 115 28.07 18.55 -7.43
CA GLY A 115 29.32 18.41 -8.14
C GLY A 115 30.30 17.49 -7.43
N LYS A 116 31.41 17.20 -8.10
CA LYS A 116 32.45 16.38 -7.52
C LYS A 116 33.30 17.22 -6.58
N VAL A 117 33.58 16.67 -5.40
CA VAL A 117 34.29 17.45 -4.38
C VAL A 117 35.64 17.94 -4.90
N GLU A 118 36.20 17.26 -5.90
CA GLU A 118 37.45 17.70 -6.52
C GLU A 118 37.24 18.95 -7.38
N GLU A 119 36.01 19.34 -7.67
CA GLU A 119 35.76 20.36 -8.68
C GLU A 119 34.92 21.53 -8.15
N VAL A 120 34.09 21.29 -7.14
CA VAL A 120 33.27 22.36 -6.59
C VAL A 120 34.15 23.36 -5.86
N SER A 121 33.58 24.51 -5.50
CA SER A 121 34.25 25.49 -4.66
C SER A 121 33.44 25.70 -3.39
N LEU A 122 34.15 25.72 -2.26
CA LEU A 122 33.52 26.01 -0.98
C LEU A 122 33.87 27.42 -0.53
N PRO A 123 32.91 28.17 0.02
CA PRO A 123 33.20 29.57 0.39
C PRO A 123 34.14 29.71 1.58
N GLU A 124 34.29 28.68 2.40
CA GLU A 124 35.12 28.79 3.59
C GLU A 124 35.60 27.41 4.01
N GLN A 125 36.58 27.41 4.92
CA GLN A 125 37.06 26.18 5.52
C GLN A 125 36.06 25.67 6.56
N VAL A 126 36.17 24.38 6.87
CA VAL A 126 35.21 23.73 7.76
C VAL A 126 35.95 23.19 8.97
N ASP A 127 35.18 22.87 10.01
CA ASP A 127 35.75 22.32 11.24
C ASP A 127 35.79 20.80 11.23
N ILE A 128 34.97 20.14 10.43
CA ILE A 128 34.90 18.68 10.43
C ILE A 128 34.34 18.22 9.09
N ILE A 129 34.86 17.11 8.59
CA ILE A 129 34.37 16.46 7.37
C ILE A 129 33.68 15.17 7.77
N ILE A 130 32.47 14.97 7.25
CA ILE A 130 31.75 13.72 7.44
C ILE A 130 31.53 13.09 6.07
N SER A 131 31.56 11.77 6.03
CA SER A 131 31.40 11.07 4.76
C SER A 131 31.21 9.58 5.04
N GLU A 132 30.66 8.89 4.05
CA GLU A 132 30.66 7.43 3.99
C GLU A 132 31.37 7.03 2.71
N PRO A 133 32.70 7.06 2.71
CA PRO A 133 33.47 6.75 1.50
C PRO A 133 33.83 5.27 1.34
N MET A 134 33.25 4.38 2.14
CA MET A 134 33.66 2.98 2.14
C MET A 134 32.87 2.21 1.09
N GLY A 135 33.60 1.54 0.19
CA GLY A 135 33.03 0.52 -0.65
C GLY A 135 33.27 -0.86 -0.04
N TYR A 136 32.76 -1.88 -0.71
CA TYR A 136 33.07 -3.23 -0.25
C TYR A 136 34.57 -3.46 -0.32
N MET A 137 35.08 -4.26 0.61
CA MET A 137 36.51 -4.37 0.87
C MET A 137 37.14 -3.00 1.16
N LEU A 138 36.30 -2.05 1.60
CA LEU A 138 36.71 -0.70 1.98
C LEU A 138 37.14 0.14 0.78
N PHE A 139 38.06 -0.38 -0.03
CA PHE A 139 38.75 0.44 -1.03
C PHE A 139 37.99 0.56 -2.35
N ASN A 140 37.07 -0.35 -2.65
CA ASN A 140 36.31 -0.22 -3.88
C ASN A 140 35.65 1.15 -3.97
N GLU A 141 35.54 1.66 -5.20
CA GLU A 141 34.94 2.95 -5.53
C GLU A 141 35.99 4.06 -5.56
N ARG A 142 37.14 3.82 -4.92
CA ARG A 142 38.19 4.84 -4.81
C ARG A 142 37.63 6.17 -4.29
N MET A 143 36.62 6.09 -3.42
CA MET A 143 36.06 7.31 -2.85
C MET A 143 36.87 7.80 -1.65
N LEU A 144 37.68 6.93 -1.04
CA LEU A 144 38.56 7.37 0.04
C LEU A 144 39.45 8.51 -0.43
N GLU A 145 39.89 8.47 -1.70
CA GLU A 145 40.75 9.53 -2.22
C GLU A 145 40.02 10.86 -2.28
N SER A 146 38.74 10.84 -2.66
CA SER A 146 37.94 12.06 -2.62
C SER A 146 37.80 12.56 -1.19
N TYR A 147 37.61 11.65 -0.24
CA TYR A 147 37.53 12.00 1.16
C TYR A 147 38.83 12.66 1.63
N LEU A 148 39.97 12.08 1.26
CA LEU A 148 41.26 12.69 1.59
C LEU A 148 41.46 14.00 0.85
N HIS A 149 41.07 14.04 -0.43
CA HIS A 149 41.18 15.26 -1.21
C HIS A 149 40.44 16.41 -0.55
N ALA A 150 39.30 16.12 0.10
CA ALA A 150 38.49 17.16 0.71
C ALA A 150 39.18 17.86 1.87
N LYS A 151 40.30 17.31 2.37
CA LYS A 151 40.99 17.93 3.49
C LYS A 151 41.59 19.29 3.13
N LYS A 152 41.59 19.66 1.86
CA LYS A 152 41.98 21.02 1.49
C LYS A 152 41.02 22.07 2.03
N TYR A 153 39.84 21.65 2.49
CA TYR A 153 38.86 22.55 3.08
C TYR A 153 38.83 22.48 4.61
N LEU A 154 39.65 21.61 5.20
CA LEU A 154 39.61 21.38 6.64
C LEU A 154 40.57 22.33 7.34
N LYS A 155 40.07 23.07 8.33
CA LYS A 155 40.91 23.91 9.16
C LYS A 155 42.04 23.08 9.73
N PRO A 156 43.14 23.69 10.16
CA PRO A 156 44.12 22.96 10.97
C PRO A 156 43.47 22.52 12.29
N SER A 157 43.79 21.30 12.71
CA SER A 157 43.21 20.70 13.90
C SER A 157 41.75 20.32 13.73
N GLY A 158 41.25 20.31 12.50
CA GLY A 158 39.91 19.79 12.25
C GLY A 158 39.87 18.29 12.34
N ASN A 159 38.65 17.76 12.40
CA ASN A 159 38.43 16.33 12.58
C ASN A 159 37.76 15.74 11.36
N MET A 160 37.69 14.42 11.32
CA MET A 160 37.06 13.70 10.22
C MET A 160 36.27 12.53 10.77
N PHE A 161 35.05 12.36 10.26
CA PHE A 161 34.16 11.28 10.66
C PHE A 161 33.78 10.48 9.42
N PRO A 162 34.30 9.26 9.22
CA PRO A 162 35.20 8.49 10.08
C PRO A 162 36.62 9.04 10.14
N THR A 163 37.34 8.70 11.19
CA THR A 163 38.69 9.17 11.44
C THR A 163 39.76 8.21 10.95
N ILE A 164 39.56 6.91 11.14
CA ILE A 164 40.51 5.89 10.69
C ILE A 164 39.72 4.74 10.08
N GLY A 165 40.41 3.95 9.27
CA GLY A 165 39.83 2.75 8.70
C GLY A 165 40.77 1.57 8.81
N ASP A 166 40.27 0.44 9.28
CA ASP A 166 41.03 -0.80 9.38
C ASP A 166 40.45 -1.81 8.41
N VAL A 167 41.29 -2.30 7.50
CA VAL A 167 40.96 -3.47 6.69
C VAL A 167 41.62 -4.66 7.37
N HIS A 168 40.90 -5.79 7.42
CA HIS A 168 41.37 -7.00 8.05
C HIS A 168 41.47 -8.11 7.02
N LEU A 169 42.55 -8.88 7.09
CA LEU A 169 42.78 -10.02 6.22
C LEU A 169 42.94 -11.26 7.08
N ALA A 170 42.40 -12.39 6.59
CA ALA A 170 42.56 -13.63 7.33
C ALA A 170 42.41 -14.79 6.36
N PRO A 171 43.21 -15.84 6.47
CA PRO A 171 43.04 -17.01 5.59
C PRO A 171 41.84 -17.84 6.01
N PHE A 172 41.19 -18.44 5.02
CA PHE A 172 40.01 -19.24 5.25
C PHE A 172 40.10 -20.56 4.48
N THR A 173 39.36 -21.55 4.97
CA THR A 173 39.15 -22.80 4.26
C THR A 173 37.69 -22.91 3.90
N ASP A 174 37.41 -23.11 2.61
CA ASP A 174 36.04 -23.28 2.13
C ASP A 174 36.14 -24.16 0.89
N GLU A 175 36.22 -25.47 1.13
CA GLU A 175 36.39 -26.42 0.03
C GLU A 175 35.28 -26.29 -1.00
N GLN A 176 34.04 -26.13 -0.54
CA GLN A 176 32.92 -26.10 -1.48
C GLN A 176 32.96 -24.86 -2.36
N LEU A 177 33.32 -23.71 -1.79
CA LEU A 177 33.45 -22.50 -2.60
C LEU A 177 34.50 -22.68 -3.67
N TYR A 178 35.62 -23.33 -3.32
CA TYR A 178 36.69 -23.55 -4.30
C TYR A 178 36.23 -24.49 -5.40
N MET A 179 35.67 -25.64 -5.02
CA MET A 179 35.26 -26.62 -6.02
C MET A 179 34.16 -26.07 -6.92
N GLU A 180 33.37 -25.13 -6.41
CA GLU A 180 32.28 -24.56 -7.20
C GLU A 180 32.78 -23.84 -8.44
N GLN A 181 34.00 -23.32 -8.40
CA GLN A 181 34.55 -22.61 -9.56
C GLN A 181 34.70 -23.56 -10.74
N PHE A 182 35.16 -24.77 -10.49
CA PHE A 182 35.37 -25.74 -11.56
C PHE A 182 34.07 -26.36 -12.03
N THR A 183 33.10 -26.53 -11.13
CA THR A 183 31.79 -26.98 -11.55
C THR A 183 31.18 -26.03 -12.57
N LYS A 184 31.31 -24.73 -12.33
CA LYS A 184 30.80 -23.75 -13.29
C LYS A 184 31.61 -23.77 -14.58
N ALA A 185 32.95 -23.80 -14.45
CA ALA A 185 33.79 -23.74 -15.64
C ALA A 185 33.70 -25.02 -16.46
N ASN A 186 33.42 -26.15 -15.82
CA ASN A 186 33.38 -27.42 -16.54
C ASN A 186 32.20 -27.51 -17.50
N PHE A 187 31.31 -26.52 -17.51
CA PHE A 187 30.34 -26.42 -18.60
C PHE A 187 31.05 -26.53 -19.94
N TRP A 188 32.20 -25.87 -20.08
CA TRP A 188 32.92 -25.83 -21.34
C TRP A 188 33.65 -27.13 -21.66
N TYR A 189 33.81 -28.03 -20.69
CA TYR A 189 34.57 -29.26 -20.90
C TYR A 189 33.63 -30.38 -21.36
N GLN A 190 33.08 -30.19 -22.56
CA GLN A 190 32.30 -31.23 -23.20
C GLN A 190 32.61 -31.25 -24.68
N PRO A 191 32.69 -32.43 -25.29
CA PRO A 191 33.14 -32.51 -26.68
C PRO A 191 32.08 -32.20 -27.73
N SER A 192 30.80 -32.17 -27.35
CA SER A 192 29.74 -32.00 -28.34
C SER A 192 28.54 -31.29 -27.71
N PHE A 193 28.73 -30.02 -27.39
CA PHE A 193 27.62 -29.15 -27.00
C PHE A 193 26.88 -28.75 -28.27
N HIS A 194 25.75 -29.40 -28.54
CA HIS A 194 25.00 -29.18 -29.77
C HIS A 194 25.89 -29.40 -30.99
N GLY A 195 26.82 -30.35 -30.89
CA GLY A 195 27.73 -30.66 -31.97
C GLY A 195 29.05 -29.93 -31.91
N VAL A 196 29.27 -29.07 -30.92
CA VAL A 196 30.44 -28.21 -30.84
C VAL A 196 31.31 -28.67 -29.68
N ASP A 197 32.62 -28.76 -29.91
CA ASP A 197 33.58 -29.08 -28.87
C ASP A 197 33.98 -27.78 -28.18
N LEU A 198 33.57 -27.61 -26.93
CA LEU A 198 33.83 -26.39 -26.18
C LEU A 198 35.08 -26.48 -25.31
N SER A 199 35.75 -27.63 -25.26
CA SER A 199 36.72 -27.89 -24.20
C SER A 199 37.87 -26.90 -24.22
N ALA A 200 38.18 -26.32 -25.38
CA ALA A 200 39.36 -25.45 -25.48
C ALA A 200 39.23 -24.17 -24.67
N LEU A 201 38.02 -23.81 -24.23
CA LEU A 201 37.81 -22.59 -23.46
C LEU A 201 37.65 -22.86 -21.96
N ARG A 202 37.82 -24.11 -21.52
CA ARG A 202 37.63 -24.43 -20.12
C ARG A 202 38.63 -23.65 -19.25
N GLY A 203 39.90 -23.64 -19.64
CA GLY A 203 40.90 -22.94 -18.86
C GLY A 203 40.61 -21.45 -18.73
N ALA A 204 40.17 -20.82 -19.83
CA ALA A 204 39.82 -19.41 -19.79
C ALA A 204 38.62 -19.17 -18.88
N ALA A 205 37.67 -20.11 -18.87
CA ALA A 205 36.52 -19.97 -17.98
C ALA A 205 36.95 -20.05 -16.51
N VAL A 206 37.84 -21.00 -16.18
CA VAL A 206 38.36 -21.09 -14.82
C VAL A 206 39.01 -19.78 -14.41
N ASP A 207 39.91 -19.26 -15.25
CA ASP A 207 40.60 -18.01 -14.92
C ASP A 207 39.61 -16.89 -14.67
N GLU A 208 38.57 -16.80 -15.50
CA GLU A 208 37.59 -15.74 -15.34
C GLU A 208 36.89 -15.83 -13.98
N TYR A 209 36.53 -17.04 -13.55
CA TYR A 209 35.85 -17.19 -12.27
C TYR A 209 36.78 -16.84 -11.11
N PHE A 210 38.04 -17.27 -11.18
CA PHE A 210 38.97 -17.00 -10.10
C PHE A 210 39.35 -15.53 -10.00
N ARG A 211 39.17 -14.76 -11.06
CA ARG A 211 39.43 -13.33 -11.01
C ARG A 211 38.35 -12.55 -10.29
N GLN A 212 37.27 -13.21 -9.83
CA GLN A 212 36.16 -12.52 -9.20
C GLN A 212 36.26 -12.63 -7.69
N PRO A 213 36.38 -11.53 -6.96
CA PRO A 213 36.17 -11.59 -5.51
C PRO A 213 34.73 -11.98 -5.21
N VAL A 214 34.55 -12.71 -4.10
CA VAL A 214 33.24 -13.23 -3.71
C VAL A 214 32.69 -12.35 -2.60
N VAL A 215 31.57 -11.68 -2.88
CA VAL A 215 30.88 -10.87 -1.88
C VAL A 215 29.77 -11.71 -1.28
N ASP A 216 29.98 -12.12 -0.03
CA ASP A 216 28.93 -12.75 0.78
C ASP A 216 29.41 -12.83 2.21
N THR A 217 28.77 -13.63 3.04
CA THR A 217 29.17 -13.79 4.43
C THR A 217 29.53 -15.26 4.68
N PHE A 218 30.01 -15.54 5.88
CA PHE A 218 30.50 -16.87 6.19
C PHE A 218 30.58 -17.06 7.69
N ASP A 219 30.59 -18.34 8.11
CA ASP A 219 30.82 -18.69 9.50
C ASP A 219 32.26 -18.38 9.87
N ILE A 220 32.45 -17.74 11.03
CA ILE A 220 33.79 -17.35 11.46
C ILE A 220 34.69 -18.55 11.71
N ARG A 221 34.13 -19.76 11.78
CA ARG A 221 34.94 -20.94 12.02
C ARG A 221 35.70 -21.41 10.79
N ILE A 222 35.48 -20.78 9.62
CA ILE A 222 36.30 -21.09 8.45
C ILE A 222 37.62 -20.34 8.49
N LEU A 223 37.75 -19.33 9.35
CA LEU A 223 39.00 -18.60 9.45
C LEU A 223 40.03 -19.46 10.17
N MET A 224 41.25 -19.47 9.63
CA MET A 224 42.30 -20.37 10.10
C MET A 224 43.42 -19.66 10.85
N ALA A 225 43.41 -18.33 10.90
CA ALA A 225 44.42 -17.59 11.62
C ALA A 225 43.85 -16.26 12.07
N LYS A 226 44.49 -15.67 13.08
CA LYS A 226 44.11 -14.33 13.52
C LYS A 226 44.33 -13.34 12.38
N SER A 227 43.44 -12.37 12.28
CA SER A 227 43.49 -11.43 11.17
C SER A 227 44.70 -10.51 11.29
N VAL A 228 45.17 -10.05 10.14
CA VAL A 228 46.15 -8.98 10.06
C VAL A 228 45.41 -7.70 9.71
N LYS A 229 45.90 -6.58 10.24
CA LYS A 229 45.20 -5.30 10.14
C LYS A 229 46.07 -4.29 9.40
N TYR A 230 45.49 -3.62 8.42
CA TYR A 230 46.12 -2.48 7.75
C TYR A 230 45.24 -1.26 7.97
N THR A 231 45.83 -0.19 8.49
CA THR A 231 45.09 0.97 8.95
C THR A 231 45.38 2.17 8.06
N VAL A 232 44.32 2.89 7.68
CA VAL A 232 44.42 4.18 7.00
C VAL A 232 43.95 5.24 7.98
N ASN A 233 44.84 6.17 8.32
CA ASN A 233 44.49 7.30 9.18
C ASN A 233 44.07 8.44 8.29
N PHE A 234 42.76 8.69 8.22
CA PHE A 234 42.23 9.69 7.30
C PHE A 234 42.71 11.10 7.62
N LEU A 235 43.14 11.35 8.85
CA LEU A 235 43.68 12.66 9.21
C LEU A 235 45.10 12.87 8.69
N GLU A 236 45.83 11.80 8.41
CA GLU A 236 47.22 11.89 8.00
C GLU A 236 47.47 11.47 6.55
N ALA A 237 46.64 10.58 6.02
CA ALA A 237 46.93 9.98 4.71
C ALA A 237 46.75 10.99 3.58
N LYS A 238 47.47 10.74 2.49
CA LYS A 238 47.38 11.53 1.27
C LYS A 238 46.75 10.68 0.17
N GLU A 239 46.13 11.35 -0.81
CA GLU A 239 45.52 10.63 -1.92
C GLU A 239 46.49 9.61 -2.51
N GLY A 240 47.73 10.04 -2.78
CA GLY A 240 48.69 9.15 -3.41
C GLY A 240 48.96 7.89 -2.64
N ASP A 241 48.76 7.92 -1.32
CA ASP A 241 49.01 6.74 -0.49
C ASP A 241 48.06 5.60 -0.84
N LEU A 242 46.96 5.88 -1.53
CA LEU A 242 45.96 4.86 -1.85
C LEU A 242 46.09 4.32 -3.28
N HIS A 243 47.06 4.79 -4.05
CA HIS A 243 47.25 4.28 -5.40
C HIS A 243 47.93 2.92 -5.41
N ARG A 244 48.82 2.67 -4.46
CA ARG A 244 49.51 1.39 -4.33
C ARG A 244 49.47 1.01 -2.86
N ILE A 245 48.66 0.01 -2.52
CA ILE A 245 48.47 -0.41 -1.13
C ILE A 245 49.05 -1.81 -0.99
N GLU A 246 50.15 -1.91 -0.26
CA GLU A 246 50.83 -3.18 -0.03
C GLU A 246 50.52 -3.64 1.39
N ILE A 247 49.97 -4.85 1.51
CA ILE A 247 49.57 -5.38 2.81
C ILE A 247 50.35 -6.66 3.07
N PRO A 248 51.54 -6.59 3.67
CA PRO A 248 52.25 -7.81 4.04
C PRO A 248 51.50 -8.54 5.15
N PHE A 249 51.60 -9.86 5.13
CA PHE A 249 50.98 -10.67 6.17
C PHE A 249 51.87 -11.85 6.52
N LYS A 250 51.81 -12.24 7.79
CA LYS A 250 52.46 -13.45 8.30
C LYS A 250 51.45 -14.09 9.25
N PHE A 251 50.62 -14.97 8.71
CA PHE A 251 49.60 -15.63 9.51
C PHE A 251 50.20 -16.85 10.21
N HIS A 252 49.98 -16.95 11.51
CA HIS A 252 50.37 -18.12 12.29
C HIS A 252 49.15 -19.01 12.42
N MET A 253 49.17 -20.13 11.71
CA MET A 253 47.96 -20.93 11.52
C MET A 253 47.49 -21.53 12.84
N LEU A 254 46.22 -21.28 13.17
CA LEU A 254 45.60 -21.85 14.35
C LEU A 254 45.00 -23.23 14.10
N HIS A 255 44.66 -23.54 12.86
CA HIS A 255 44.07 -24.84 12.51
C HIS A 255 44.79 -25.42 11.30
N SER A 256 44.84 -26.74 11.24
CA SER A 256 45.41 -27.45 10.11
C SER A 256 44.35 -27.65 9.04
N GLY A 257 44.73 -27.47 7.80
CA GLY A 257 43.82 -27.68 6.69
C GLY A 257 44.31 -26.98 5.44
N LEU A 258 43.45 -27.00 4.42
CA LEU A 258 43.75 -26.37 3.14
C LEU A 258 43.26 -24.92 3.17
N VAL A 259 44.18 -23.99 2.97
CA VAL A 259 43.83 -22.59 2.83
C VAL A 259 43.42 -22.34 1.38
N HIS A 260 42.20 -21.85 1.17
CA HIS A 260 41.67 -21.62 -0.16
C HIS A 260 41.70 -20.16 -0.57
N GLY A 261 42.00 -19.24 0.33
CA GLY A 261 42.03 -17.83 -0.03
C GLY A 261 42.12 -16.96 1.21
N LEU A 262 41.91 -15.66 0.98
CA LEU A 262 41.94 -14.66 2.04
C LEU A 262 40.59 -13.97 2.15
N ALA A 263 40.15 -13.77 3.39
CA ALA A 263 38.90 -13.09 3.69
C ALA A 263 39.17 -11.64 4.08
N PHE A 264 38.28 -10.74 3.67
CA PHE A 264 38.46 -9.31 3.92
C PHE A 264 37.22 -8.74 4.59
N TRP A 265 37.44 -7.86 5.55
CA TRP A 265 36.40 -7.01 6.11
C TRP A 265 37.07 -5.76 6.64
N PHE A 266 36.27 -4.79 7.06
CA PHE A 266 36.84 -3.53 7.54
C PHE A 266 36.01 -2.95 8.67
N ASP A 267 36.67 -2.14 9.49
CA ASP A 267 36.03 -1.30 10.49
C ASP A 267 36.46 0.15 10.27
N VAL A 268 35.59 1.08 10.65
CA VAL A 268 35.95 2.49 10.74
C VAL A 268 35.62 2.96 12.15
N ALA A 269 36.38 3.95 12.62
CA ALA A 269 36.19 4.52 13.94
C ALA A 269 35.95 6.02 13.81
N PHE A 270 34.94 6.51 14.50
CA PHE A 270 34.66 7.93 14.59
C PHE A 270 35.24 8.41 15.91
N ILE A 271 36.39 9.07 15.85
CA ILE A 271 37.15 9.44 17.04
C ILE A 271 36.73 10.87 17.40
N GLY A 272 35.73 10.97 18.28
CA GLY A 272 35.18 12.25 18.67
C GLY A 272 35.74 12.76 19.99
N SER A 273 35.36 14.00 20.32
CA SER A 273 35.82 14.61 21.57
C SER A 273 35.26 13.90 22.79
N ILE A 274 34.04 13.36 22.68
CA ILE A 274 33.41 12.70 23.82
C ILE A 274 33.73 11.21 23.84
N MET A 275 33.67 10.54 22.71
CA MET A 275 33.87 9.09 22.68
C MET A 275 34.20 8.65 21.26
N THR A 276 34.69 7.42 21.15
CA THR A 276 34.94 6.78 19.87
C THR A 276 33.82 5.78 19.59
N VAL A 277 33.22 5.90 18.41
CA VAL A 277 32.18 4.98 17.95
C VAL A 277 32.74 4.18 16.78
N TRP A 278 32.51 2.88 16.80
CA TRP A 278 33.05 1.97 15.80
C TRP A 278 31.92 1.45 14.90
N LEU A 279 32.19 1.45 13.60
CA LEU A 279 31.32 0.78 12.62
C LEU A 279 32.12 -0.37 12.03
N SER A 280 31.66 -1.59 12.27
CA SER A 280 32.39 -2.79 11.91
C SER A 280 31.58 -3.63 10.93
N THR A 281 32.26 -4.14 9.90
CA THR A 281 31.67 -5.11 8.98
C THR A 281 32.26 -6.50 9.17
N ALA A 282 32.83 -6.77 10.35
CA ALA A 282 33.46 -8.05 10.61
C ALA A 282 32.42 -9.17 10.60
N PRO A 283 32.85 -10.41 10.34
CA PRO A 283 31.90 -11.53 10.36
C PRO A 283 31.45 -11.91 11.76
N THR A 284 32.06 -11.35 12.79
CA THR A 284 31.60 -11.53 14.16
C THR A 284 30.49 -10.55 14.53
N GLU A 285 30.14 -9.63 13.65
CA GLU A 285 29.21 -8.55 13.91
C GLU A 285 27.98 -8.67 13.02
N PRO A 286 26.89 -7.97 13.35
CA PRO A 286 25.70 -7.99 12.50
C PRO A 286 26.05 -7.66 11.04
N LEU A 287 25.40 -8.37 10.13
CA LEU A 287 25.68 -8.22 8.71
C LEU A 287 25.25 -6.85 8.22
N THR A 288 26.05 -6.28 7.32
CA THR A 288 25.77 -5.00 6.69
C THR A 288 25.71 -5.20 5.18
N HIS A 289 25.35 -4.13 4.47
CA HIS A 289 25.28 -4.25 3.01
C HIS A 289 26.65 -4.30 2.36
N TRP A 290 27.73 -4.10 3.14
CA TRP A 290 29.07 -4.36 2.65
C TRP A 290 29.45 -5.83 2.73
N TYR A 291 28.72 -6.63 3.52
CA TYR A 291 29.01 -8.04 3.69
C TYR A 291 30.48 -8.25 4.04
N GLN A 292 31.11 -9.29 3.49
CA GLN A 292 32.54 -9.48 3.54
C GLN A 292 33.00 -9.90 2.16
N VAL A 293 34.32 -9.92 1.95
CA VAL A 293 34.91 -10.22 0.65
C VAL A 293 35.95 -11.31 0.81
N ARG A 294 35.90 -12.31 -0.07
CA ARG A 294 36.87 -13.40 -0.09
C ARG A 294 37.50 -13.51 -1.46
N CYS A 295 38.82 -13.69 -1.47
CA CYS A 295 39.60 -13.85 -2.69
C CYS A 295 40.25 -15.22 -2.67
N LEU A 296 39.91 -16.05 -3.64
CA LEU A 296 40.47 -17.40 -3.70
C LEU A 296 41.92 -17.39 -4.15
N PHE A 297 42.67 -18.38 -3.68
CA PHE A 297 43.92 -18.77 -4.29
C PHE A 297 43.64 -19.69 -5.47
N GLN A 298 44.49 -19.61 -6.49
CA GLN A 298 44.32 -20.50 -7.64
C GLN A 298 44.51 -21.95 -7.25
N SER A 299 45.40 -22.21 -6.30
CA SER A 299 45.61 -23.55 -5.76
C SER A 299 45.59 -23.46 -4.24
N PRO A 300 44.92 -24.35 -3.55
CA PRO A 300 44.94 -24.31 -2.08
C PRO A 300 46.33 -24.62 -1.55
N LEU A 301 46.58 -24.14 -0.33
CA LEU A 301 47.84 -24.36 0.36
C LEU A 301 47.55 -25.15 1.62
N PHE A 302 48.20 -26.31 1.76
CA PHE A 302 48.08 -27.08 2.99
C PHE A 302 48.98 -26.47 4.06
N ALA A 303 48.41 -26.25 5.24
CA ALA A 303 49.16 -25.71 6.36
C ALA A 303 48.73 -26.42 7.63
N LYS A 304 49.69 -26.72 8.49
CA LYS A 304 49.42 -27.33 9.79
C LYS A 304 49.33 -26.22 10.84
N ALA A 305 48.60 -26.51 11.91
CA ALA A 305 48.56 -25.60 13.05
C ALA A 305 49.98 -25.35 13.54
N GLY A 306 50.36 -24.08 13.60
CA GLY A 306 51.71 -23.69 13.95
C GLY A 306 52.56 -23.24 12.78
N ASP A 307 52.22 -23.67 11.56
CA ASP A 307 52.90 -23.19 10.37
C ASP A 307 52.60 -21.70 10.16
N THR A 308 53.46 -21.05 9.39
CA THR A 308 53.30 -19.64 9.05
C THR A 308 52.97 -19.51 7.57
N LEU A 309 51.92 -18.75 7.25
CA LEU A 309 51.55 -18.42 5.89
C LEU A 309 51.89 -16.96 5.67
N SER A 310 52.92 -16.70 4.88
CA SER A 310 53.41 -15.35 4.65
C SER A 310 53.23 -14.98 3.18
N GLY A 311 53.23 -13.67 2.92
CA GLY A 311 53.02 -13.16 1.58
C GLY A 311 52.58 -11.71 1.64
N THR A 312 51.98 -11.26 0.54
CA THR A 312 51.53 -9.89 0.43
C THR A 312 50.25 -9.83 -0.37
N CYS A 313 49.37 -8.90 0.00
CA CYS A 313 48.23 -8.49 -0.80
C CYS A 313 48.52 -7.10 -1.33
N LEU A 314 48.58 -6.96 -2.65
CA LEU A 314 48.93 -5.71 -3.30
C LEU A 314 47.72 -5.20 -4.07
N LEU A 315 47.19 -4.04 -3.65
CA LEU A 315 46.06 -3.40 -4.31
C LEU A 315 46.59 -2.27 -5.18
N ILE A 316 46.33 -2.33 -6.48
CA ILE A 316 46.76 -1.30 -7.42
C ILE A 316 45.51 -0.61 -7.96
N ALA A 317 45.38 0.67 -7.67
CA ALA A 317 44.25 1.44 -8.16
C ALA A 317 44.22 1.44 -9.69
N ASN A 318 43.01 1.38 -10.25
CA ASN A 318 42.81 1.50 -11.68
C ASN A 318 41.82 2.62 -11.96
N LYS A 319 41.67 2.96 -13.24
CA LYS A 319 40.82 4.07 -13.63
C LYS A 319 39.35 3.71 -13.69
N ARG A 320 38.98 2.48 -13.32
CA ARG A 320 37.58 2.08 -13.21
C ARG A 320 37.08 2.21 -11.78
N GLN A 321 37.66 3.13 -11.01
CA GLN A 321 37.22 3.41 -9.64
C GLN A 321 37.27 2.16 -8.77
N SER A 322 38.30 1.36 -8.95
CA SER A 322 38.47 0.17 -8.13
C SER A 322 39.95 -0.21 -8.12
N TYR A 323 40.24 -1.48 -7.85
CA TYR A 323 41.62 -1.93 -7.71
C TYR A 323 41.79 -3.27 -8.39
N ASP A 324 42.98 -3.48 -8.93
CA ASP A 324 43.44 -4.82 -9.29
C ASP A 324 44.12 -5.41 -8.07
N ILE A 325 43.77 -6.65 -7.73
CA ILE A 325 44.24 -7.30 -6.51
C ILE A 325 45.24 -8.37 -6.90
N SER A 326 46.45 -8.28 -6.34
CA SER A 326 47.47 -9.31 -6.49
C SER A 326 47.75 -9.89 -5.12
N ILE A 327 47.52 -11.19 -4.97
CA ILE A 327 47.80 -11.91 -3.74
C ILE A 327 48.77 -13.04 -4.05
N VAL A 328 49.84 -13.12 -3.27
CA VAL A 328 50.75 -14.26 -3.30
C VAL A 328 51.00 -14.69 -1.86
N ALA A 329 51.05 -16.00 -1.65
CA ALA A 329 51.23 -16.55 -0.31
C ALA A 329 52.01 -17.84 -0.41
N GLN A 330 52.76 -18.15 0.65
CA GLN A 330 53.50 -19.40 0.72
C GLN A 330 53.49 -19.90 2.16
N VAL A 331 53.48 -21.22 2.30
CA VAL A 331 53.67 -21.86 3.60
C VAL A 331 55.18 -21.97 3.83
N ASP A 332 55.68 -21.24 4.83
CA ASP A 332 57.12 -21.13 5.02
C ASP A 332 57.76 -22.48 5.29
N GLN A 333 57.08 -23.35 6.04
CA GLN A 333 57.66 -24.63 6.42
C GLN A 333 57.78 -25.61 5.27
N THR A 334 57.13 -25.35 4.13
CA THR A 334 57.14 -26.29 3.01
C THR A 334 57.48 -25.65 1.68
N GLY A 335 57.43 -24.33 1.55
CA GLY A 335 57.66 -23.68 0.28
C GLY A 335 56.48 -23.71 -0.67
N SER A 336 55.41 -24.42 -0.33
CA SER A 336 54.22 -24.43 -1.17
C SER A 336 53.70 -23.02 -1.36
N LYS A 337 53.45 -22.64 -2.61
CA LYS A 337 53.15 -21.27 -2.95
C LYS A 337 51.92 -21.21 -3.85
N SER A 338 51.13 -20.15 -3.68
CA SER A 338 50.00 -19.88 -4.55
C SER A 338 49.85 -18.38 -4.72
N SER A 339 49.03 -18.00 -5.70
CA SER A 339 48.82 -16.60 -6.02
C SER A 339 47.46 -16.46 -6.69
N ASN A 340 47.07 -15.22 -6.97
CA ASN A 340 45.89 -14.95 -7.77
C ASN A 340 45.84 -13.48 -8.09
N LEU A 341 45.18 -13.16 -9.22
CA LEU A 341 44.92 -11.79 -9.63
C LEU A 341 43.41 -11.61 -9.76
N LEU A 342 42.88 -10.57 -9.12
CA LEU A 342 41.44 -10.37 -9.06
C LEU A 342 41.07 -8.95 -9.46
N ASP A 343 39.88 -8.83 -10.04
CA ASP A 343 39.33 -7.54 -10.48
C ASP A 343 38.23 -7.16 -9.49
N LEU A 344 38.56 -6.25 -8.57
CA LEU A 344 37.61 -5.88 -7.52
C LEU A 344 36.36 -5.22 -8.08
N LYS A 345 36.42 -4.67 -9.29
CA LYS A 345 35.28 -3.96 -9.87
C LYS A 345 34.14 -4.90 -10.24
N ASN A 346 34.41 -6.20 -10.44
CA ASN A 346 33.41 -7.15 -10.92
C ASN A 346 33.38 -8.36 -10.00
N PRO A 347 32.84 -8.20 -8.79
CA PRO A 347 32.74 -9.33 -7.86
C PRO A 347 31.58 -10.25 -8.22
N PHE A 348 31.60 -11.41 -7.59
CA PHE A 348 30.48 -12.35 -7.65
C PHE A 348 29.71 -12.25 -6.34
N PHE A 349 28.45 -11.84 -6.43
CA PHE A 349 27.58 -11.77 -5.25
C PHE A 349 27.00 -13.15 -5.01
N ARG A 350 27.46 -13.81 -3.94
CA ARG A 350 27.09 -15.19 -3.66
C ARG A 350 26.13 -15.33 -2.49
N TYR A 351 25.84 -14.26 -1.76
CA TYR A 351 24.93 -14.33 -0.63
C TYR A 351 23.52 -14.65 -1.11
N THR A 352 22.86 -15.56 -0.39
CA THR A 352 21.51 -15.98 -0.72
C THR A 352 20.50 -15.49 0.32
N ARG B 9 31.67 8.69 -36.80
CA ARG B 9 31.29 8.65 -38.20
C ARG B 9 30.51 7.37 -38.51
N SER B 10 30.78 6.32 -37.76
CA SER B 10 30.05 5.07 -37.92
C SER B 10 28.61 5.24 -37.44
N VAL B 11 27.70 4.50 -38.08
CA VAL B 11 26.30 4.56 -37.69
C VAL B 11 26.12 4.21 -36.22
N PHE B 12 26.91 3.26 -35.72
CA PHE B 12 26.77 2.82 -34.33
C PHE B 12 27.09 3.96 -33.38
N SER B 13 28.27 4.57 -33.51
CA SER B 13 28.70 5.59 -32.56
C SER B 13 27.82 6.83 -32.65
N GLU B 14 27.25 7.11 -33.83
CA GLU B 14 26.37 8.27 -33.96
C GLU B 14 25.14 8.13 -33.08
N ARG B 15 24.64 6.91 -32.89
CA ARG B 15 23.42 6.68 -32.14
C ARG B 15 23.68 6.15 -30.73
N THR B 16 24.94 5.97 -30.34
CA THR B 16 25.26 5.32 -29.07
C THR B 16 26.21 6.19 -28.25
N GLU B 17 25.89 6.36 -26.98
CA GLU B 17 26.77 7.05 -26.05
C GLU B 17 27.95 6.14 -25.71
N GLU B 18 29.17 6.70 -25.81
CA GLU B 18 30.38 5.96 -25.52
C GLU B 18 30.25 5.12 -24.24
N SER B 19 29.87 5.77 -23.14
CA SER B 19 29.81 5.08 -21.86
C SER B 19 28.85 3.90 -21.89
N SER B 20 27.78 3.99 -22.68
CA SER B 20 26.84 2.88 -22.76
C SER B 20 27.45 1.71 -23.52
N ALA B 21 28.16 1.99 -24.61
CA ALA B 21 28.74 0.92 -25.42
C ALA B 21 29.85 0.20 -24.67
N VAL B 22 30.67 0.93 -23.91
CA VAL B 22 31.75 0.31 -23.15
C VAL B 22 31.18 -0.68 -22.15
N GLN B 23 30.18 -0.27 -21.38
CA GLN B 23 29.52 -1.18 -20.46
C GLN B 23 28.83 -2.31 -21.21
N TYR B 24 28.20 -2.01 -22.34
CA TYR B 24 27.44 -3.00 -23.08
C TYR B 24 28.33 -4.16 -23.52
N PHE B 25 29.47 -3.86 -24.13
CA PHE B 25 30.32 -4.92 -24.65
C PHE B 25 31.18 -5.56 -23.57
N GLN B 26 31.43 -4.87 -22.46
CA GLN B 26 32.04 -5.53 -21.30
C GLN B 26 31.19 -6.68 -20.82
N PHE B 27 29.88 -6.43 -20.66
CA PHE B 27 28.97 -7.48 -20.22
C PHE B 27 29.10 -8.73 -21.09
N TYR B 28 29.25 -8.54 -22.40
CA TYR B 28 29.31 -9.66 -23.33
C TYR B 28 30.70 -10.24 -23.51
N GLY B 29 31.72 -9.66 -22.86
CA GLY B 29 33.04 -10.23 -22.88
C GLY B 29 33.27 -11.36 -21.91
N TYR B 30 32.28 -11.67 -21.08
CA TYR B 30 32.44 -12.68 -20.04
C TYR B 30 31.93 -14.04 -20.54
N LEU B 31 32.77 -15.06 -20.36
CA LEU B 31 32.36 -16.42 -20.71
C LEU B 31 31.18 -16.88 -19.85
N SER B 32 31.08 -16.38 -18.62
CA SER B 32 29.94 -16.73 -17.79
C SER B 32 28.63 -16.30 -18.42
N GLN B 33 28.64 -15.18 -19.16
CA GLN B 33 27.43 -14.70 -19.81
C GLN B 33 27.11 -15.53 -21.06
N GLN B 34 28.14 -15.92 -21.82
CA GLN B 34 27.91 -16.84 -22.93
C GLN B 34 27.30 -18.14 -22.43
N GLN B 35 27.89 -18.71 -21.38
CA GLN B 35 27.34 -19.93 -20.79
C GLN B 35 25.88 -19.73 -20.41
N ASN B 36 25.55 -18.59 -19.82
CA ASN B 36 24.17 -18.33 -19.40
C ASN B 36 23.21 -18.41 -20.58
N MET B 37 23.52 -17.69 -21.66
CA MET B 37 22.66 -17.73 -22.85
C MET B 37 22.68 -19.12 -23.50
N MET B 38 23.85 -19.76 -23.53
CA MET B 38 23.97 -21.03 -24.22
C MET B 38 23.19 -22.13 -23.50
N GLN B 39 23.15 -22.10 -22.17
CA GLN B 39 22.44 -23.12 -21.42
C GLN B 39 20.93 -22.96 -21.48
N ASP B 40 20.43 -21.85 -22.02
CA ASP B 40 19.02 -21.70 -22.35
C ASP B 40 18.71 -22.66 -23.50
N TYR B 41 18.20 -23.85 -23.18
CA TYR B 41 18.08 -24.88 -24.21
C TYR B 41 16.99 -24.57 -25.22
N VAL B 42 15.93 -23.87 -24.79
CA VAL B 42 14.90 -23.44 -25.73
C VAL B 42 15.52 -22.52 -26.79
N ARG B 43 16.30 -21.55 -26.35
CA ARG B 43 16.95 -20.62 -27.27
C ARG B 43 17.92 -21.35 -28.19
N THR B 44 18.88 -22.07 -27.60
CA THR B 44 19.93 -22.70 -28.39
C THR B 44 19.38 -23.83 -29.25
N GLY B 45 18.50 -24.66 -28.68
CA GLY B 45 17.93 -25.76 -29.43
C GLY B 45 17.03 -25.31 -30.57
N THR B 46 16.31 -24.20 -30.37
CA THR B 46 15.42 -23.70 -31.42
C THR B 46 16.23 -23.11 -32.57
N TYR B 47 17.30 -22.38 -32.25
CA TYR B 47 18.16 -21.86 -33.31
C TYR B 47 18.76 -22.98 -34.14
N GLN B 48 19.30 -24.01 -33.47
CA GLN B 48 19.87 -25.13 -34.22
C GLN B 48 18.82 -25.82 -35.07
N ARG B 49 17.60 -25.95 -34.53
CA ARG B 49 16.51 -26.57 -35.28
C ARG B 49 16.19 -25.75 -36.53
N ALA B 50 16.08 -24.43 -36.38
CA ALA B 50 15.71 -23.59 -37.51
C ALA B 50 16.76 -23.65 -38.60
N ILE B 51 18.03 -23.78 -38.23
CA ILE B 51 19.11 -23.79 -39.20
C ILE B 51 19.25 -25.16 -39.85
N LEU B 52 19.32 -26.22 -39.03
CA LEU B 52 19.54 -27.55 -39.59
C LEU B 52 18.32 -28.05 -40.37
N GLN B 53 17.11 -27.73 -39.89
CA GLN B 53 15.92 -28.12 -40.63
C GLN B 53 15.80 -27.39 -41.95
N ASN B 54 16.42 -26.22 -42.09
CA ASN B 54 16.49 -25.48 -43.35
C ASN B 54 17.90 -25.52 -43.92
N HIS B 55 18.52 -26.71 -43.91
CA HIS B 55 19.91 -26.83 -44.33
C HIS B 55 20.13 -26.34 -45.75
N THR B 56 19.15 -26.53 -46.63
CA THR B 56 19.31 -26.10 -48.02
C THR B 56 19.48 -24.58 -48.13
N ASP B 57 18.99 -23.82 -47.16
CA ASP B 57 19.23 -22.38 -47.14
C ASP B 57 20.67 -22.04 -46.81
N PHE B 58 21.46 -23.00 -46.34
CA PHE B 58 22.85 -22.77 -45.97
C PHE B 58 23.85 -23.57 -46.80
N LYS B 59 23.45 -24.69 -47.38
CA LYS B 59 24.36 -25.53 -48.13
C LYS B 59 25.05 -24.73 -49.23
N ASP B 60 26.38 -24.64 -49.16
CA ASP B 60 27.20 -23.98 -50.17
C ASP B 60 26.92 -22.48 -50.28
N LYS B 61 26.33 -21.90 -49.25
CA LYS B 61 26.01 -20.47 -49.25
C LYS B 61 27.03 -19.71 -48.42
N ILE B 62 27.03 -18.38 -48.60
CA ILE B 62 27.87 -17.48 -47.82
C ILE B 62 27.01 -16.86 -46.73
N VAL B 63 27.49 -16.91 -45.49
CA VAL B 63 26.69 -16.55 -44.31
C VAL B 63 27.39 -15.43 -43.55
N LEU B 64 26.57 -14.53 -42.99
CA LEU B 64 27.04 -13.52 -42.04
C LEU B 64 26.34 -13.75 -40.72
N ASP B 65 27.12 -13.90 -39.65
CA ASP B 65 26.60 -14.04 -38.29
C ASP B 65 26.88 -12.74 -37.55
N VAL B 66 25.83 -11.99 -37.24
CA VAL B 66 25.95 -10.69 -36.60
C VAL B 66 25.91 -10.88 -35.09
N GLY B 67 26.99 -10.51 -34.40
CA GLY B 67 27.07 -10.68 -32.96
C GLY B 67 27.16 -12.14 -32.58
N CYS B 68 28.19 -12.82 -33.09
CA CYS B 68 28.28 -14.27 -32.97
C CYS B 68 28.62 -14.73 -31.55
N GLY B 69 29.10 -13.83 -30.70
CA GLY B 69 29.52 -14.25 -29.37
C GLY B 69 30.61 -15.30 -29.45
N SER B 70 30.37 -16.46 -28.83
CA SER B 70 31.32 -17.55 -28.88
C SER B 70 31.28 -18.32 -30.21
N GLY B 71 30.32 -18.03 -31.08
CA GLY B 71 30.29 -18.60 -32.41
C GLY B 71 29.29 -19.72 -32.62
N ILE B 72 28.41 -19.99 -31.65
CA ILE B 72 27.54 -21.17 -31.73
C ILE B 72 26.73 -21.17 -33.01
N LEU B 73 26.11 -20.04 -33.35
CA LEU B 73 25.30 -19.98 -34.56
C LEU B 73 26.16 -20.20 -35.81
N SER B 74 27.41 -19.73 -35.79
CA SER B 74 28.30 -20.00 -36.91
C SER B 74 28.57 -21.49 -37.04
N PHE B 75 28.71 -22.19 -35.92
CA PHE B 75 28.92 -23.63 -35.96
C PHE B 75 27.68 -24.36 -36.49
N PHE B 76 26.48 -23.86 -36.14
CA PHE B 76 25.26 -24.46 -36.68
C PHE B 76 25.21 -24.29 -38.19
N ALA B 77 25.53 -23.10 -38.68
CA ALA B 77 25.57 -22.86 -40.12
C ALA B 77 26.60 -23.77 -40.79
N ALA B 78 27.71 -24.06 -40.12
CA ALA B 78 28.70 -24.96 -40.69
C ALA B 78 28.17 -26.39 -40.74
N GLN B 79 27.45 -26.81 -39.70
CA GLN B 79 26.85 -28.13 -39.72
C GLN B 79 25.88 -28.27 -40.89
N ALA B 80 25.14 -27.20 -41.19
CA ALA B 80 24.20 -27.21 -42.30
C ALA B 80 24.89 -27.13 -43.65
N GLY B 81 26.21 -26.97 -43.69
CA GLY B 81 26.95 -27.05 -44.93
C GLY B 81 27.36 -25.73 -45.56
N ALA B 82 27.33 -24.63 -44.82
CA ALA B 82 27.71 -23.34 -45.38
C ALA B 82 29.14 -23.40 -45.93
N ARG B 83 29.35 -22.70 -47.04
CA ARG B 83 30.67 -22.68 -47.66
C ARG B 83 31.62 -21.73 -46.92
N LYS B 84 31.12 -20.57 -46.50
CA LYS B 84 31.94 -19.60 -45.79
C LYS B 84 31.04 -18.81 -44.86
N ILE B 85 31.49 -18.64 -43.61
CA ILE B 85 30.72 -17.95 -42.58
C ILE B 85 31.60 -16.83 -42.02
N TYR B 86 31.15 -15.59 -42.15
CA TYR B 86 31.79 -14.45 -41.53
C TYR B 86 31.08 -14.15 -40.22
N ALA B 87 31.81 -14.25 -39.11
CA ALA B 87 31.25 -14.15 -37.77
C ALA B 87 31.74 -12.86 -37.14
N VAL B 88 30.87 -11.86 -37.04
CA VAL B 88 31.21 -10.54 -36.55
C VAL B 88 30.83 -10.43 -35.08
N GLU B 89 31.79 -10.02 -34.25
CA GLU B 89 31.56 -9.83 -32.83
C GLU B 89 32.40 -8.66 -32.35
N ALA B 90 31.76 -7.73 -31.64
CA ALA B 90 32.43 -6.51 -31.21
C ALA B 90 33.03 -6.60 -29.81
N SER B 91 32.63 -7.59 -29.02
CA SER B 91 33.18 -7.76 -27.68
C SER B 91 34.47 -8.57 -27.75
N THR B 92 35.15 -8.64 -26.60
CA THR B 92 36.36 -9.47 -26.51
C THR B 92 36.05 -10.95 -26.66
N MET B 93 34.77 -11.34 -26.68
CA MET B 93 34.42 -12.73 -26.93
C MET B 93 34.87 -13.19 -28.31
N ALA B 94 35.12 -12.26 -29.23
CA ALA B 94 35.58 -12.63 -30.56
C ALA B 94 36.85 -13.49 -30.49
N GLN B 95 37.75 -13.17 -29.56
CA GLN B 95 38.99 -13.93 -29.45
C GLN B 95 38.71 -15.37 -29.00
N HIS B 96 37.69 -15.57 -28.16
CA HIS B 96 37.35 -16.93 -27.73
C HIS B 96 36.69 -17.71 -28.87
N ALA B 97 35.87 -17.04 -29.69
CA ALA B 97 35.30 -17.68 -30.85
C ALA B 97 36.39 -18.17 -31.80
N GLU B 98 37.42 -17.34 -32.01
CA GLU B 98 38.55 -17.77 -32.84
C GLU B 98 39.15 -19.07 -32.32
N VAL B 99 39.32 -19.18 -30.99
CA VAL B 99 39.89 -20.39 -30.41
C VAL B 99 39.01 -21.60 -30.73
N LEU B 100 37.69 -21.45 -30.56
CA LEU B 100 36.79 -22.58 -30.81
C LEU B 100 36.80 -22.98 -32.28
N VAL B 101 36.93 -22.02 -33.18
CA VAL B 101 36.99 -22.34 -34.60
C VAL B 101 38.21 -23.21 -34.89
N LYS B 102 39.35 -22.89 -34.28
CA LYS B 102 40.56 -23.66 -34.53
C LYS B 102 40.48 -25.04 -33.87
N SER B 103 39.99 -25.12 -32.63
CA SER B 103 39.91 -26.40 -31.96
C SER B 103 38.88 -27.33 -32.58
N ASN B 104 37.92 -26.78 -33.33
CA ASN B 104 36.93 -27.59 -34.04
C ASN B 104 37.29 -27.80 -35.50
N ASN B 105 38.49 -27.41 -35.91
CA ASN B 105 38.98 -27.68 -37.27
C ASN B 105 38.04 -27.09 -38.33
N LEU B 106 37.58 -25.86 -38.08
CA LEU B 106 36.68 -25.17 -39.01
C LEU B 106 37.29 -23.85 -39.48
N THR B 107 38.63 -23.77 -39.47
CA THR B 107 39.32 -22.58 -39.95
C THR B 107 39.10 -22.33 -41.43
N ASP B 108 38.75 -23.36 -42.19
CA ASP B 108 38.51 -23.21 -43.62
C ASP B 108 37.11 -22.71 -43.94
N ARG B 109 36.26 -22.50 -42.93
CA ARG B 109 34.87 -22.14 -43.18
C ARG B 109 34.33 -21.02 -42.29
N ILE B 110 34.80 -20.87 -41.06
CA ILE B 110 34.35 -19.81 -40.16
C ILE B 110 35.47 -18.80 -40.01
N VAL B 111 35.22 -17.57 -40.46
CA VAL B 111 36.18 -16.47 -40.37
C VAL B 111 35.63 -15.47 -39.38
N VAL B 112 36.25 -15.38 -38.20
CA VAL B 112 35.85 -14.40 -37.21
C VAL B 112 36.41 -13.04 -37.62
N ILE B 113 35.54 -12.04 -37.65
CA ILE B 113 35.92 -10.67 -37.99
C ILE B 113 35.51 -9.77 -36.81
N PRO B 114 36.45 -9.46 -35.90
CA PRO B 114 36.07 -8.69 -34.72
C PRO B 114 35.81 -7.24 -35.04
N GLY B 115 34.86 -6.66 -34.30
CA GLY B 115 34.44 -5.30 -34.50
C GLY B 115 32.94 -5.20 -34.58
N LYS B 116 32.46 -3.96 -34.72
CA LYS B 116 31.04 -3.71 -34.88
C LYS B 116 30.64 -3.89 -36.33
N VAL B 117 29.48 -4.51 -36.56
CA VAL B 117 29.04 -4.80 -37.92
C VAL B 117 28.88 -3.52 -38.72
N GLU B 118 28.69 -2.38 -38.06
CA GLU B 118 28.63 -1.10 -38.73
C GLU B 118 29.99 -0.58 -39.16
N GLU B 119 31.08 -1.18 -38.66
CA GLU B 119 32.42 -0.67 -38.85
C GLU B 119 33.38 -1.63 -39.54
N VAL B 120 33.14 -2.95 -39.42
CA VAL B 120 34.03 -3.89 -40.07
C VAL B 120 33.89 -3.79 -41.59
N SER B 121 34.87 -4.34 -42.29
CA SER B 121 34.84 -4.46 -43.74
C SER B 121 34.62 -5.92 -44.08
N LEU B 122 33.48 -6.24 -44.63
CA LEU B 122 33.21 -7.63 -44.97
C LEU B 122 33.75 -7.93 -46.37
N PRO B 123 34.42 -9.06 -46.58
CA PRO B 123 35.08 -9.30 -47.87
C PRO B 123 34.13 -9.59 -49.02
N GLU B 124 32.84 -9.77 -48.77
CA GLU B 124 32.00 -10.42 -49.77
C GLU B 124 30.54 -10.30 -49.35
N GLN B 125 29.66 -10.19 -50.35
CA GLN B 125 28.22 -10.20 -50.10
C GLN B 125 27.76 -11.61 -49.74
N VAL B 126 26.72 -11.69 -48.92
CA VAL B 126 26.30 -12.95 -48.33
C VAL B 126 24.90 -13.32 -48.82
N ASP B 127 24.59 -14.60 -48.68
CA ASP B 127 23.29 -15.14 -49.07
C ASP B 127 22.28 -15.09 -47.94
N ILE B 128 22.74 -15.10 -46.69
CA ILE B 128 21.83 -15.15 -45.55
C ILE B 128 22.57 -14.58 -44.34
N ILE B 129 21.83 -13.83 -43.53
CA ILE B 129 22.33 -13.29 -42.27
C ILE B 129 21.64 -14.00 -41.13
N ILE B 130 22.43 -14.46 -40.16
CA ILE B 130 21.92 -15.08 -38.95
C ILE B 130 22.36 -14.23 -37.77
N SER B 131 21.53 -14.20 -36.73
CA SER B 131 21.84 -13.36 -35.58
C SER B 131 20.85 -13.68 -34.47
N GLU B 132 21.19 -13.21 -33.26
CA GLU B 132 20.29 -13.19 -32.12
C GLU B 132 20.21 -11.75 -31.63
N PRO B 133 19.52 -10.88 -32.37
CA PRO B 133 19.49 -9.46 -32.02
C PRO B 133 18.44 -9.09 -30.99
N MET B 134 17.72 -10.07 -30.44
CA MET B 134 16.61 -9.79 -29.53
C MET B 134 17.12 -9.58 -28.11
N GLY B 135 16.81 -8.43 -27.53
CA GLY B 135 16.84 -7.97 -26.16
C GLY B 135 15.55 -8.34 -25.46
N TYR B 136 15.53 -8.14 -24.15
CA TYR B 136 14.26 -8.33 -23.44
C TYR B 136 13.25 -7.30 -23.92
N MET B 137 11.99 -7.72 -24.02
CA MET B 137 10.95 -6.96 -24.69
C MET B 137 11.28 -6.78 -26.18
N LEU B 138 12.18 -7.60 -26.71
CA LEU B 138 12.61 -7.59 -28.10
C LEU B 138 13.51 -6.40 -28.43
N PHE B 139 13.06 -5.19 -28.11
CA PHE B 139 13.69 -3.99 -28.64
C PHE B 139 14.89 -3.51 -27.83
N ASN B 140 15.04 -3.92 -26.58
CA ASN B 140 16.18 -3.47 -25.79
C ASN B 140 17.48 -3.89 -26.47
N GLU B 141 18.51 -3.06 -26.30
CA GLU B 141 19.84 -3.24 -26.86
C GLU B 141 19.97 -2.53 -28.21
N ARG B 142 18.85 -2.27 -28.87
CA ARG B 142 18.84 -1.66 -30.20
C ARG B 142 19.72 -2.46 -31.18
N MET B 143 19.86 -3.75 -30.94
CA MET B 143 20.65 -4.59 -31.83
C MET B 143 19.89 -4.93 -33.11
N LEU B 144 18.56 -4.86 -33.09
CA LEU B 144 17.79 -5.04 -34.32
C LEU B 144 18.26 -4.08 -35.40
N GLU B 145 18.65 -2.86 -35.00
CA GLU B 145 19.12 -1.88 -35.97
C GLU B 145 20.47 -2.30 -36.56
N SER B 146 21.34 -2.88 -35.75
CA SER B 146 22.58 -3.45 -36.29
C SER B 146 22.27 -4.61 -37.22
N TYR B 147 21.29 -5.43 -36.87
CA TYR B 147 20.88 -6.54 -37.71
C TYR B 147 20.37 -6.05 -39.06
N LEU B 148 19.54 -5.00 -39.05
CA LEU B 148 19.07 -4.43 -40.31
C LEU B 148 20.19 -3.73 -41.06
N HIS B 149 21.08 -3.04 -40.33
CA HIS B 149 22.20 -2.37 -40.96
C HIS B 149 23.04 -3.34 -41.78
N ALA B 150 23.21 -4.56 -41.27
CA ALA B 150 24.04 -5.55 -41.93
C ALA B 150 23.49 -5.98 -43.28
N LYS B 151 22.26 -5.61 -43.62
CA LYS B 151 21.71 -5.97 -44.92
C LYS B 151 22.44 -5.29 -46.07
N LYS B 152 23.28 -4.28 -45.80
CA LYS B 152 24.14 -3.74 -46.83
C LYS B 152 25.05 -4.81 -47.42
N TYR B 153 25.30 -5.90 -46.67
CA TYR B 153 26.08 -7.02 -47.16
C TYR B 153 25.23 -8.15 -47.71
N LEU B 154 23.90 -7.99 -47.76
CA LEU B 154 23.01 -9.06 -48.15
C LEU B 154 22.69 -8.97 -49.65
N LYS B 155 22.79 -10.12 -50.33
CA LYS B 155 22.41 -10.19 -51.73
C LYS B 155 20.91 -9.87 -51.88
N PRO B 156 20.48 -9.47 -53.08
CA PRO B 156 19.05 -9.22 -53.28
C PRO B 156 18.18 -10.44 -53.08
N SER B 157 18.68 -11.63 -53.40
CA SER B 157 17.96 -12.87 -53.15
C SER B 157 18.09 -13.36 -51.73
N GLY B 158 18.79 -12.63 -50.87
CA GLY B 158 19.17 -13.14 -49.57
C GLY B 158 18.00 -13.33 -48.62
N ASN B 159 18.30 -13.94 -47.49
CA ASN B 159 17.32 -14.23 -46.45
C ASN B 159 17.87 -13.77 -45.11
N MET B 160 16.98 -13.71 -44.11
CA MET B 160 17.33 -13.28 -42.77
C MET B 160 16.82 -14.32 -41.77
N PHE B 161 17.66 -14.66 -40.79
CA PHE B 161 17.35 -15.65 -39.77
C PHE B 161 17.68 -15.04 -38.40
N PRO B 162 16.68 -14.55 -37.65
CA PRO B 162 15.22 -14.60 -37.86
C PRO B 162 14.74 -13.69 -38.98
N THR B 163 13.57 -14.02 -39.54
CA THR B 163 13.01 -13.25 -40.65
C THR B 163 12.02 -12.19 -40.21
N ILE B 164 11.22 -12.47 -39.16
CA ILE B 164 10.26 -11.51 -38.65
C ILE B 164 10.26 -11.57 -37.13
N GLY B 165 9.76 -10.50 -36.53
CA GLY B 165 9.55 -10.44 -35.10
C GLY B 165 8.17 -9.95 -34.74
N ASP B 166 7.50 -10.65 -33.82
CA ASP B 166 6.19 -10.25 -33.33
C ASP B 166 6.31 -9.90 -31.85
N VAL B 167 5.98 -8.67 -31.51
CA VAL B 167 5.87 -8.26 -30.11
C VAL B 167 4.39 -8.27 -29.73
N HIS B 168 4.07 -8.88 -28.60
CA HIS B 168 2.70 -9.01 -28.13
C HIS B 168 2.50 -8.15 -26.89
N LEU B 169 1.33 -7.50 -26.81
CA LEU B 169 0.93 -6.70 -25.67
C LEU B 169 -0.41 -7.21 -25.16
N ALA B 170 -0.56 -7.25 -23.83
CA ALA B 170 -1.85 -7.62 -23.25
C ALA B 170 -1.98 -7.02 -21.87
N PRO B 171 -3.15 -6.55 -21.47
CA PRO B 171 -3.33 -6.03 -20.11
C PRO B 171 -3.40 -7.15 -19.09
N PHE B 172 -2.84 -6.88 -17.90
CA PHE B 172 -2.79 -7.88 -16.84
C PHE B 172 -3.29 -7.27 -15.54
N THR B 173 -3.65 -8.15 -14.61
CA THR B 173 -3.95 -7.77 -13.24
C THR B 173 -3.02 -8.57 -12.32
N ASP B 174 -2.30 -7.86 -11.45
CA ASP B 174 -1.41 -8.51 -10.49
C ASP B 174 -1.27 -7.55 -9.30
N GLU B 175 -2.20 -7.67 -8.35
CA GLU B 175 -2.19 -6.80 -7.19
C GLU B 175 -0.91 -6.98 -6.38
N GLN B 176 -0.41 -8.20 -6.28
CA GLN B 176 0.82 -8.45 -5.53
C GLN B 176 1.98 -7.65 -6.11
N LEU B 177 2.21 -7.77 -7.42
CA LEU B 177 3.31 -7.04 -8.04
C LEU B 177 3.14 -5.53 -7.84
N TYR B 178 1.91 -5.03 -7.99
CA TYR B 178 1.67 -3.60 -7.84
C TYR B 178 2.01 -3.16 -6.42
N MET B 179 1.52 -3.88 -5.42
CA MET B 179 1.80 -3.52 -4.02
C MET B 179 3.27 -3.67 -3.70
N GLU B 180 3.92 -4.70 -4.22
CA GLU B 180 5.35 -4.89 -4.00
C GLU B 180 6.12 -3.63 -4.38
N GLN B 181 5.88 -3.12 -5.59
CA GLN B 181 6.59 -1.92 -6.04
C GLN B 181 6.18 -0.69 -5.24
N PHE B 182 4.87 -0.50 -5.04
CA PHE B 182 4.42 0.69 -4.34
C PHE B 182 4.87 0.70 -2.89
N THR B 183 5.02 -0.49 -2.28
CA THR B 183 5.54 -0.55 -0.92
C THR B 183 6.97 -0.03 -0.86
N LYS B 184 7.80 -0.40 -1.84
CA LYS B 184 9.18 0.08 -1.87
C LYS B 184 9.23 1.60 -1.97
N ALA B 185 8.43 2.18 -2.87
CA ALA B 185 8.42 3.62 -3.04
C ALA B 185 7.92 4.32 -1.79
N ASN B 186 7.00 3.70 -1.05
CA ASN B 186 6.43 4.33 0.13
C ASN B 186 7.44 4.52 1.26
N PHE B 187 8.62 3.90 1.17
CA PHE B 187 9.70 4.26 2.07
C PHE B 187 9.87 5.76 2.14
N TRP B 188 9.74 6.44 0.99
CA TRP B 188 9.91 7.88 0.89
C TRP B 188 8.65 8.65 1.27
N TYR B 189 7.72 7.98 1.95
CA TYR B 189 6.56 8.64 2.56
C TYR B 189 6.78 8.91 4.04
N GLN B 190 7.85 8.37 4.62
CA GLN B 190 8.08 8.51 6.05
C GLN B 190 8.24 9.99 6.42
N PRO B 191 7.51 10.50 7.41
CA PRO B 191 7.75 11.87 7.87
C PRO B 191 8.87 12.00 8.88
N SER B 192 9.46 10.89 9.36
CA SER B 192 10.43 10.97 10.44
C SER B 192 11.37 9.77 10.40
N PHE B 193 12.02 9.55 9.27
CA PHE B 193 13.06 8.52 9.18
C PHE B 193 14.29 9.02 9.93
N HIS B 194 14.59 8.38 11.06
CA HIS B 194 15.66 8.85 11.95
C HIS B 194 15.49 10.34 12.24
N GLY B 195 14.23 10.76 12.36
CA GLY B 195 13.92 12.16 12.62
C GLY B 195 13.98 13.07 11.41
N VAL B 196 14.07 12.51 10.20
CA VAL B 196 14.15 13.29 8.97
C VAL B 196 12.90 13.03 8.15
N ASP B 197 12.28 14.11 7.66
CA ASP B 197 11.05 14.02 6.89
C ASP B 197 11.42 13.78 5.42
N LEU B 198 11.09 12.59 4.91
CA LEU B 198 11.38 12.22 3.53
C LEU B 198 10.21 12.44 2.59
N SER B 199 9.04 12.81 3.11
CA SER B 199 7.81 12.72 2.34
C SER B 199 7.83 13.59 1.09
N ALA B 200 8.61 14.68 1.09
CA ALA B 200 8.64 15.55 -0.07
C ALA B 200 9.16 14.85 -1.32
N LEU B 201 9.78 13.68 -1.19
CA LEU B 201 10.27 12.92 -2.33
C LEU B 201 9.39 11.73 -2.66
N ARG B 202 8.24 11.58 -1.98
CA ARG B 202 7.39 10.42 -2.24
C ARG B 202 6.93 10.38 -3.70
N GLY B 203 6.68 11.54 -4.30
CA GLY B 203 6.26 11.57 -5.69
C GLY B 203 7.36 11.13 -6.63
N ALA B 204 8.58 11.60 -6.40
CA ALA B 204 9.71 11.21 -7.25
C ALA B 204 10.05 9.74 -7.09
N ALA B 205 9.85 9.18 -5.90
CA ALA B 205 10.11 7.76 -5.69
C ALA B 205 9.15 6.89 -6.48
N VAL B 206 7.85 7.19 -6.39
CA VAL B 206 6.86 6.44 -7.17
C VAL B 206 7.21 6.50 -8.65
N ASP B 207 7.58 7.68 -9.15
CA ASP B 207 7.98 7.80 -10.54
C ASP B 207 9.14 6.87 -10.86
N GLU B 208 10.17 6.89 -10.01
CA GLU B 208 11.36 6.08 -10.28
C GLU B 208 11.02 4.59 -10.30
N TYR B 209 10.34 4.10 -9.26
CA TYR B 209 10.07 2.67 -9.17
C TYR B 209 9.19 2.20 -10.32
N PHE B 210 8.16 2.98 -10.67
CA PHE B 210 7.28 2.58 -11.75
C PHE B 210 7.84 2.94 -13.12
N ARG B 211 8.94 3.69 -13.17
CA ARG B 211 9.72 3.82 -14.40
C ARG B 211 10.41 2.52 -14.78
N GLN B 212 10.47 1.54 -13.87
CA GLN B 212 11.19 0.30 -14.11
C GLN B 212 10.25 -0.76 -14.70
N PRO B 213 10.48 -1.24 -15.91
CA PRO B 213 9.78 -2.45 -16.36
C PRO B 213 10.19 -3.64 -15.51
N VAL B 214 9.26 -4.57 -15.34
CA VAL B 214 9.46 -5.73 -14.47
C VAL B 214 9.71 -6.95 -15.36
N VAL B 215 10.90 -7.52 -15.25
CA VAL B 215 11.30 -8.67 -16.04
C VAL B 215 11.17 -9.92 -15.17
N ASP B 216 10.19 -10.76 -15.50
CA ASP B 216 10.02 -12.06 -14.86
C ASP B 216 8.89 -12.76 -15.61
N THR B 217 8.49 -13.93 -15.12
CA THR B 217 7.40 -14.67 -15.73
C THR B 217 6.16 -14.59 -14.85
N PHE B 218 5.04 -15.06 -15.38
CA PHE B 218 3.77 -14.96 -14.68
C PHE B 218 2.81 -15.99 -15.24
N ASP B 219 1.77 -16.30 -14.46
CA ASP B 219 0.72 -17.19 -14.91
C ASP B 219 -0.18 -16.47 -15.90
N ILE B 220 -0.59 -17.19 -16.95
CA ILE B 220 -1.38 -16.59 -18.01
C ILE B 220 -2.77 -16.17 -17.56
N ARG B 221 -3.22 -16.64 -16.40
CA ARG B 221 -4.54 -16.29 -15.91
C ARG B 221 -4.63 -14.83 -15.47
N ILE B 222 -3.50 -14.12 -15.36
CA ILE B 222 -3.54 -12.69 -15.04
C ILE B 222 -3.84 -11.84 -16.26
N LEU B 223 -3.84 -12.41 -17.45
CA LEU B 223 -4.10 -11.66 -18.67
C LEU B 223 -5.61 -11.46 -18.84
N MET B 224 -6.00 -10.23 -19.15
CA MET B 224 -7.40 -9.83 -19.16
C MET B 224 -7.98 -9.62 -20.54
N ALA B 225 -7.21 -9.86 -21.60
CA ALA B 225 -7.71 -9.67 -22.96
C ALA B 225 -6.73 -10.30 -23.94
N LYS B 226 -7.24 -10.63 -25.12
CA LYS B 226 -6.40 -11.16 -26.17
C LYS B 226 -5.34 -10.15 -26.57
N SER B 227 -4.13 -10.62 -26.82
CA SER B 227 -3.00 -9.74 -27.06
C SER B 227 -3.14 -9.02 -28.40
N VAL B 228 -2.52 -7.84 -28.47
CA VAL B 228 -2.31 -7.12 -29.72
C VAL B 228 -0.92 -7.49 -30.23
N LYS B 229 -0.75 -7.49 -31.55
CA LYS B 229 0.49 -7.91 -32.18
C LYS B 229 1.03 -6.80 -33.07
N TYR B 230 2.30 -6.48 -32.89
CA TYR B 230 3.04 -5.56 -33.76
C TYR B 230 4.19 -6.33 -34.39
N THR B 231 4.28 -6.28 -35.71
CA THR B 231 5.21 -7.11 -36.46
C THR B 231 6.31 -6.26 -37.07
N VAL B 232 7.54 -6.78 -37.03
CA VAL B 232 8.68 -6.19 -37.71
C VAL B 232 9.18 -7.22 -38.71
N ASN B 233 9.12 -6.89 -40.01
CA ASN B 233 9.64 -7.76 -41.06
C ASN B 233 11.08 -7.36 -41.30
N PHE B 234 12.02 -8.19 -40.81
CA PHE B 234 13.43 -7.85 -40.90
C PHE B 234 13.92 -7.83 -42.34
N LEU B 235 13.28 -8.59 -43.22
CA LEU B 235 13.67 -8.56 -44.63
C LEU B 235 13.35 -7.22 -45.29
N GLU B 236 12.31 -6.54 -44.81
CA GLU B 236 11.82 -5.33 -45.46
C GLU B 236 12.21 -4.04 -44.72
N ALA B 237 12.43 -4.11 -43.41
CA ALA B 237 12.53 -2.90 -42.60
C ALA B 237 13.89 -2.23 -42.78
N LYS B 238 13.89 -0.92 -42.56
CA LYS B 238 15.10 -0.11 -42.53
C LYS B 238 15.46 0.24 -41.09
N GLU B 239 16.73 0.58 -40.88
CA GLU B 239 17.17 0.97 -39.55
C GLU B 239 16.27 2.03 -38.94
N GLY B 240 15.99 3.08 -39.71
CA GLY B 240 15.21 4.20 -39.19
C GLY B 240 13.82 3.83 -38.72
N ASP B 241 13.31 2.67 -39.17
CA ASP B 241 11.97 2.25 -38.76
C ASP B 241 11.89 1.98 -37.27
N LEU B 242 13.03 1.80 -36.59
CA LEU B 242 13.04 1.42 -35.18
C LEU B 242 13.43 2.57 -34.26
N HIS B 243 13.55 3.78 -34.78
CA HIS B 243 13.86 4.93 -33.92
C HIS B 243 12.62 5.40 -33.17
N ARG B 244 11.44 5.29 -33.79
CA ARG B 244 10.18 5.65 -33.16
C ARG B 244 9.17 4.55 -33.51
N ILE B 245 8.78 3.76 -32.52
CA ILE B 245 7.88 2.63 -32.70
C ILE B 245 6.56 2.96 -32.03
N GLU B 246 5.49 3.01 -32.82
CA GLU B 246 4.16 3.36 -32.32
C GLU B 246 3.25 2.15 -32.44
N ILE B 247 2.77 1.67 -31.29
CA ILE B 247 1.91 0.48 -31.24
C ILE B 247 0.57 0.88 -30.64
N PRO B 248 -0.41 1.29 -31.45
CA PRO B 248 -1.75 1.50 -30.91
C PRO B 248 -2.39 0.18 -30.51
N PHE B 249 -3.35 0.26 -29.59
CA PHE B 249 -4.04 -0.94 -29.15
C PHE B 249 -5.48 -0.60 -28.80
N LYS B 250 -6.33 -1.63 -28.86
CA LYS B 250 -7.74 -1.52 -28.49
C LYS B 250 -8.15 -2.90 -27.98
N PHE B 251 -8.03 -3.08 -26.67
CA PHE B 251 -8.32 -4.36 -26.05
C PHE B 251 -9.80 -4.47 -25.72
N HIS B 252 -10.37 -5.64 -26.01
CA HIS B 252 -11.72 -5.97 -25.58
C HIS B 252 -11.60 -6.83 -24.32
N MET B 253 -11.95 -6.24 -23.17
CA MET B 253 -11.68 -6.88 -21.90
C MET B 253 -12.55 -8.13 -21.74
N LEU B 254 -11.91 -9.24 -21.42
CA LEU B 254 -12.62 -10.51 -21.24
C LEU B 254 -13.01 -10.76 -19.79
N HIS B 255 -12.36 -10.09 -18.84
CA HIS B 255 -12.68 -10.22 -17.43
C HIS B 255 -12.77 -8.83 -16.81
N SER B 256 -13.52 -8.74 -15.73
CA SER B 256 -13.57 -7.51 -14.95
C SER B 256 -12.47 -7.51 -13.91
N GLY B 257 -12.07 -6.30 -13.49
CA GLY B 257 -11.05 -6.16 -12.48
C GLY B 257 -10.10 -5.02 -12.78
N LEU B 258 -9.07 -4.88 -11.95
CA LEU B 258 -8.12 -3.79 -12.10
C LEU B 258 -7.04 -4.17 -13.11
N VAL B 259 -6.81 -3.28 -14.07
CA VAL B 259 -5.71 -3.42 -15.02
C VAL B 259 -4.52 -2.69 -14.43
N HIS B 260 -3.52 -3.45 -13.96
CA HIS B 260 -2.35 -2.85 -13.34
C HIS B 260 -1.25 -2.47 -14.33
N GLY B 261 -1.31 -2.98 -15.56
CA GLY B 261 -0.33 -2.62 -16.56
C GLY B 261 -0.51 -3.46 -17.81
N LEU B 262 0.50 -3.38 -18.67
CA LEU B 262 0.55 -4.14 -19.91
C LEU B 262 1.72 -5.11 -19.86
N ALA B 263 1.48 -6.33 -20.32
CA ALA B 263 2.50 -7.37 -20.36
C ALA B 263 3.01 -7.55 -21.78
N PHE B 264 4.31 -7.77 -21.91
CA PHE B 264 4.97 -7.86 -23.21
C PHE B 264 5.70 -9.20 -23.36
N TRP B 265 5.64 -9.76 -24.55
CA TRP B 265 6.49 -10.88 -24.94
C TRP B 265 6.66 -10.82 -26.45
N PHE B 266 7.55 -11.66 -26.98
CA PHE B 266 7.85 -11.60 -28.40
C PHE B 266 8.09 -12.99 -28.98
N ASP B 267 7.74 -13.14 -30.25
CA ASP B 267 8.08 -14.30 -31.06
C ASP B 267 8.90 -13.85 -32.25
N VAL B 268 9.82 -14.72 -32.69
CA VAL B 268 10.52 -14.55 -33.95
C VAL B 268 10.34 -15.81 -34.76
N ALA B 269 10.20 -15.66 -36.08
CA ALA B 269 10.05 -16.77 -36.99
C ALA B 269 11.26 -16.85 -37.92
N PHE B 270 11.77 -18.06 -38.11
CA PHE B 270 12.83 -18.33 -39.10
C PHE B 270 12.15 -18.91 -40.33
N ILE B 271 11.87 -18.05 -41.32
CA ILE B 271 11.10 -18.43 -42.50
C ILE B 271 12.08 -18.98 -43.51
N GLY B 272 12.37 -20.28 -43.41
CA GLY B 272 13.28 -20.94 -44.33
C GLY B 272 12.57 -21.43 -45.58
N SER B 273 13.35 -22.09 -46.44
CA SER B 273 12.79 -22.67 -47.66
C SER B 273 12.07 -23.99 -47.39
N ILE B 274 12.49 -24.71 -46.36
CA ILE B 274 11.90 -26.02 -46.05
C ILE B 274 10.75 -25.89 -45.05
N MET B 275 10.91 -25.07 -44.02
CA MET B 275 9.84 -24.88 -43.04
C MET B 275 10.11 -23.61 -42.25
N THR B 276 9.06 -23.13 -41.60
CA THR B 276 9.16 -22.00 -40.67
C THR B 276 9.30 -22.56 -39.26
N VAL B 277 10.28 -22.05 -38.53
CA VAL B 277 10.53 -22.45 -37.14
C VAL B 277 10.33 -21.21 -36.29
N TRP B 278 9.52 -21.34 -35.24
CA TRP B 278 9.21 -20.24 -34.35
C TRP B 278 10.01 -20.35 -33.06
N LEU B 279 10.47 -19.20 -32.55
CA LEU B 279 11.06 -19.10 -31.22
C LEU B 279 10.20 -18.11 -30.44
N SER B 280 9.44 -18.63 -29.47
CA SER B 280 8.47 -17.83 -28.73
C SER B 280 8.92 -17.66 -27.29
N THR B 281 8.72 -16.45 -26.76
CA THR B 281 8.89 -16.17 -25.35
C THR B 281 7.56 -15.92 -24.65
N ALA B 282 6.48 -16.41 -25.23
CA ALA B 282 5.15 -16.18 -24.67
C ALA B 282 5.03 -16.88 -23.31
N PRO B 283 4.18 -16.34 -22.42
CA PRO B 283 3.98 -17.00 -21.12
C PRO B 283 3.29 -18.35 -21.23
N THR B 284 2.72 -18.68 -22.39
CA THR B 284 2.16 -20.00 -22.60
C THR B 284 3.21 -21.03 -23.02
N GLU B 285 4.45 -20.59 -23.24
CA GLU B 285 5.51 -21.44 -23.75
C GLU B 285 6.60 -21.64 -22.71
N PRO B 286 7.48 -22.62 -22.90
CA PRO B 286 8.57 -22.83 -21.94
C PRO B 286 9.38 -21.55 -21.73
N LEU B 287 9.82 -21.36 -20.49
CA LEU B 287 10.48 -20.12 -20.12
C LEU B 287 11.88 -20.03 -20.73
N THR B 288 12.27 -18.81 -21.09
CA THR B 288 13.58 -18.51 -21.64
C THR B 288 14.25 -17.46 -20.78
N HIS B 289 15.53 -17.17 -21.09
CA HIS B 289 16.24 -16.13 -20.36
C HIS B 289 15.73 -14.74 -20.68
N TRP B 290 14.84 -14.61 -21.67
CA TRP B 290 14.15 -13.34 -21.92
C TRP B 290 12.95 -13.15 -21.00
N TYR B 291 12.41 -14.23 -20.44
CA TYR B 291 11.22 -14.16 -19.60
C TYR B 291 10.12 -13.41 -20.33
N GLN B 292 9.37 -12.57 -19.62
CA GLN B 292 8.47 -11.60 -20.20
C GLN B 292 8.68 -10.28 -19.48
N VAL B 293 8.02 -9.22 -19.96
CA VAL B 293 8.20 -7.89 -19.43
C VAL B 293 6.82 -7.27 -19.16
N ARG B 294 6.69 -6.59 -18.03
CA ARG B 294 5.44 -5.95 -17.63
C ARG B 294 5.73 -4.50 -17.23
N CYS B 295 4.96 -3.58 -17.81
CA CYS B 295 5.04 -2.17 -17.48
C CYS B 295 3.86 -1.81 -16.59
N LEU B 296 4.14 -1.34 -15.38
CA LEU B 296 3.10 -1.04 -14.41
C LEU B 296 2.58 0.37 -14.57
N PHE B 297 1.27 0.52 -14.41
CA PHE B 297 0.66 1.83 -14.23
C PHE B 297 0.86 2.28 -12.80
N GLN B 298 1.11 3.58 -12.61
CA GLN B 298 1.19 4.11 -11.26
C GLN B 298 -0.14 3.94 -10.53
N SER B 299 -1.25 3.99 -11.25
CA SER B 299 -2.56 3.76 -10.68
C SER B 299 -3.37 2.86 -11.63
N PRO B 300 -3.83 1.70 -11.19
CA PRO B 300 -4.52 0.79 -12.10
C PRO B 300 -5.85 1.37 -12.56
N LEU B 301 -6.32 0.85 -13.69
CA LEU B 301 -7.61 1.23 -14.26
C LEU B 301 -8.62 0.12 -13.99
N PHE B 302 -9.82 0.50 -13.59
CA PHE B 302 -10.89 -0.45 -13.40
C PHE B 302 -11.62 -0.64 -14.72
N ALA B 303 -11.81 -1.90 -15.11
CA ALA B 303 -12.50 -2.22 -16.35
C ALA B 303 -13.47 -3.35 -16.10
N LYS B 304 -14.60 -3.31 -16.82
CA LYS B 304 -15.59 -4.38 -16.80
C LYS B 304 -15.44 -5.21 -18.06
N ALA B 305 -15.71 -6.51 -17.93
CA ALA B 305 -15.76 -7.37 -19.09
C ALA B 305 -16.69 -6.77 -20.14
N GLY B 306 -16.17 -6.63 -21.36
CA GLY B 306 -16.90 -6.00 -22.44
C GLY B 306 -16.46 -4.59 -22.74
N ASP B 307 -15.77 -3.92 -21.80
CA ASP B 307 -15.24 -2.60 -22.06
C ASP B 307 -14.04 -2.68 -23.01
N THR B 308 -13.72 -1.55 -23.63
CA THR B 308 -12.57 -1.44 -24.51
C THR B 308 -11.50 -0.61 -23.82
N LEU B 309 -10.28 -1.12 -23.81
CA LEU B 309 -9.10 -0.41 -23.29
C LEU B 309 -8.22 -0.06 -24.48
N SER B 310 -8.15 1.23 -24.81
CA SER B 310 -7.45 1.70 -25.98
C SER B 310 -6.37 2.69 -25.59
N GLY B 311 -5.42 2.89 -26.50
CA GLY B 311 -4.32 3.81 -26.23
C GLY B 311 -3.17 3.56 -27.19
N THR B 312 -1.98 3.89 -26.72
CA THR B 312 -0.79 3.82 -27.56
C THR B 312 0.42 3.49 -26.69
N CYS B 313 1.24 2.57 -27.19
CA CYS B 313 2.57 2.32 -26.64
C CYS B 313 3.59 2.88 -27.62
N LEU B 314 4.38 3.85 -27.16
CA LEU B 314 5.34 4.55 -28.00
C LEU B 314 6.74 4.31 -27.45
N LEU B 315 7.61 3.75 -28.29
CA LEU B 315 9.00 3.49 -27.93
C LEU B 315 9.90 4.44 -28.70
N ILE B 316 10.60 5.30 -27.99
CA ILE B 316 11.55 6.25 -28.58
C ILE B 316 12.95 5.76 -28.26
N ALA B 317 13.71 5.44 -29.30
CA ALA B 317 15.07 4.95 -29.11
C ALA B 317 15.95 6.06 -28.52
N ASN B 318 16.86 5.66 -27.64
CA ASN B 318 17.76 6.61 -26.98
C ASN B 318 19.21 6.16 -27.19
N LYS B 319 20.12 7.04 -26.79
CA LYS B 319 21.55 6.85 -27.01
C LYS B 319 22.16 5.83 -26.06
N ARG B 320 21.39 5.25 -25.14
CA ARG B 320 21.87 4.23 -24.25
C ARG B 320 21.49 2.83 -24.71
N GLN B 321 21.26 2.66 -26.02
CA GLN B 321 21.01 1.35 -26.62
C GLN B 321 19.73 0.73 -26.07
N SER B 322 18.71 1.55 -25.89
CA SER B 322 17.41 1.07 -25.44
C SER B 322 16.36 2.10 -25.85
N TYR B 323 15.19 2.04 -25.20
CA TYR B 323 14.06 2.88 -25.57
C TYR B 323 13.46 3.52 -24.34
N ASP B 324 12.95 4.74 -24.53
CA ASP B 324 12.04 5.37 -23.59
C ASP B 324 10.63 4.96 -23.99
N ILE B 325 9.92 4.32 -23.08
CA ILE B 325 8.59 3.78 -23.34
C ILE B 325 7.55 4.75 -22.81
N SER B 326 6.62 5.15 -23.67
CA SER B 326 5.45 5.92 -23.27
C SER B 326 4.21 5.07 -23.49
N ILE B 327 3.41 4.90 -22.43
CA ILE B 327 2.18 4.13 -22.49
C ILE B 327 1.05 4.99 -21.97
N VAL B 328 0.08 5.29 -22.84
CA VAL B 328 -1.18 5.90 -22.44
C VAL B 328 -2.28 4.88 -22.69
N ALA B 329 -3.14 4.68 -21.70
CA ALA B 329 -4.22 3.72 -21.79
C ALA B 329 -5.48 4.35 -21.20
N GLN B 330 -6.63 4.02 -21.79
CA GLN B 330 -7.88 4.68 -21.45
C GLN B 330 -9.03 3.68 -21.52
N VAL B 331 -9.80 3.60 -20.44
CA VAL B 331 -11.03 2.80 -20.43
C VAL B 331 -12.09 3.62 -21.13
N ASP B 332 -12.39 3.27 -22.39
CA ASP B 332 -13.23 4.11 -23.22
C ASP B 332 -14.58 4.41 -22.57
N GLN B 333 -15.15 3.41 -21.88
CA GLN B 333 -16.50 3.57 -21.35
C GLN B 333 -16.57 4.59 -20.23
N THR B 334 -15.46 4.81 -19.52
CA THR B 334 -15.46 5.69 -18.36
C THR B 334 -14.46 6.84 -18.45
N GLY B 335 -13.60 6.87 -19.47
CA GLY B 335 -12.61 7.92 -19.55
C GLY B 335 -11.52 7.83 -18.50
N SER B 336 -11.41 6.71 -17.80
CA SER B 336 -10.32 6.52 -16.86
C SER B 336 -9.02 6.37 -17.64
N LYS B 337 -8.12 7.35 -17.49
CA LYS B 337 -6.91 7.43 -18.28
C LYS B 337 -5.69 7.20 -17.39
N SER B 338 -4.68 6.56 -17.97
CA SER B 338 -3.42 6.32 -17.27
C SER B 338 -2.26 6.52 -18.24
N SER B 339 -1.24 7.22 -17.79
CA SER B 339 -0.05 7.48 -18.59
C SER B 339 1.19 7.21 -17.75
N ASN B 340 2.17 6.54 -18.34
CA ASN B 340 3.41 6.24 -17.66
C ASN B 340 4.57 6.32 -18.65
N LEU B 341 5.74 6.67 -18.13
CA LEU B 341 6.98 6.68 -18.89
C LEU B 341 7.95 5.71 -18.22
N LEU B 342 8.55 4.82 -19.00
CA LEU B 342 9.40 3.78 -18.47
C LEU B 342 10.74 3.79 -19.18
N ASP B 343 11.80 3.52 -18.40
CA ASP B 343 13.17 3.48 -18.91
C ASP B 343 13.53 2.01 -19.12
N LEU B 344 13.45 1.57 -20.37
CA LEU B 344 13.66 0.16 -20.68
C LEU B 344 15.07 -0.30 -20.31
N LYS B 345 16.03 0.61 -20.28
CA LYS B 345 17.43 0.24 -20.05
C LYS B 345 17.67 -0.23 -18.62
N ASN B 346 16.83 0.18 -17.66
CA ASN B 346 17.05 -0.09 -16.24
C ASN B 346 15.81 -0.73 -15.65
N PRO B 347 15.61 -2.03 -15.86
CA PRO B 347 14.42 -2.70 -15.34
C PRO B 347 14.62 -3.32 -13.97
N PHE B 348 13.55 -3.89 -13.42
CA PHE B 348 13.61 -4.64 -12.17
C PHE B 348 13.59 -6.12 -12.51
N PHE B 349 14.74 -6.78 -12.35
CA PHE B 349 14.83 -8.23 -12.60
C PHE B 349 14.28 -8.94 -11.37
N ARG B 350 13.00 -9.31 -11.44
CA ARG B 350 12.27 -9.79 -10.27
C ARG B 350 12.47 -11.27 -10.03
N TYR B 351 12.67 -12.06 -11.08
CA TYR B 351 12.84 -13.50 -10.95
C TYR B 351 13.77 -13.87 -9.79
N ARG C 9 -34.66 29.97 9.54
CA ARG C 9 -35.96 29.75 8.93
C ARG C 9 -35.81 29.44 7.44
N SER C 10 -36.37 28.33 7.01
CA SER C 10 -36.36 27.94 5.60
C SER C 10 -37.23 26.70 5.45
N VAL C 11 -37.51 26.35 4.20
CA VAL C 11 -38.32 25.17 3.91
C VAL C 11 -37.71 23.95 4.59
N PHE C 12 -36.39 23.78 4.45
CA PHE C 12 -35.73 22.63 5.05
C PHE C 12 -35.81 22.68 6.56
N SER C 13 -35.50 23.85 7.15
CA SER C 13 -35.52 23.98 8.59
C SER C 13 -36.91 23.66 9.16
N GLU C 14 -37.97 24.12 8.47
CA GLU C 14 -39.32 23.96 8.98
C GLU C 14 -39.75 22.51 9.08
N ARG C 15 -39.13 21.60 8.31
CA ARG C 15 -39.57 20.21 8.24
C ARG C 15 -38.57 19.24 8.84
N THR C 16 -37.52 19.72 9.52
CA THR C 16 -36.46 18.85 9.99
C THR C 16 -36.07 19.19 11.42
N GLU C 17 -36.07 18.19 12.29
CA GLU C 17 -35.52 18.34 13.62
C GLU C 17 -34.02 18.62 13.53
N GLU C 18 -33.55 19.59 14.30
CA GLU C 18 -32.15 19.98 14.22
C GLU C 18 -31.23 18.81 14.53
N SER C 19 -31.56 18.01 15.55
CA SER C 19 -30.71 16.89 15.91
C SER C 19 -30.61 15.88 14.78
N SER C 20 -31.67 15.70 14.00
CA SER C 20 -31.62 14.79 12.86
C SER C 20 -30.76 15.37 11.74
N ALA C 21 -30.86 16.68 11.51
CA ALA C 21 -30.08 17.31 10.45
C ALA C 21 -28.59 17.29 10.77
N VAL C 22 -28.23 17.51 12.04
CA VAL C 22 -26.82 17.44 12.43
C VAL C 22 -26.25 16.07 12.07
N GLN C 23 -26.87 15.01 12.62
CA GLN C 23 -26.40 13.65 12.32
C GLN C 23 -26.37 13.41 10.81
N TYR C 24 -27.39 13.88 10.09
CA TYR C 24 -27.50 13.59 8.67
C TYR C 24 -26.30 14.13 7.90
N PHE C 25 -25.98 15.41 8.08
CA PHE C 25 -24.89 16.01 7.33
C PHE C 25 -23.51 15.68 7.90
N GLN C 26 -23.44 15.25 9.16
CA GLN C 26 -22.18 14.74 9.68
C GLN C 26 -21.80 13.43 9.01
N PHE C 27 -22.79 12.57 8.76
CA PHE C 27 -22.56 11.33 8.02
C PHE C 27 -21.96 11.63 6.65
N TYR C 28 -22.51 12.61 5.95
CA TYR C 28 -22.07 12.95 4.61
C TYR C 28 -20.81 13.81 4.57
N GLY C 29 -20.28 14.20 5.73
CA GLY C 29 -19.02 14.90 5.76
C GLY C 29 -17.80 14.01 5.64
N TYR C 30 -18.00 12.70 5.61
CA TYR C 30 -16.89 11.76 5.54
C TYR C 30 -16.56 11.42 4.10
N LEU C 31 -15.28 11.53 3.74
CA LEU C 31 -14.83 11.06 2.44
C LEU C 31 -15.10 9.58 2.26
N SER C 32 -15.06 8.81 3.36
CA SER C 32 -15.30 7.37 3.27
C SER C 32 -16.72 7.08 2.78
N GLN C 33 -17.66 7.98 3.02
CA GLN C 33 -19.03 7.78 2.56
C GLN C 33 -19.23 8.22 1.12
N GLN C 34 -18.59 9.32 0.71
CA GLN C 34 -18.50 9.60 -0.72
C GLN C 34 -17.91 8.41 -1.45
N GLN C 35 -16.78 7.90 -0.95
CA GLN C 35 -16.15 6.74 -1.53
C GLN C 35 -17.11 5.57 -1.63
N ASN C 36 -17.92 5.34 -0.57
CA ASN C 36 -18.87 4.25 -0.60
C ASN C 36 -19.82 4.35 -1.78
N MET C 37 -20.33 5.56 -2.05
CA MET C 37 -21.24 5.74 -3.16
C MET C 37 -20.50 5.74 -4.50
N MET C 38 -19.33 6.37 -4.56
CA MET C 38 -18.58 6.44 -5.81
C MET C 38 -18.18 5.05 -6.28
N GLN C 39 -17.86 4.16 -5.35
CA GLN C 39 -17.42 2.81 -5.72
C GLN C 39 -18.57 1.93 -6.17
N ASP C 40 -19.81 2.36 -5.99
CA ASP C 40 -20.95 1.66 -6.58
C ASP C 40 -20.92 1.90 -8.09
N TYR C 41 -20.33 0.94 -8.83
CA TYR C 41 -20.12 1.16 -10.25
C TYR C 41 -21.44 1.32 -11.00
N VAL C 42 -22.46 0.54 -10.62
CA VAL C 42 -23.77 0.70 -11.23
C VAL C 42 -24.24 2.14 -11.09
N ARG C 43 -24.21 2.66 -9.85
CA ARG C 43 -24.63 4.03 -9.59
C ARG C 43 -23.79 5.03 -10.37
N THR C 44 -22.47 5.01 -10.14
CA THR C 44 -21.61 6.04 -10.72
C THR C 44 -21.54 5.91 -12.23
N GLY C 45 -21.36 4.69 -12.75
CA GLY C 45 -21.24 4.51 -14.19
C GLY C 45 -22.50 4.87 -14.93
N THR C 46 -23.67 4.55 -14.34
CA THR C 46 -24.94 4.86 -15.00
C THR C 46 -25.15 6.35 -15.10
N TYR C 47 -24.90 7.09 -14.01
CA TYR C 47 -25.01 8.55 -14.05
C TYR C 47 -24.10 9.12 -15.12
N GLN C 48 -22.85 8.65 -15.19
CA GLN C 48 -21.94 9.12 -16.23
C GLN C 48 -22.48 8.80 -17.61
N ARG C 49 -22.99 7.58 -17.80
CA ARG C 49 -23.57 7.20 -19.08
C ARG C 49 -24.74 8.12 -19.44
N ALA C 50 -25.64 8.37 -18.49
CA ALA C 50 -26.80 9.21 -18.76
C ALA C 50 -26.39 10.61 -19.20
N ILE C 51 -25.35 11.16 -18.57
CA ILE C 51 -24.97 12.55 -18.84
C ILE C 51 -24.18 12.65 -20.13
N LEU C 52 -23.23 11.75 -20.36
CA LEU C 52 -22.40 11.83 -21.56
C LEU C 52 -23.19 11.48 -22.81
N GLN C 53 -23.99 10.41 -22.75
CA GLN C 53 -24.75 10.00 -23.93
C GLN C 53 -25.83 11.01 -24.31
N ASN C 54 -26.19 11.93 -23.40
CA ASN C 54 -27.10 13.02 -23.72
C ASN C 54 -26.34 14.34 -23.69
N HIS C 55 -25.19 14.38 -24.37
CA HIS C 55 -24.32 15.55 -24.30
C HIS C 55 -25.03 16.81 -24.80
N THR C 56 -25.95 16.68 -25.76
CA THR C 56 -26.64 17.85 -26.27
C THR C 56 -27.44 18.55 -25.19
N ASP C 57 -27.88 17.83 -24.17
CA ASP C 57 -28.60 18.42 -23.06
C ASP C 57 -27.70 19.20 -22.11
N PHE C 58 -26.38 19.06 -22.23
CA PHE C 58 -25.43 19.75 -21.37
C PHE C 58 -24.50 20.69 -22.12
N LYS C 59 -24.23 20.44 -23.40
CA LYS C 59 -23.30 21.27 -24.16
C LYS C 59 -23.70 22.74 -24.09
N ASP C 60 -22.82 23.57 -23.55
CA ASP C 60 -23.02 25.02 -23.45
C ASP C 60 -24.24 25.38 -22.62
N LYS C 61 -24.67 24.50 -21.72
CA LYS C 61 -25.82 24.74 -20.87
C LYS C 61 -25.39 25.09 -19.45
N ILE C 62 -26.31 25.68 -18.69
CA ILE C 62 -26.11 25.99 -17.29
C ILE C 62 -26.76 24.87 -16.48
N VAL C 63 -26.05 24.36 -15.48
CA VAL C 63 -26.45 23.18 -14.75
C VAL C 63 -26.44 23.47 -13.25
N LEU C 64 -27.42 22.91 -12.54
CA LEU C 64 -27.47 22.93 -11.09
C LEU C 64 -27.34 21.50 -10.57
N ASP C 65 -26.39 21.28 -9.66
CA ASP C 65 -26.17 19.98 -9.05
C ASP C 65 -26.56 20.07 -7.57
N VAL C 66 -27.63 19.40 -7.20
CA VAL C 66 -28.18 19.46 -5.84
C VAL C 66 -27.56 18.34 -5.02
N GLY C 67 -26.91 18.69 -3.92
CA GLY C 67 -26.26 17.72 -3.07
C GLY C 67 -25.10 17.03 -3.79
N CYS C 68 -24.18 17.84 -4.31
CA CYS C 68 -23.13 17.33 -5.18
C CYS C 68 -22.15 16.40 -4.46
N GLY C 69 -22.03 16.51 -3.15
CA GLY C 69 -21.06 15.70 -2.44
C GLY C 69 -19.65 16.10 -2.83
N SER C 70 -18.85 15.12 -3.25
CA SER C 70 -17.49 15.41 -3.70
C SER C 70 -17.46 16.11 -5.06
N GLY C 71 -18.58 16.17 -5.76
CA GLY C 71 -18.68 16.90 -7.01
C GLY C 71 -18.66 16.05 -8.26
N ILE C 72 -18.75 14.73 -8.14
CA ILE C 72 -18.54 13.85 -9.29
C ILE C 72 -19.53 14.18 -10.40
N LEU C 73 -20.81 14.34 -10.06
CA LEU C 73 -21.81 14.60 -11.08
C LEU C 73 -21.54 15.93 -11.80
N SER C 74 -21.00 16.92 -11.09
CA SER C 74 -20.64 18.17 -11.74
C SER C 74 -19.49 17.96 -12.71
N PHE C 75 -18.55 17.07 -12.39
CA PHE C 75 -17.46 16.78 -13.31
C PHE C 75 -17.98 16.05 -14.55
N PHE C 76 -18.94 15.14 -14.37
CA PHE C 76 -19.55 14.50 -15.53
C PHE C 76 -20.26 15.52 -16.41
N ALA C 77 -20.98 16.45 -15.80
CA ALA C 77 -21.60 17.53 -16.56
C ALA C 77 -20.56 18.35 -17.30
N ALA C 78 -19.40 18.57 -16.67
CA ALA C 78 -18.32 19.28 -17.34
C ALA C 78 -17.76 18.47 -18.49
N GLN C 79 -17.60 17.16 -18.32
CA GLN C 79 -17.14 16.30 -19.40
C GLN C 79 -18.08 16.37 -20.59
N ALA C 80 -19.36 16.64 -20.36
CA ALA C 80 -20.34 16.72 -21.43
C ALA C 80 -20.44 18.11 -22.04
N GLY C 81 -19.59 19.05 -21.62
CA GLY C 81 -19.52 20.35 -22.25
C GLY C 81 -20.35 21.44 -21.62
N ALA C 82 -20.75 21.29 -20.36
CA ALA C 82 -21.53 22.33 -19.70
C ALA C 82 -20.75 23.63 -19.63
N ARG C 83 -21.48 24.75 -19.74
CA ARG C 83 -20.84 26.06 -19.71
C ARG C 83 -20.51 26.48 -18.27
N LYS C 84 -21.49 26.40 -17.38
CA LYS C 84 -21.28 26.69 -15.96
C LYS C 84 -22.14 25.75 -15.13
N ILE C 85 -21.57 25.24 -14.05
CA ILE C 85 -22.21 24.25 -13.21
C ILE C 85 -22.20 24.76 -11.78
N TYR C 86 -23.38 24.93 -11.19
CA TYR C 86 -23.51 25.31 -9.79
C TYR C 86 -23.68 24.05 -8.96
N ALA C 87 -22.70 23.75 -8.11
CA ALA C 87 -22.69 22.56 -7.28
C ALA C 87 -23.03 22.97 -5.85
N VAL C 88 -24.17 22.51 -5.36
CA VAL C 88 -24.69 22.89 -4.05
C VAL C 88 -24.55 21.69 -3.11
N GLU C 89 -23.91 21.91 -1.97
CA GLU C 89 -23.73 20.86 -0.97
C GLU C 89 -23.78 21.50 0.41
N ALA C 90 -24.56 20.91 1.30
CA ALA C 90 -24.76 21.46 2.64
C ALA C 90 -23.83 20.83 3.68
N SER C 91 -23.27 19.66 3.40
CA SER C 91 -22.31 19.07 4.33
C SER C 91 -20.94 19.72 4.16
N THR C 92 -20.04 19.43 5.10
CA THR C 92 -18.67 19.91 4.99
C THR C 92 -17.94 19.30 3.79
N MET C 93 -18.57 18.36 3.08
CA MET C 93 -17.99 17.85 1.85
C MET C 93 -17.85 18.93 0.79
N ALA C 94 -18.65 20.01 0.88
CA ALA C 94 -18.49 21.13 -0.03
C ALA C 94 -17.05 21.64 -0.02
N GLN C 95 -16.40 21.62 1.14
CA GLN C 95 -15.01 22.02 1.25
C GLN C 95 -14.13 21.19 0.32
N HIS C 96 -14.30 19.86 0.36
CA HIS C 96 -13.48 18.98 -0.47
C HIS C 96 -13.84 19.10 -1.95
N ALA C 97 -15.09 19.43 -2.25
CA ALA C 97 -15.48 19.63 -3.65
C ALA C 97 -14.69 20.78 -4.27
N GLU C 98 -14.59 21.90 -3.54
CA GLU C 98 -13.82 23.04 -4.04
C GLU C 98 -12.39 22.63 -4.36
N VAL C 99 -11.75 21.87 -3.49
CA VAL C 99 -10.39 21.39 -3.74
C VAL C 99 -10.32 20.66 -5.07
N LEU C 100 -11.26 19.73 -5.30
CA LEU C 100 -11.26 18.97 -6.54
C LEU C 100 -11.49 19.86 -7.74
N VAL C 101 -12.35 20.89 -7.59
CA VAL C 101 -12.62 21.80 -8.70
C VAL C 101 -11.33 22.52 -9.10
N LYS C 102 -10.59 23.02 -8.12
CA LYS C 102 -9.36 23.75 -8.41
C LYS C 102 -8.30 22.82 -9.01
N SER C 103 -8.10 21.65 -8.39
CA SER C 103 -7.06 20.74 -8.86
C SER C 103 -7.37 20.22 -10.26
N ASN C 104 -8.64 20.17 -10.64
CA ASN C 104 -9.03 19.75 -11.98
C ASN C 104 -9.15 20.92 -12.96
N ASN C 105 -8.72 22.12 -12.55
CA ASN C 105 -8.62 23.26 -13.44
C ASN C 105 -9.98 23.69 -13.99
N LEU C 106 -11.05 23.48 -13.22
CA LEU C 106 -12.41 23.77 -13.67
C LEU C 106 -13.08 24.84 -12.82
N THR C 107 -12.29 25.75 -12.22
CA THR C 107 -12.88 26.83 -11.44
C THR C 107 -13.73 27.74 -12.32
N ASP C 108 -13.38 27.88 -13.60
CA ASP C 108 -14.14 28.73 -14.51
C ASP C 108 -15.50 28.14 -14.85
N ARG C 109 -15.68 26.82 -14.68
CA ARG C 109 -16.90 26.16 -15.11
C ARG C 109 -17.74 25.60 -13.97
N ILE C 110 -17.16 25.37 -12.80
CA ILE C 110 -17.88 24.81 -11.65
C ILE C 110 -17.75 25.77 -10.48
N VAL C 111 -18.88 26.18 -9.95
CA VAL C 111 -18.93 27.04 -8.76
C VAL C 111 -19.59 26.23 -7.65
N VAL C 112 -18.81 25.89 -6.62
CA VAL C 112 -19.34 25.22 -5.45
C VAL C 112 -20.00 26.25 -4.55
N ILE C 113 -21.24 25.97 -4.16
CA ILE C 113 -21.99 26.83 -3.25
C ILE C 113 -22.32 26.03 -2.00
N PRO C 114 -21.61 26.25 -0.89
CA PRO C 114 -21.92 25.50 0.33
C PRO C 114 -23.24 25.94 0.95
N GLY C 115 -24.01 24.97 1.40
CA GLY C 115 -25.26 25.22 2.09
C GLY C 115 -26.39 24.38 1.53
N LYS C 116 -27.55 24.52 2.17
CA LYS C 116 -28.74 23.79 1.75
C LYS C 116 -29.37 24.49 0.56
N VAL C 117 -29.82 23.69 -0.42
CA VAL C 117 -30.37 24.26 -1.64
C VAL C 117 -31.58 25.12 -1.34
N GLU C 118 -32.27 24.84 -0.22
CA GLU C 118 -33.42 25.65 0.19
C GLU C 118 -33.00 26.98 0.81
N GLU C 119 -31.70 27.22 0.99
CA GLU C 119 -31.23 28.42 1.67
C GLU C 119 -30.18 29.20 0.90
N VAL C 120 -29.49 28.59 -0.06
CA VAL C 120 -28.49 29.30 -0.86
C VAL C 120 -29.20 30.21 -1.85
N SER C 121 -28.43 31.09 -2.51
CA SER C 121 -28.95 32.02 -3.51
C SER C 121 -28.18 31.81 -4.80
N LEU C 122 -28.86 31.26 -5.84
CA LEU C 122 -28.18 31.12 -7.12
C LEU C 122 -28.31 32.41 -7.93
N PRO C 123 -27.28 32.78 -8.69
CA PRO C 123 -27.32 34.06 -9.42
C PRO C 123 -28.19 34.03 -10.66
N GLU C 124 -28.48 32.87 -11.24
CA GLU C 124 -29.24 32.81 -12.48
C GLU C 124 -29.98 31.48 -12.56
N GLN C 125 -30.96 31.44 -13.47
CA GLN C 125 -31.70 30.22 -13.73
C GLN C 125 -30.85 29.25 -14.55
N VAL C 126 -31.24 27.97 -14.50
CA VAL C 126 -30.45 26.91 -15.10
C VAL C 126 -31.30 26.18 -16.14
N ASP C 127 -30.60 25.47 -17.04
CA ASP C 127 -31.26 24.72 -18.10
C ASP C 127 -31.61 23.30 -17.67
N ILE C 128 -30.86 22.73 -16.73
CA ILE C 128 -31.09 21.35 -16.31
C ILE C 128 -30.54 21.21 -14.89
N ILE C 129 -31.21 20.37 -14.09
CA ILE C 129 -30.78 20.08 -12.73
C ILE C 129 -30.37 18.62 -12.67
N ILE C 130 -29.23 18.35 -12.03
CA ILE C 130 -28.76 17.00 -11.80
C ILE C 130 -28.65 16.77 -10.30
N SER C 131 -28.87 15.54 -9.87
CA SER C 131 -28.80 15.20 -8.46
C SER C 131 -28.94 13.70 -8.29
N GLU C 132 -28.49 13.20 -7.14
CA GLU C 132 -28.75 11.84 -6.69
C GLU C 132 -29.53 11.93 -5.39
N PRO C 133 -30.82 12.24 -5.44
CA PRO C 133 -31.61 12.42 -4.22
C PRO C 133 -32.27 11.15 -3.67
N MET C 134 -31.87 9.97 -4.14
CA MET C 134 -32.54 8.73 -3.78
C MET C 134 -31.87 8.10 -2.56
N GLY C 135 -32.63 7.95 -1.47
CA GLY C 135 -32.23 7.08 -0.38
C GLY C 135 -32.78 5.69 -0.58
N TYR C 136 -32.53 4.82 0.40
CA TYR C 136 -33.08 3.48 0.31
C TYR C 136 -34.60 3.54 0.40
N MET C 137 -35.26 2.65 -0.34
CA MET C 137 -36.69 2.75 -0.61
C MET C 137 -37.03 4.07 -1.30
N LEU C 138 -36.04 4.65 -2.00
CA LEU C 138 -36.21 5.87 -2.77
C LEU C 138 -36.46 7.09 -1.90
N PHE C 139 -37.48 7.04 -1.03
CA PHE C 139 -37.97 8.23 -0.35
C PHE C 139 -37.21 8.58 0.92
N ASN C 140 -36.50 7.62 1.53
CA ASN C 140 -35.77 7.93 2.74
C ASN C 140 -34.82 9.11 2.50
N GLU C 141 -34.54 9.85 3.59
CA GLU C 141 -33.72 11.05 3.58
C GLU C 141 -34.54 12.28 3.22
N ARG C 142 -35.70 12.07 2.58
CA ARG C 142 -36.56 13.17 2.16
C ARG C 142 -35.82 14.17 1.30
N MET C 143 -34.82 13.71 0.55
CA MET C 143 -34.07 14.60 -0.32
C MET C 143 -34.78 14.85 -1.65
N LEU C 144 -35.72 13.98 -2.03
CA LEU C 144 -36.51 14.24 -3.23
C LEU C 144 -37.20 15.60 -3.15
N GLU C 145 -37.59 16.03 -1.95
CA GLU C 145 -38.24 17.33 -1.80
C GLU C 145 -37.26 18.47 -2.05
N SER C 146 -36.00 18.29 -1.63
CA SER C 146 -34.98 19.30 -1.95
C SER C 146 -34.73 19.35 -3.45
N TYR C 147 -34.73 18.18 -4.09
CA TYR C 147 -34.58 18.12 -5.55
C TYR C 147 -35.72 18.88 -6.23
N LEU C 148 -36.96 18.62 -5.81
CA LEU C 148 -38.10 19.33 -6.39
C LEU C 148 -38.09 20.80 -6.01
N HIS C 149 -37.68 21.11 -4.79
CA HIS C 149 -37.59 22.51 -4.37
C HIS C 149 -36.62 23.30 -5.26
N ALA C 150 -35.57 22.64 -5.76
CA ALA C 150 -34.60 23.30 -6.62
C ALA C 150 -35.18 23.74 -7.95
N LYS C 151 -36.41 23.32 -8.28
CA LYS C 151 -37.02 23.73 -9.54
C LYS C 151 -37.33 25.21 -9.60
N LYS C 152 -37.30 25.91 -8.47
CA LYS C 152 -37.46 27.37 -8.51
C LYS C 152 -36.35 28.03 -9.31
N TYR C 153 -35.24 27.32 -9.54
CA TYR C 153 -34.13 27.83 -10.33
C TYR C 153 -34.13 27.31 -11.76
N LEU C 154 -35.13 26.53 -12.15
CA LEU C 154 -35.15 25.86 -13.45
C LEU C 154 -35.92 26.70 -14.46
N LYS C 155 -35.31 26.92 -15.62
CA LYS C 155 -36.02 27.59 -16.70
C LYS C 155 -37.28 26.81 -17.05
N PRO C 156 -38.33 27.50 -17.53
CA PRO C 156 -39.57 26.78 -17.89
C PRO C 156 -39.33 25.61 -18.83
N SER C 157 -38.43 25.77 -19.80
CA SER C 157 -38.10 24.70 -20.74
C SER C 157 -36.96 23.83 -20.24
N GLY C 158 -36.74 23.77 -18.92
CA GLY C 158 -35.63 23.02 -18.39
C GLY C 158 -35.94 21.55 -18.17
N ASN C 159 -34.87 20.79 -17.95
CA ASN C 159 -34.95 19.35 -17.75
C ASN C 159 -34.41 19.00 -16.36
N MET C 160 -34.53 17.72 -16.00
CA MET C 160 -34.02 17.24 -14.72
C MET C 160 -33.51 15.82 -14.88
N PHE C 161 -32.31 15.57 -14.37
CA PHE C 161 -31.68 14.25 -14.41
C PHE C 161 -31.43 13.78 -13.00
N PRO C 162 -32.16 12.77 -12.49
CA PRO C 162 -33.18 11.97 -13.17
C PRO C 162 -34.49 12.73 -13.40
N THR C 163 -35.27 12.25 -14.37
CA THR C 163 -36.51 12.89 -14.76
C THR C 163 -37.73 12.31 -14.06
N ILE C 164 -37.76 10.99 -13.84
CA ILE C 164 -38.84 10.34 -13.13
C ILE C 164 -38.26 9.29 -12.19
N GLY C 165 -38.99 9.01 -11.12
CA GLY C 165 -38.65 7.92 -10.23
C GLY C 165 -39.81 6.97 -10.07
N ASP C 166 -39.53 5.67 -10.16
CA ASP C 166 -40.54 4.61 -10.01
C ASP C 166 -40.18 3.77 -8.79
N VAL C 167 -41.10 3.71 -7.82
CA VAL C 167 -40.96 2.79 -6.70
C VAL C 167 -41.82 1.57 -6.99
N HIS C 168 -41.27 0.39 -6.74
CA HIS C 168 -41.94 -0.87 -7.03
C HIS C 168 -42.24 -1.61 -5.72
N LEU C 169 -43.45 -2.15 -5.63
CA LEU C 169 -43.89 -2.93 -4.47
C LEU C 169 -44.37 -4.29 -4.95
N ALA C 170 -43.99 -5.34 -4.21
CA ALA C 170 -44.41 -6.68 -4.55
C ALA C 170 -44.52 -7.53 -3.29
N PRO C 171 -45.50 -8.42 -3.21
CA PRO C 171 -45.57 -9.33 -2.05
C PRO C 171 -44.51 -10.41 -2.15
N PHE C 172 -44.04 -10.85 -0.98
CA PHE C 172 -43.00 -11.87 -0.93
C PHE C 172 -43.36 -12.87 0.16
N THR C 173 -42.76 -14.06 0.06
CA THR C 173 -42.84 -15.09 1.10
C THR C 173 -41.42 -15.40 1.57
N ASP C 174 -41.16 -15.20 2.85
CA ASP C 174 -39.87 -15.51 3.46
C ASP C 174 -40.15 -16.02 4.86
N GLU C 175 -40.44 -17.32 4.97
CA GLU C 175 -40.80 -17.90 6.26
C GLU C 175 -39.68 -17.70 7.28
N GLN C 176 -38.43 -17.87 6.86
CA GLN C 176 -37.31 -17.78 7.80
C GLN C 176 -37.14 -16.35 8.31
N LEU C 177 -37.29 -15.36 7.42
CA LEU C 177 -37.25 -13.96 7.87
C LEU C 177 -38.31 -13.69 8.92
N TYR C 178 -39.52 -14.22 8.73
CA TYR C 178 -40.60 -13.97 9.66
C TYR C 178 -40.34 -14.64 11.00
N MET C 179 -39.98 -15.92 10.99
CA MET C 179 -39.72 -16.63 12.24
C MET C 179 -38.49 -16.12 12.95
N GLU C 180 -37.56 -15.49 12.22
CA GLU C 180 -36.37 -14.93 12.84
C GLU C 180 -36.73 -13.85 13.86
N GLN C 181 -37.79 -13.08 13.60
CA GLN C 181 -38.18 -12.01 14.51
C GLN C 181 -38.49 -12.57 15.90
N PHE C 182 -39.24 -13.67 15.96
CA PHE C 182 -39.62 -14.23 17.25
C PHE C 182 -38.46 -14.96 17.92
N THR C 183 -37.58 -15.59 17.14
CA THR C 183 -36.39 -16.20 17.71
C THR C 183 -35.56 -15.17 18.46
N LYS C 184 -35.40 -13.97 17.89
CA LYS C 184 -34.68 -12.91 18.59
C LYS C 184 -35.47 -12.42 19.79
N ALA C 185 -36.78 -12.21 19.63
CA ALA C 185 -37.58 -11.70 20.73
C ALA C 185 -37.68 -12.70 21.87
N ASN C 186 -37.69 -14.00 21.56
CA ASN C 186 -37.84 -15.02 22.60
C ASN C 186 -36.65 -15.09 23.55
N PHE C 187 -35.61 -14.28 23.32
CA PHE C 187 -34.59 -14.11 24.36
C PHE C 187 -35.22 -13.70 25.67
N TRP C 188 -36.23 -12.82 25.60
CA TRP C 188 -36.89 -12.32 26.80
C TRP C 188 -37.86 -13.32 27.42
N TYR C 189 -38.18 -14.41 26.71
CA TYR C 189 -39.15 -15.37 27.22
C TYR C 189 -38.41 -16.50 27.94
N GLN C 190 -37.83 -16.14 29.10
CA GLN C 190 -37.22 -17.10 29.98
C GLN C 190 -37.51 -16.69 31.42
N PRO C 191 -37.81 -17.64 32.30
CA PRO C 191 -38.21 -17.28 33.67
C PRO C 191 -37.05 -16.91 34.57
N SER C 192 -35.80 -17.24 34.20
CA SER C 192 -34.67 -16.97 35.08
C SER C 192 -33.42 -16.71 34.23
N PHE C 193 -33.33 -15.49 33.70
CA PHE C 193 -32.08 -15.00 33.13
C PHE C 193 -31.24 -14.44 34.27
N HIS C 194 -30.29 -15.25 34.73
CA HIS C 194 -29.49 -14.90 35.92
C HIS C 194 -30.41 -14.59 37.10
N GLY C 195 -31.48 -15.39 37.24
CA GLY C 195 -32.42 -15.24 38.32
C GLY C 195 -33.52 -14.23 38.09
N VAL C 196 -33.59 -13.63 36.91
CA VAL C 196 -34.56 -12.58 36.60
C VAL C 196 -35.54 -13.10 35.57
N ASP C 197 -36.83 -12.86 35.81
CA ASP C 197 -37.89 -13.23 34.88
C ASP C 197 -38.05 -12.11 33.86
N LEU C 198 -37.71 -12.39 32.61
CA LEU C 198 -37.74 -11.40 31.54
C LEU C 198 -38.99 -11.47 30.68
N SER C 199 -39.88 -12.44 30.93
CA SER C 199 -40.95 -12.75 29.99
C SER C 199 -41.90 -11.58 29.76
N ALA C 200 -41.99 -10.62 30.69
CA ALA C 200 -42.97 -9.55 30.55
C ALA C 200 -42.63 -8.56 29.45
N LEU C 201 -41.39 -8.58 28.94
CA LEU C 201 -40.98 -7.67 27.87
C LEU C 201 -40.95 -8.33 26.51
N ARG C 202 -41.26 -9.63 26.42
CA ARG C 202 -41.18 -10.33 25.15
C ARG C 202 -42.07 -9.67 24.11
N GLY C 203 -43.29 -9.28 24.50
CA GLY C 203 -44.18 -8.65 23.55
C GLY C 203 -43.66 -7.32 23.05
N ALA C 204 -43.03 -6.54 23.93
CA ALA C 204 -42.42 -5.29 23.51
C ALA C 204 -41.24 -5.52 22.57
N ALA C 205 -40.48 -6.59 22.81
CA ALA C 205 -39.38 -6.93 21.91
C ALA C 205 -39.91 -7.29 20.52
N VAL C 206 -40.98 -8.09 20.47
CA VAL C 206 -41.57 -8.46 19.18
C VAL C 206 -42.00 -7.21 18.42
N ASP C 207 -42.81 -6.36 19.04
CA ASP C 207 -43.27 -5.15 18.38
C ASP C 207 -42.10 -4.31 17.88
N GLU C 208 -41.00 -4.30 18.64
CA GLU C 208 -39.84 -3.50 18.24
C GLU C 208 -39.22 -4.05 16.95
N TYR C 209 -39.13 -5.37 16.81
CA TYR C 209 -38.52 -5.94 15.61
C TYR C 209 -39.41 -5.75 14.39
N PHE C 210 -40.73 -5.73 14.57
CA PHE C 210 -41.64 -5.58 13.44
C PHE C 210 -41.76 -4.13 12.97
N ARG C 211 -41.32 -3.16 13.77
CA ARG C 211 -41.26 -1.78 13.30
C ARG C 211 -40.07 -1.51 12.40
N GLN C 212 -39.15 -2.45 12.27
CA GLN C 212 -37.92 -2.24 11.51
C GLN C 212 -38.09 -2.75 10.10
N PRO C 213 -37.99 -1.91 9.07
CA PRO C 213 -37.85 -2.43 7.71
C PRO C 213 -36.51 -3.13 7.57
N VAL C 214 -36.47 -4.14 6.70
CA VAL C 214 -35.29 -4.97 6.51
C VAL C 214 -34.60 -4.54 5.23
N VAL C 215 -33.37 -4.06 5.36
CA VAL C 215 -32.57 -3.63 4.22
C VAL C 215 -31.59 -4.74 3.89
N ASP C 216 -31.81 -5.39 2.76
CA ASP C 216 -30.89 -6.41 2.22
C ASP C 216 -31.42 -6.82 0.85
N THR C 217 -30.85 -7.86 0.27
CA THR C 217 -31.29 -8.38 -1.00
C THR C 217 -31.94 -9.75 -0.80
N PHE C 218 -32.43 -10.32 -1.89
CA PHE C 218 -33.15 -11.58 -1.82
C PHE C 218 -33.22 -12.20 -3.21
N ASP C 219 -33.47 -13.50 -3.25
CA ASP C 219 -33.71 -14.19 -4.50
C ASP C 219 -35.09 -13.81 -5.02
N ILE C 220 -35.16 -13.48 -6.31
CA ILE C 220 -36.41 -13.04 -6.92
C ILE C 220 -37.50 -14.10 -6.86
N ARG C 221 -37.15 -15.34 -6.52
CA ARG C 221 -38.14 -16.41 -6.45
C ARG C 221 -39.04 -16.30 -5.24
N ILE C 222 -38.72 -15.45 -4.25
CA ILE C 222 -39.63 -15.24 -3.13
C ILE C 222 -40.77 -14.30 -3.49
N LEU C 223 -40.71 -13.67 -4.66
CA LEU C 223 -41.78 -12.77 -5.08
C LEU C 223 -42.95 -13.57 -5.63
N MET C 224 -44.18 -13.12 -5.31
CA MET C 224 -45.38 -13.86 -5.62
C MET C 224 -46.34 -13.08 -6.51
N ALA C 225 -45.90 -12.00 -7.12
CA ALA C 225 -46.78 -11.22 -7.99
C ALA C 225 -45.96 -10.15 -8.70
N LYS C 226 -46.46 -9.72 -9.84
CA LYS C 226 -45.87 -8.58 -10.54
C LYS C 226 -45.93 -7.35 -9.66
N SER C 227 -44.87 -6.55 -9.69
CA SER C 227 -44.80 -5.39 -8.83
C SER C 227 -45.84 -4.35 -9.23
N VAL C 228 -46.20 -3.50 -8.27
CA VAL C 228 -47.02 -2.33 -8.54
C VAL C 228 -46.12 -1.11 -8.52
N LYS C 229 -46.28 -0.24 -9.52
CA LYS C 229 -45.37 0.87 -9.75
C LYS C 229 -46.06 2.18 -9.40
N TYR C 230 -45.45 2.96 -8.52
CA TYR C 230 -45.88 4.32 -8.21
C TYR C 230 -44.82 5.28 -8.76
N THR C 231 -45.19 6.03 -9.79
CA THR C 231 -44.25 6.91 -10.48
C THR C 231 -44.31 8.32 -9.92
N VAL C 232 -43.13 8.93 -9.76
CA VAL C 232 -43.01 10.34 -9.44
C VAL C 232 -42.32 11.02 -10.61
N ASN C 233 -43.04 11.93 -11.27
CA ASN C 233 -42.46 12.72 -12.36
C ASN C 233 -41.84 13.98 -11.76
N PHE C 234 -40.52 14.03 -11.75
CA PHE C 234 -39.82 15.14 -11.12
C PHE C 234 -40.01 16.46 -11.85
N LEU C 235 -40.39 16.42 -13.13
CA LEU C 235 -40.68 17.64 -13.87
C LEU C 235 -42.04 18.22 -13.54
N GLU C 236 -42.98 17.39 -13.07
CA GLU C 236 -44.34 17.84 -12.77
C GLU C 236 -44.61 18.00 -11.29
N ALA C 237 -43.91 17.26 -10.43
CA ALA C 237 -44.31 17.14 -9.03
C ALA C 237 -43.88 18.35 -8.21
N LYS C 238 -44.62 18.58 -7.13
CA LYS C 238 -44.30 19.60 -6.14
C LYS C 238 -43.78 18.93 -4.87
N GLU C 239 -43.11 19.70 -4.03
CA GLU C 239 -42.66 19.19 -2.74
C GLU C 239 -43.82 18.53 -1.99
N GLY C 240 -44.97 19.20 -1.97
CA GLY C 240 -46.11 18.72 -1.21
C GLY C 240 -46.57 17.33 -1.59
N ASP C 241 -46.23 16.87 -2.79
CA ASP C 241 -46.67 15.54 -3.24
C ASP C 241 -45.99 14.43 -2.46
N LEU C 242 -44.90 14.72 -1.76
CA LEU C 242 -44.14 13.70 -1.04
C LEU C 242 -44.36 13.74 0.46
N HIS C 243 -45.12 14.72 0.97
CA HIS C 243 -45.45 14.74 2.40
C HIS C 243 -46.37 13.58 2.76
N ARG C 244 -47.26 13.19 1.85
CA ARG C 244 -48.16 12.06 2.06
C ARG C 244 -48.19 11.28 0.76
N ILE C 245 -47.66 10.06 0.78
CA ILE C 245 -47.56 9.22 -0.41
C ILE C 245 -48.44 8.01 -0.18
N GLU C 246 -49.58 7.97 -0.86
CA GLU C 246 -50.51 6.85 -0.78
C GLU C 246 -50.33 5.99 -2.02
N ILE C 247 -49.87 4.76 -1.82
CA ILE C 247 -49.66 3.82 -2.91
C ILE C 247 -50.68 2.69 -2.79
N PRO C 248 -51.81 2.76 -3.48
CA PRO C 248 -52.71 1.60 -3.51
C PRO C 248 -52.14 0.49 -4.37
N PHE C 249 -52.44 -0.74 -3.98
CA PHE C 249 -51.95 -1.90 -4.71
C PHE C 249 -53.03 -2.98 -4.77
N LYS C 250 -53.09 -3.68 -5.89
CA LYS C 250 -53.92 -4.87 -6.04
C LYS C 250 -53.09 -5.87 -6.83
N PHE C 251 -52.45 -6.79 -6.11
CA PHE C 251 -51.54 -7.75 -6.72
C PHE C 251 -52.32 -8.96 -7.23
N HIS C 252 -51.97 -9.39 -8.44
CA HIS C 252 -52.52 -10.62 -9.01
C HIS C 252 -51.52 -11.73 -8.70
N MET C 253 -51.86 -12.58 -7.71
CA MET C 253 -50.91 -13.54 -7.19
C MET C 253 -50.53 -14.56 -8.26
N LEU C 254 -49.23 -14.65 -8.54
CA LEU C 254 -48.71 -15.63 -9.48
C LEU C 254 -48.36 -16.96 -8.82
N HIS C 255 -48.20 -16.97 -7.51
CA HIS C 255 -47.87 -18.19 -6.77
C HIS C 255 -48.74 -18.28 -5.53
N SER C 256 -48.92 -19.51 -5.05
CA SER C 256 -49.70 -19.77 -3.84
C SER C 256 -48.75 -19.98 -2.66
N GLY C 257 -49.09 -19.36 -1.54
CA GLY C 257 -48.27 -19.47 -0.36
C GLY C 257 -48.62 -18.38 0.64
N LEU C 258 -47.78 -18.28 1.67
CA LEU C 258 -47.98 -17.29 2.71
C LEU C 258 -47.21 -16.02 2.37
N VAL C 259 -47.91 -14.89 2.35
CA VAL C 259 -47.30 -13.59 2.09
C VAL C 259 -46.89 -12.98 3.42
N HIS C 260 -45.59 -12.77 3.62
CA HIS C 260 -45.08 -12.26 4.88
C HIS C 260 -44.85 -10.75 4.86
N GLY C 261 -44.91 -10.11 3.70
CA GLY C 261 -44.72 -8.68 3.65
C GLY C 261 -44.59 -8.20 2.21
N LEU C 262 -44.17 -6.94 2.09
CA LEU C 262 -43.97 -6.29 0.80
C LEU C 262 -42.49 -6.00 0.61
N ALA C 263 -42.02 -6.19 -0.63
CA ALA C 263 -40.64 -5.87 -1.00
C ALA C 263 -40.64 -4.59 -1.81
N PHE C 264 -39.66 -3.73 -1.55
CA PHE C 264 -39.56 -2.42 -2.17
C PHE C 264 -38.25 -2.28 -2.93
N TRP C 265 -38.32 -1.74 -4.13
CA TRP C 265 -37.15 -1.27 -4.86
C TRP C 265 -37.59 -0.11 -5.73
N PHE C 266 -36.63 0.53 -6.42
CA PHE C 266 -36.96 1.70 -7.22
C PHE C 266 -36.09 1.76 -8.45
N ASP C 267 -36.61 2.45 -9.47
CA ASP C 267 -35.86 2.81 -10.67
C ASP C 267 -35.98 4.31 -10.88
N VAL C 268 -34.96 4.89 -11.53
CA VAL C 268 -35.03 6.26 -11.99
C VAL C 268 -34.61 6.28 -13.45
N ALA C 269 -35.19 7.21 -14.21
CA ALA C 269 -34.91 7.35 -15.63
C ALA C 269 -34.38 8.76 -15.90
N PHE C 270 -33.35 8.83 -16.74
CA PHE C 270 -32.82 10.10 -17.23
C PHE C 270 -33.31 10.25 -18.66
N ILE C 271 -34.39 11.01 -18.82
CA ILE C 271 -35.05 11.17 -20.12
C ILE C 271 -34.36 12.34 -20.83
N GLY C 272 -33.43 12.01 -21.73
CA GLY C 272 -32.67 13.01 -22.45
C GLY C 272 -33.13 13.14 -23.90
N SER C 273 -32.58 14.16 -24.56
CA SER C 273 -32.95 14.42 -25.94
C SER C 273 -32.53 13.28 -26.86
N ILE C 274 -31.37 12.68 -26.59
CA ILE C 274 -30.86 11.62 -27.45
C ILE C 274 -31.39 10.25 -27.02
N MET C 275 -31.37 9.93 -25.73
CA MET C 275 -31.83 8.63 -25.28
C MET C 275 -32.24 8.71 -23.81
N THR C 276 -32.89 7.64 -23.37
CA THR C 276 -33.27 7.46 -21.97
C THR C 276 -32.38 6.38 -21.35
N VAL C 277 -31.81 6.67 -20.20
CA VAL C 277 -30.96 5.73 -19.46
C VAL C 277 -31.64 5.43 -18.14
N TRP C 278 -31.64 4.15 -17.75
CA TRP C 278 -32.32 3.68 -16.56
C TRP C 278 -31.32 3.21 -15.52
N LEU C 279 -31.49 3.67 -14.28
CA LEU C 279 -30.77 3.16 -13.12
C LEU C 279 -31.77 2.41 -12.25
N SER C 280 -31.58 1.10 -12.12
CA SER C 280 -32.52 0.25 -11.40
C SER C 280 -31.84 -0.40 -10.20
N THR C 281 -32.56 -0.44 -9.08
CA THR C 281 -32.15 -1.19 -7.91
C THR C 281 -33.00 -2.44 -7.73
N ALA C 282 -33.61 -2.92 -8.80
CA ALA C 282 -34.47 -4.08 -8.72
C ALA C 282 -33.67 -5.32 -8.34
N PRO C 283 -34.31 -6.31 -7.70
CA PRO C 283 -33.60 -7.56 -7.36
C PRO C 283 -33.20 -8.38 -8.58
N THR C 284 -33.76 -8.09 -9.75
CA THR C 284 -33.35 -8.76 -10.99
C THR C 284 -32.08 -8.16 -11.58
N GLU C 285 -31.60 -7.05 -11.04
CA GLU C 285 -30.46 -6.33 -11.57
C GLU C 285 -29.26 -6.46 -10.64
N PRO C 286 -28.06 -6.10 -11.10
CA PRO C 286 -26.90 -6.11 -10.22
C PRO C 286 -27.17 -5.31 -8.94
N LEU C 287 -26.68 -5.84 -7.83
CA LEU C 287 -26.95 -5.24 -6.53
C LEU C 287 -26.25 -3.87 -6.43
N THR C 288 -26.89 -2.96 -5.69
CA THR C 288 -26.39 -1.62 -5.49
C THR C 288 -26.29 -1.34 -3.99
N HIS C 289 -25.75 -0.18 -3.64
CA HIS C 289 -25.66 0.19 -2.22
C HIS C 289 -27.02 0.55 -1.63
N TRP C 290 -28.06 0.68 -2.46
CA TRP C 290 -29.42 0.81 -1.96
C TRP C 290 -30.04 -0.53 -1.61
N TYR C 291 -29.49 -1.63 -2.10
CA TYR C 291 -30.04 -2.96 -1.87
C TYR C 291 -31.53 -2.97 -2.19
N GLN C 292 -32.33 -3.68 -1.40
CA GLN C 292 -33.78 -3.60 -1.45
C GLN C 292 -34.30 -3.52 -0.02
N VAL C 293 -35.60 -3.24 0.12
CA VAL C 293 -36.21 -3.08 1.43
C VAL C 293 -37.47 -3.94 1.51
N ARG C 294 -37.66 -4.60 2.64
CA ARG C 294 -38.83 -5.43 2.88
C ARG C 294 -39.48 -5.01 4.19
N CYS C 295 -40.80 -4.88 4.17
CA CYS C 295 -41.61 -4.59 5.36
C CYS C 295 -42.51 -5.78 5.62
N LEU C 296 -42.39 -6.37 6.80
CA LEU C 296 -43.19 -7.53 7.16
C LEU C 296 -44.61 -7.13 7.53
N PHE C 297 -45.55 -8.01 7.21
CA PHE C 297 -46.85 -7.96 7.87
C PHE C 297 -46.71 -8.52 9.28
N GLN C 298 -47.55 -8.01 10.19
CA GLN C 298 -47.55 -8.57 11.54
C GLN C 298 -48.00 -10.02 11.54
N SER C 299 -48.80 -10.42 10.55
CA SER C 299 -49.23 -11.80 10.40
C SER C 299 -49.27 -12.14 8.91
N PRO C 300 -48.85 -13.35 8.53
CA PRO C 300 -48.89 -13.70 7.11
C PRO C 300 -50.31 -13.88 6.61
N LEU C 301 -50.46 -13.79 5.29
CA LEU C 301 -51.74 -13.96 4.62
C LEU C 301 -51.60 -15.07 3.59
N PHE C 302 -52.44 -16.10 3.71
CA PHE C 302 -52.47 -17.14 2.70
C PHE C 302 -53.20 -16.65 1.47
N ALA C 303 -52.55 -16.75 0.31
CA ALA C 303 -53.13 -16.31 -0.95
C ALA C 303 -52.92 -17.42 -1.98
N LYS C 304 -54.01 -17.90 -2.56
CA LYS C 304 -53.93 -18.83 -3.66
C LYS C 304 -53.48 -18.12 -4.93
N ALA C 305 -52.85 -18.87 -5.83
CA ALA C 305 -52.50 -18.32 -7.13
C ALA C 305 -53.78 -17.97 -7.89
N GLY C 306 -53.87 -16.71 -8.32
CA GLY C 306 -55.06 -16.19 -8.96
C GLY C 306 -55.91 -15.31 -8.06
N ASP C 307 -55.68 -15.34 -6.75
CA ASP C 307 -56.33 -14.41 -5.86
C ASP C 307 -55.76 -13.00 -6.07
N THR C 308 -56.38 -12.03 -5.41
CA THR C 308 -55.94 -10.64 -5.48
C THR C 308 -55.61 -10.16 -4.08
N LEU C 309 -54.40 -9.61 -3.92
CA LEU C 309 -53.95 -9.05 -2.66
C LEU C 309 -54.04 -7.52 -2.78
N SER C 310 -55.05 -6.94 -2.12
CA SER C 310 -55.35 -5.53 -2.24
C SER C 310 -55.10 -4.82 -0.91
N GLY C 311 -54.76 -3.54 -1.01
CA GLY C 311 -54.46 -2.77 0.19
C GLY C 311 -53.82 -1.44 -0.17
N THR C 312 -53.12 -0.87 0.81
CA THR C 312 -52.53 0.45 0.65
C THR C 312 -51.25 0.55 1.47
N CYS C 313 -50.23 1.12 0.87
CA CYS C 313 -49.00 1.49 1.57
C CYS C 313 -48.95 3.01 1.67
N LEU C 314 -49.04 3.52 2.89
CA LEU C 314 -49.10 4.96 3.12
C LEU C 314 -47.81 5.41 3.78
N LEU C 315 -47.09 6.30 3.10
CA LEU C 315 -45.84 6.85 3.61
C LEU C 315 -46.09 8.26 4.11
N ILE C 316 -45.93 8.47 5.42
CA ILE C 316 -46.17 9.75 6.06
C ILE C 316 -44.81 10.33 6.46
N ALA C 317 -44.47 11.46 5.86
CA ALA C 317 -43.18 12.10 6.15
C ALA C 317 -43.14 12.59 7.58
N ASN C 318 -41.95 12.49 8.20
CA ASN C 318 -41.74 12.96 9.56
C ASN C 318 -40.56 13.93 9.56
N LYS C 319 -40.36 14.60 10.69
CA LYS C 319 -39.32 15.60 10.83
C LYS C 319 -37.93 15.01 11.04
N ARG C 320 -37.80 13.69 10.95
CA ARG C 320 -36.51 13.02 11.04
C ARG C 320 -36.00 12.61 9.66
N GLN C 321 -36.35 13.39 8.63
CA GLN C 321 -35.86 13.16 7.27
C GLN C 321 -36.15 11.73 6.80
N SER C 322 -37.34 11.24 7.14
CA SER C 322 -37.74 9.91 6.71
C SER C 322 -39.26 9.80 6.81
N TYR C 323 -39.77 8.58 6.83
CA TYR C 323 -41.20 8.33 6.75
C TYR C 323 -41.61 7.26 7.75
N ASP C 324 -42.86 7.35 8.20
CA ASP C 324 -43.53 6.25 8.88
C ASP C 324 -44.35 5.50 7.85
N ILE C 325 -44.23 4.19 7.82
CA ILE C 325 -44.81 3.35 6.78
C ILE C 325 -46.01 2.62 7.36
N SER C 326 -47.18 2.86 6.80
CA SER C 326 -48.41 2.16 7.16
C SER C 326 -48.80 1.26 6.00
N ILE C 327 -48.87 -0.04 6.25
CA ILE C 327 -49.24 -1.03 5.24
C ILE C 327 -50.46 -1.79 5.74
N VAL C 328 -51.48 -1.87 4.88
CA VAL C 328 -52.68 -2.64 5.15
C VAL C 328 -52.94 -3.52 3.93
N ALA C 329 -53.13 -4.82 4.16
CA ALA C 329 -53.32 -5.76 3.07
C ALA C 329 -54.42 -6.75 3.45
N GLN C 330 -55.11 -7.26 2.43
CA GLN C 330 -56.07 -8.32 2.63
C GLN C 330 -56.22 -9.13 1.35
N VAL C 331 -56.52 -10.41 1.50
CA VAL C 331 -56.88 -11.25 0.37
C VAL C 331 -58.37 -11.08 0.12
N ASP C 332 -58.72 -10.67 -1.11
CA ASP C 332 -60.12 -10.37 -1.40
C ASP C 332 -60.98 -11.61 -1.34
N GLN C 333 -60.48 -12.74 -1.85
CA GLN C 333 -61.27 -13.97 -1.92
C GLN C 333 -61.48 -14.61 -0.56
N THR C 334 -60.90 -14.07 0.52
CA THR C 334 -61.06 -14.67 1.84
C THR C 334 -61.27 -13.65 2.96
N GLY C 335 -61.05 -12.36 2.72
CA GLY C 335 -61.20 -11.37 3.76
C GLY C 335 -60.13 -11.41 4.83
N SER C 336 -59.11 -12.25 4.69
CA SER C 336 -58.02 -12.30 5.65
C SER C 336 -57.21 -11.02 5.57
N LYS C 337 -57.00 -10.37 6.71
CA LYS C 337 -56.40 -9.04 6.76
C LYS C 337 -55.14 -9.06 7.63
N SER C 338 -54.21 -8.18 7.30
CA SER C 338 -53.07 -7.90 8.15
C SER C 338 -52.57 -6.49 7.86
N SER C 339 -51.69 -6.01 8.72
CA SER C 339 -51.16 -4.66 8.59
C SER C 339 -49.85 -4.58 9.37
N ASN C 340 -49.18 -3.44 9.27
CA ASN C 340 -48.02 -3.17 10.11
C ASN C 340 -47.68 -1.69 9.99
N LEU C 341 -46.97 -1.19 10.99
CA LEU C 341 -46.52 0.20 11.05
C LEU C 341 -45.02 0.19 11.30
N LEU C 342 -44.25 0.76 10.39
CA LEU C 342 -42.79 0.67 10.42
C LEU C 342 -42.17 2.06 10.41
N ASP C 343 -40.96 2.14 10.96
CA ASP C 343 -40.19 3.37 11.04
C ASP C 343 -39.02 3.26 10.07
N LEU C 344 -39.13 3.95 8.94
CA LEU C 344 -38.12 3.83 7.88
C LEU C 344 -36.77 4.37 8.30
N LYS C 345 -36.71 5.24 9.30
CA LYS C 345 -35.44 5.86 9.68
C LYS C 345 -34.49 4.88 10.34
N ASN C 346 -35.03 3.84 11.00
CA ASN C 346 -34.22 2.89 11.77
C ASN C 346 -34.48 1.48 11.25
N PRO C 347 -33.90 1.13 10.10
CA PRO C 347 -34.06 -0.22 9.57
C PRO C 347 -33.02 -1.18 10.13
N PHE C 348 -33.22 -2.46 9.85
CA PHE C 348 -32.29 -3.51 10.24
C PHE C 348 -31.49 -3.91 9.00
N PHE C 349 -30.18 -3.65 9.02
CA PHE C 349 -29.31 -3.97 7.90
C PHE C 349 -28.91 -5.44 8.02
N ARG C 350 -29.56 -6.28 7.22
CA ARG C 350 -29.48 -7.73 7.38
C ARG C 350 -28.50 -8.39 6.43
N TYR C 351 -28.02 -7.69 5.41
N TYR C 351 -27.99 -7.68 5.43
CA TYR C 351 -27.07 -8.29 4.48
CA TYR C 351 -27.06 -8.25 4.47
C TYR C 351 -25.79 -8.71 5.18
C TYR C 351 -25.77 -8.70 5.18
N THR C 352 -25.22 -9.82 4.72
CA THR C 352 -23.98 -10.35 5.29
C THR C 352 -22.87 -10.36 4.25
N ARG D 9 -30.14 24.15 33.79
CA ARG D 9 -29.00 23.68 33.00
C ARG D 9 -28.09 22.82 33.88
N SER D 10 -28.25 21.50 33.77
CA SER D 10 -27.55 20.58 34.64
C SER D 10 -26.10 20.37 34.17
N VAL D 11 -25.33 19.68 35.01
CA VAL D 11 -23.95 19.36 34.66
C VAL D 11 -23.90 18.56 33.36
N PHE D 12 -24.84 17.62 33.19
CA PHE D 12 -24.87 16.84 31.95
C PHE D 12 -25.19 17.74 30.75
N SER D 13 -26.16 18.63 30.90
CA SER D 13 -26.57 19.47 29.78
C SER D 13 -25.43 20.38 29.32
N GLU D 14 -24.65 20.90 30.26
CA GLU D 14 -23.62 21.88 29.91
C GLU D 14 -22.43 21.24 29.19
N ARG D 15 -22.20 19.94 29.38
CA ARG D 15 -21.07 19.26 28.75
C ARG D 15 -21.49 18.38 27.58
N THR D 16 -22.75 18.43 27.16
CA THR D 16 -23.24 17.57 26.09
C THR D 16 -24.07 18.39 25.10
N GLU D 17 -23.75 18.26 23.82
CA GLU D 17 -24.60 18.82 22.79
C GLU D 17 -25.89 18.03 22.69
N GLU D 18 -27.01 18.74 22.55
CA GLU D 18 -28.31 18.08 22.47
C GLU D 18 -28.32 16.99 21.40
N SER D 19 -27.80 17.32 20.21
CA SER D 19 -27.81 16.36 19.11
C SER D 19 -27.16 15.04 19.51
N SER D 20 -26.04 15.10 20.24
CA SER D 20 -25.38 13.89 20.70
C SER D 20 -26.25 13.14 21.69
N ALA D 21 -26.84 13.86 22.66
CA ALA D 21 -27.65 13.21 23.69
C ALA D 21 -28.85 12.50 23.08
N VAL D 22 -29.52 13.12 22.10
CA VAL D 22 -30.69 12.50 21.50
C VAL D 22 -30.31 11.16 20.88
N GLN D 23 -29.29 11.16 20.02
CA GLN D 23 -28.83 9.91 19.42
C GLN D 23 -28.37 8.93 20.49
N TYR D 24 -27.67 9.43 21.51
CA TYR D 24 -27.10 8.56 22.53
C TYR D 24 -28.19 7.76 23.25
N PHE D 25 -29.16 8.46 23.84
CA PHE D 25 -30.20 7.77 24.59
C PHE D 25 -31.21 7.06 23.67
N GLN D 26 -31.31 7.49 22.40
CA GLN D 26 -32.10 6.74 21.44
C GLN D 26 -31.54 5.34 21.24
N PHE D 27 -30.20 5.23 21.18
CA PHE D 27 -29.58 3.93 21.02
C PHE D 27 -29.94 2.99 22.18
N TYR D 28 -29.97 3.53 23.40
CA TYR D 28 -30.24 2.70 24.57
C TYR D 28 -31.72 2.47 24.82
N GLY D 29 -32.60 3.13 24.08
CA GLY D 29 -34.02 2.87 24.20
C GLY D 29 -34.48 1.59 23.55
N TYR D 30 -33.60 0.88 22.85
CA TYR D 30 -33.96 -0.32 22.12
C TYR D 30 -33.74 -1.56 22.96
N LEU D 31 -34.78 -2.37 23.12
CA LEU D 31 -34.64 -3.64 23.81
C LEU D 31 -33.56 -4.51 23.17
N SER D 32 -33.41 -4.44 21.84
CA SER D 32 -32.41 -5.26 21.17
C SER D 32 -31.00 -4.90 21.63
N GLN D 33 -30.76 -3.64 21.98
CA GLN D 33 -29.45 -3.25 22.50
C GLN D 33 -29.25 -3.76 23.91
N GLN D 34 -30.31 -3.74 24.73
CA GLN D 34 -30.22 -4.37 26.05
C GLN D 34 -29.90 -5.85 25.90
N GLN D 35 -30.63 -6.55 25.04
CA GLN D 35 -30.31 -7.95 24.75
C GLN D 35 -28.85 -8.10 24.37
N ASN D 36 -28.36 -7.23 23.48
CA ASN D 36 -26.97 -7.30 23.04
C ASN D 36 -26.01 -7.33 24.22
N MET D 37 -26.11 -6.31 25.08
CA MET D 37 -25.22 -6.25 26.24
C MET D 37 -25.49 -7.40 27.21
N MET D 38 -26.75 -7.74 27.44
CA MET D 38 -27.08 -8.77 28.42
C MET D 38 -26.54 -10.13 27.99
N GLN D 39 -26.56 -10.41 26.68
CA GLN D 39 -26.09 -11.70 26.20
C GLN D 39 -24.57 -11.84 26.22
N ASP D 40 -23.84 -10.75 26.46
CA ASP D 40 -22.42 -10.82 26.75
C ASP D 40 -22.27 -11.50 28.10
N TYR D 41 -22.05 -12.82 28.10
CA TYR D 41 -22.05 -13.57 29.35
C TYR D 41 -20.86 -13.20 30.23
N VAL D 42 -19.71 -12.88 29.64
CA VAL D 42 -18.58 -12.42 30.44
C VAL D 42 -18.97 -11.18 31.23
N ARG D 43 -19.61 -10.22 30.55
CA ARG D 43 -20.02 -8.98 31.20
C ARG D 43 -21.05 -9.24 32.28
N THR D 44 -22.17 -9.85 31.91
CA THR D 44 -23.27 -10.04 32.86
C THR D 44 -22.87 -11.01 33.97
N GLY D 45 -22.27 -12.14 33.60
CA GLY D 45 -21.87 -13.12 34.60
C GLY D 45 -20.85 -12.60 35.58
N THR D 46 -19.93 -11.76 35.09
CA THR D 46 -18.91 -11.20 35.97
C THR D 46 -19.51 -10.20 36.94
N TYR D 47 -20.49 -9.41 36.49
CA TYR D 47 -21.17 -8.48 37.38
C TYR D 47 -21.93 -9.23 38.47
N GLN D 48 -22.65 -10.30 38.10
CA GLN D 48 -23.39 -11.06 39.11
C GLN D 48 -22.45 -11.71 40.11
N ARG D 49 -21.28 -12.15 39.65
CA ARG D 49 -20.31 -12.73 40.57
C ARG D 49 -19.78 -11.68 41.54
N ALA D 50 -19.49 -10.47 41.04
CA ALA D 50 -18.98 -9.42 41.91
C ALA D 50 -20.01 -9.06 42.99
N ILE D 51 -21.28 -9.01 42.63
CA ILE D 51 -22.30 -8.55 43.56
C ILE D 51 -22.66 -9.65 44.55
N LEU D 52 -22.94 -10.86 44.06
CA LEU D 52 -23.40 -11.92 44.95
C LEU D 52 -22.28 -12.41 45.86
N GLN D 53 -21.06 -12.55 45.33
CA GLN D 53 -19.96 -13.02 46.16
C GLN D 53 -19.58 -11.99 47.22
N ASN D 54 -19.85 -10.71 46.96
CA ASN D 54 -19.69 -9.65 47.95
C ASN D 54 -21.04 -9.26 48.54
N HIS D 55 -21.84 -10.27 48.90
CA HIS D 55 -23.22 -10.01 49.32
C HIS D 55 -23.27 -9.21 50.61
N THR D 56 -22.23 -9.30 51.46
CA THR D 56 -22.24 -8.52 52.70
C THR D 56 -22.19 -7.02 52.43
N ASP D 57 -21.65 -6.62 51.28
CA ASP D 57 -21.64 -5.21 50.90
C ASP D 57 -23.01 -4.71 50.48
N PHE D 58 -24.00 -5.60 50.34
CA PHE D 58 -25.34 -5.22 49.91
C PHE D 58 -26.43 -5.56 50.91
N LYS D 59 -26.23 -6.53 51.79
CA LYS D 59 -27.29 -6.99 52.67
C LYS D 59 -27.84 -5.83 53.51
N ASP D 60 -29.12 -5.54 53.33
CA ASP D 60 -29.82 -4.49 54.07
C ASP D 60 -29.20 -3.12 53.84
N LYS D 61 -28.60 -2.92 52.67
CA LYS D 61 -27.99 -1.64 52.30
C LYS D 61 -28.88 -0.86 51.36
N ILE D 62 -28.59 0.43 51.23
CA ILE D 62 -29.23 1.30 50.25
C ILE D 62 -28.30 1.41 49.05
N VAL D 63 -28.86 1.26 47.85
CA VAL D 63 -28.09 1.13 46.62
C VAL D 63 -28.54 2.17 45.61
N LEU D 64 -27.60 2.68 44.83
CA LEU D 64 -27.88 3.51 43.67
C LEU D 64 -27.33 2.82 42.43
N ASP D 65 -28.18 2.63 41.43
CA ASP D 65 -27.78 2.03 40.16
C ASP D 65 -27.84 3.10 39.09
N VAL D 66 -26.68 3.51 38.59
CA VAL D 66 -26.58 4.58 37.60
C VAL D 66 -26.62 3.95 36.21
N GLY D 67 -27.56 4.40 35.38
CA GLY D 67 -27.74 3.83 34.07
C GLY D 67 -28.13 2.36 34.15
N CYS D 68 -29.23 2.08 34.86
CA CYS D 68 -29.62 0.70 35.11
C CYS D 68 -30.08 -0.01 33.85
N GLY D 69 -30.47 0.72 32.82
CA GLY D 69 -31.01 0.08 31.63
C GLY D 69 -32.25 -0.71 31.99
N SER D 70 -32.28 -1.98 31.59
CA SER D 70 -33.38 -2.86 31.93
C SER D 70 -33.46 -3.17 33.42
N GLY D 71 -32.44 -2.82 34.18
CA GLY D 71 -32.43 -3.04 35.62
C GLY D 71 -31.68 -4.26 36.09
N ILE D 72 -30.91 -4.92 35.21
CA ILE D 72 -30.33 -6.21 35.55
C ILE D 72 -29.46 -6.11 36.79
N LEU D 73 -28.72 -5.00 36.94
CA LEU D 73 -27.84 -4.87 38.09
C LEU D 73 -28.62 -4.63 39.38
N SER D 74 -29.75 -3.93 39.29
CA SER D 74 -30.61 -3.78 40.46
C SER D 74 -31.09 -5.15 40.95
N PHE D 75 -31.48 -6.03 40.03
CA PHE D 75 -31.93 -7.36 40.43
C PHE D 75 -30.82 -8.13 41.14
N PHE D 76 -29.57 -7.99 40.67
CA PHE D 76 -28.46 -8.63 41.37
C PHE D 76 -28.31 -8.08 42.77
N ALA D 77 -28.37 -6.75 42.92
CA ALA D 77 -28.36 -6.15 44.25
C ALA D 77 -29.50 -6.69 45.10
N ALA D 78 -30.69 -6.87 44.50
CA ALA D 78 -31.81 -7.42 45.24
C ALA D 78 -31.54 -8.85 45.69
N GLN D 79 -30.96 -9.67 44.80
CA GLN D 79 -30.62 -11.04 45.17
C GLN D 79 -29.61 -11.06 46.31
N ALA D 80 -28.71 -10.08 46.36
CA ALA D 80 -27.67 -10.03 47.38
C ALA D 80 -28.17 -9.51 48.72
N GLY D 81 -29.43 -9.07 48.82
CA GLY D 81 -30.03 -8.69 50.07
C GLY D 81 -30.24 -7.20 50.27
N ALA D 82 -30.14 -6.39 49.23
CA ALA D 82 -30.28 -4.95 49.38
C ALA D 82 -31.66 -4.60 49.96
N ARG D 83 -31.69 -3.57 50.80
CA ARG D 83 -32.94 -3.10 51.38
C ARG D 83 -33.74 -2.27 50.38
N LYS D 84 -33.09 -1.32 49.73
CA LYS D 84 -33.75 -0.43 48.78
C LYS D 84 -32.75 -0.07 47.69
N ILE D 85 -33.18 -0.16 46.43
CA ILE D 85 -32.32 0.09 45.28
C ILE D 85 -32.96 1.18 44.44
N TYR D 86 -32.31 2.33 44.35
CA TYR D 86 -32.74 3.40 43.44
C TYR D 86 -32.03 3.19 42.11
N ALA D 87 -32.80 2.89 41.07
CA ALA D 87 -32.27 2.57 39.75
C ALA D 87 -32.59 3.74 38.83
N VAL D 88 -31.55 4.45 38.39
CA VAL D 88 -31.70 5.66 37.59
C VAL D 88 -31.32 5.32 36.15
N GLU D 89 -32.22 5.66 35.23
CA GLU D 89 -31.99 5.45 33.80
C GLU D 89 -32.63 6.59 33.03
N ALA D 90 -31.88 7.20 32.13
CA ALA D 90 -32.35 8.37 31.39
C ALA D 90 -33.01 8.03 30.07
N SER D 91 -32.73 6.84 29.51
CA SER D 91 -33.38 6.44 28.27
C SER D 91 -34.80 5.92 28.57
N THR D 92 -35.58 5.74 27.50
CA THR D 92 -36.92 5.18 27.65
C THR D 92 -36.89 3.75 28.17
N MET D 93 -35.73 3.12 28.22
CA MET D 93 -35.62 1.78 28.79
C MET D 93 -36.11 1.76 30.25
N ALA D 94 -36.10 2.90 30.93
CA ALA D 94 -36.57 2.95 32.31
C ALA D 94 -38.00 2.43 32.43
N GLN D 95 -38.83 2.64 31.41
CA GLN D 95 -40.21 2.13 31.46
C GLN D 95 -40.22 0.61 31.44
N HIS D 96 -39.36 0.00 30.63
CA HIS D 96 -39.28 -1.46 30.58
C HIS D 96 -38.74 -2.02 31.88
N ALA D 97 -37.79 -1.32 32.51
CA ALA D 97 -37.26 -1.78 33.79
C ALA D 97 -38.35 -1.81 34.84
N GLU D 98 -39.22 -0.78 34.87
CA GLU D 98 -40.33 -0.78 35.80
C GLU D 98 -41.23 -2.00 35.60
N VAL D 99 -41.45 -2.40 34.34
CA VAL D 99 -42.26 -3.58 34.07
C VAL D 99 -41.63 -4.82 34.70
N LEU D 100 -40.30 -4.93 34.61
CA LEU D 100 -39.63 -6.12 35.16
C LEU D 100 -39.64 -6.11 36.68
N VAL D 101 -39.56 -4.94 37.30
CA VAL D 101 -39.66 -4.86 38.76
C VAL D 101 -41.01 -5.39 39.23
N LYS D 102 -42.07 -5.02 38.51
CA LYS D 102 -43.41 -5.47 38.90
C LYS D 102 -43.58 -6.96 38.64
N SER D 103 -43.19 -7.43 37.45
CA SER D 103 -43.38 -8.83 37.09
C SER D 103 -42.54 -9.76 37.96
N ASN D 104 -41.47 -9.26 38.56
CA ASN D 104 -40.64 -10.04 39.48
C ASN D 104 -40.95 -9.76 40.94
N ASN D 105 -42.02 -9.01 41.21
CA ASN D 105 -42.51 -8.79 42.58
C ASN D 105 -41.40 -8.22 43.47
N LEU D 106 -40.73 -7.17 42.99
CA LEU D 106 -39.69 -6.49 43.73
C LEU D 106 -39.96 -5.00 43.87
N THR D 107 -41.23 -4.60 43.79
CA THR D 107 -41.58 -3.19 43.89
C THR D 107 -41.22 -2.62 45.25
N ASP D 108 -41.17 -3.46 46.29
CA ASP D 108 -40.84 -3.01 47.62
C ASP D 108 -39.34 -2.79 47.82
N ARG D 109 -38.52 -3.06 46.80
CA ARG D 109 -37.06 -2.98 46.96
C ARG D 109 -36.33 -2.32 45.80
N ILE D 110 -36.90 -2.28 44.59
CA ILE D 110 -36.29 -1.60 43.45
C ILE D 110 -37.22 -0.46 43.05
N VAL D 111 -36.69 0.76 43.07
CA VAL D 111 -37.45 1.96 42.73
C VAL D 111 -36.76 2.60 41.54
N VAL D 112 -37.41 2.57 40.38
CA VAL D 112 -36.87 3.18 39.17
C VAL D 112 -37.13 4.67 39.22
N ILE D 113 -36.06 5.46 39.13
CA ILE D 113 -36.16 6.92 39.02
C ILE D 113 -35.78 7.30 37.60
N PRO D 114 -36.75 7.56 36.72
CA PRO D 114 -36.40 7.94 35.34
C PRO D 114 -35.72 9.30 35.30
N GLY D 115 -34.66 9.40 34.50
CA GLY D 115 -33.97 10.66 34.32
C GLY D 115 -32.45 10.53 34.34
N LYS D 116 -31.77 11.65 34.13
CA LYS D 116 -30.33 11.69 34.22
C LYS D 116 -29.89 11.79 35.67
N VAL D 117 -28.87 11.01 36.03
CA VAL D 117 -28.39 11.00 37.40
C VAL D 117 -27.96 12.39 37.85
N GLU D 118 -27.63 13.27 36.91
CA GLU D 118 -27.25 14.65 37.24
C GLU D 118 -28.45 15.53 37.52
N GLU D 119 -29.67 15.03 37.37
CA GLU D 119 -30.86 15.89 37.42
C GLU D 119 -31.92 15.36 38.39
N VAL D 120 -31.95 14.04 38.59
CA VAL D 120 -32.99 13.43 39.43
C VAL D 120 -32.75 13.79 40.89
N SER D 121 -33.74 13.53 41.73
CA SER D 121 -33.65 13.70 43.18
C SER D 121 -33.81 12.36 43.85
N LEU D 122 -32.94 12.06 44.82
CA LEU D 122 -33.08 10.85 45.62
C LEU D 122 -33.54 11.21 47.03
N PRO D 123 -34.35 10.36 47.67
CA PRO D 123 -34.83 10.67 49.02
C PRO D 123 -33.81 10.41 50.13
N GLU D 124 -32.70 9.76 49.85
CA GLU D 124 -31.74 9.45 50.91
C GLU D 124 -30.38 9.14 50.30
N GLN D 125 -29.35 9.27 51.13
CA GLN D 125 -28.00 8.87 50.73
C GLN D 125 -27.91 7.35 50.66
N VAL D 126 -27.00 6.86 49.83
CA VAL D 126 -26.87 5.44 49.56
C VAL D 126 -25.57 4.92 50.14
N ASP D 127 -25.53 3.62 50.41
CA ASP D 127 -24.35 2.98 50.94
C ASP D 127 -23.36 2.57 49.85
N ILE D 128 -23.83 2.42 48.62
CA ILE D 128 -23.00 1.86 47.56
C ILE D 128 -23.63 2.20 46.22
N ILE D 129 -22.79 2.53 45.25
CA ILE D 129 -23.22 2.82 43.89
C ILE D 129 -22.76 1.68 42.98
N ILE D 130 -23.67 1.19 42.16
CA ILE D 130 -23.34 0.21 41.13
C ILE D 130 -23.68 0.81 39.78
N SER D 131 -22.92 0.40 38.76
CA SER D 131 -23.12 0.95 37.42
C SER D 131 -22.20 0.21 36.46
N GLU D 132 -22.48 0.39 35.17
CA GLU D 132 -21.61 -0.06 34.09
C GLU D 132 -21.33 1.16 33.21
N PRO D 133 -20.46 2.05 33.65
CA PRO D 133 -20.17 3.27 32.88
C PRO D 133 -19.07 3.13 31.83
N MET D 134 -18.57 1.93 31.59
CA MET D 134 -17.45 1.73 30.67
C MET D 134 -17.96 1.67 29.24
N GLY D 135 -17.48 2.59 28.39
CA GLY D 135 -17.58 2.45 26.96
C GLY D 135 -16.35 1.75 26.40
N TYR D 136 -16.31 1.63 25.07
CA TYR D 136 -15.12 1.06 24.46
C TYR D 136 -13.94 2.00 24.69
N MET D 137 -12.76 1.42 24.89
CA MET D 137 -11.59 2.15 25.38
C MET D 137 -11.85 2.75 26.76
N LEU D 138 -12.88 2.25 27.45
CA LEU D 138 -13.27 2.69 28.79
C LEU D 138 -13.90 4.07 28.79
N PHE D 139 -13.22 5.06 28.21
CA PHE D 139 -13.61 6.45 28.39
C PHE D 139 -14.73 6.90 27.45
N ASN D 140 -14.98 6.17 26.37
CA ASN D 140 -16.06 6.56 25.47
C ASN D 140 -17.38 6.65 26.22
N GLU D 141 -18.24 7.57 25.78
CA GLU D 141 -19.57 7.84 26.34
C GLU D 141 -19.52 8.90 27.42
N ARG D 142 -18.35 9.13 28.02
CA ARG D 142 -18.20 10.09 29.12
C ARG D 142 -19.17 9.80 30.25
N MET D 143 -19.53 8.52 30.42
CA MET D 143 -20.42 8.15 31.51
C MET D 143 -19.68 8.00 32.83
N LEU D 144 -18.37 7.80 32.80
CA LEU D 144 -17.60 7.81 34.04
C LEU D 144 -17.83 9.08 34.84
N GLU D 145 -18.04 10.20 34.15
CA GLU D 145 -18.33 11.46 34.84
C GLU D 145 -19.69 11.41 35.52
N SER D 146 -20.69 10.82 34.87
CA SER D 146 -21.98 10.62 35.53
C SER D 146 -21.83 9.69 36.72
N TYR D 147 -21.05 8.61 36.56
CA TYR D 147 -20.79 7.69 37.66
C TYR D 147 -20.15 8.42 38.83
N LEU D 148 -19.13 9.24 38.56
CA LEU D 148 -18.48 10.00 39.63
C LEU D 148 -19.42 11.07 40.18
N HIS D 149 -20.21 11.70 39.33
CA HIS D 149 -21.16 12.71 39.79
C HIS D 149 -22.14 12.13 40.80
N ALA D 150 -22.52 10.86 40.61
CA ALA D 150 -23.47 10.21 41.50
C ALA D 150 -22.94 10.12 42.94
N LYS D 151 -21.64 10.33 43.15
CA LYS D 151 -21.09 10.23 44.50
C LYS D 151 -21.64 11.30 45.44
N LYS D 152 -22.27 12.34 44.91
CA LYS D 152 -22.96 13.29 45.77
C LYS D 152 -24.04 12.63 46.60
N TYR D 153 -24.54 11.47 46.17
CA TYR D 153 -25.52 10.71 46.93
C TYR D 153 -24.88 9.62 47.78
N LEU D 154 -23.55 9.50 47.76
CA LEU D 154 -22.88 8.42 48.47
C LEU D 154 -22.54 8.87 49.89
N LYS D 155 -22.90 8.04 50.87
CA LYS D 155 -22.54 8.32 52.25
C LYS D 155 -21.02 8.37 52.38
N PRO D 156 -20.51 8.97 53.45
CA PRO D 156 -19.09 8.82 53.76
C PRO D 156 -18.75 7.34 53.94
N SER D 157 -17.62 6.94 53.37
CA SER D 157 -17.14 5.57 53.42
C SER D 157 -18.04 4.62 52.61
N GLY D 158 -18.85 5.14 51.70
CA GLY D 158 -19.58 4.30 50.79
C GLY D 158 -18.68 3.68 49.74
N ASN D 159 -19.16 2.59 49.14
CA ASN D 159 -18.37 1.82 48.19
C ASN D 159 -18.86 2.08 46.77
N MET D 160 -18.00 1.74 45.80
CA MET D 160 -18.29 1.89 44.39
C MET D 160 -18.06 0.55 43.70
N PHE D 161 -19.03 0.14 42.89
CA PHE D 161 -18.96 -1.11 42.12
C PHE D 161 -19.24 -0.79 40.66
N PRO D 162 -18.21 -0.69 39.81
CA PRO D 162 -16.79 -0.99 40.03
C PRO D 162 -16.09 0.06 40.89
N THR D 163 -14.98 -0.34 41.52
CA THR D 163 -14.25 0.53 42.43
C THR D 163 -13.14 1.30 41.73
N ILE D 164 -12.38 0.64 40.84
CA ILE D 164 -11.30 1.27 40.10
C ILE D 164 -11.34 0.79 38.65
N GLY D 165 -10.68 1.53 37.80
CA GLY D 165 -10.53 1.14 36.40
C GLY D 165 -9.10 1.32 35.94
N ASP D 166 -8.61 0.34 35.18
CA ASP D 166 -7.25 0.35 34.66
C ASP D 166 -7.31 0.39 33.15
N VAL D 167 -6.69 1.41 32.56
CA VAL D 167 -6.48 1.47 31.12
C VAL D 167 -5.09 0.95 30.82
N HIS D 168 -4.98 0.10 29.81
CA HIS D 168 -3.71 -0.47 29.39
C HIS D 168 -3.37 -0.01 27.99
N LEU D 169 -2.11 0.39 27.80
CA LEU D 169 -1.60 0.82 26.51
C LEU D 169 -0.38 -0.03 26.16
N ALA D 170 -0.29 -0.43 24.89
CA ALA D 170 0.84 -1.23 24.44
C ALA D 170 1.04 -1.06 22.94
N PRO D 171 2.29 -0.91 22.48
CA PRO D 171 2.51 -0.83 21.04
C PRO D 171 2.31 -2.17 20.37
N PHE D 172 1.89 -2.12 19.10
CA PHE D 172 1.61 -3.33 18.35
C PHE D 172 2.16 -3.21 16.94
N THR D 173 2.33 -4.36 16.30
CA THR D 173 2.67 -4.42 14.88
C THR D 173 1.59 -5.24 14.18
N ASP D 174 1.08 -4.70 13.08
CA ASP D 174 0.01 -5.38 12.33
C ASP D 174 -0.03 -4.76 10.94
N GLU D 175 0.80 -5.28 10.04
CA GLU D 175 0.87 -4.75 8.68
C GLU D 175 -0.45 -4.92 7.95
N GLN D 176 -1.12 -6.06 8.15
CA GLN D 176 -2.40 -6.28 7.48
C GLN D 176 -3.39 -5.16 7.79
N LEU D 177 -3.60 -4.88 9.08
CA LEU D 177 -4.49 -3.79 9.46
C LEU D 177 -4.03 -2.48 8.84
N TYR D 178 -2.74 -2.18 8.95
CA TYR D 178 -2.23 -0.91 8.44
C TYR D 178 -2.46 -0.79 6.93
N MET D 179 -2.20 -1.85 6.17
CA MET D 179 -2.41 -1.78 4.74
C MET D 179 -3.89 -1.83 4.38
N GLU D 180 -4.70 -2.47 5.20
CA GLU D 180 -6.15 -2.45 4.99
C GLU D 180 -6.68 -1.02 5.02
N GLN D 181 -6.31 -0.25 6.05
CA GLN D 181 -6.78 1.12 6.17
C GLN D 181 -6.10 2.02 5.15
N PHE D 182 -4.80 1.82 4.93
CA PHE D 182 -4.09 2.65 3.95
C PHE D 182 -4.65 2.45 2.55
N THR D 183 -4.99 1.21 2.21
CA THR D 183 -5.56 0.93 0.88
C THR D 183 -6.87 1.68 0.69
N LYS D 184 -7.74 1.69 1.70
CA LYS D 184 -9.00 2.41 1.61
C LYS D 184 -8.75 3.89 1.30
N ALA D 185 -7.83 4.52 2.03
CA ALA D 185 -7.56 5.93 1.82
C ALA D 185 -6.97 6.19 0.44
N ASN D 186 -6.21 5.23 -0.10
CA ASN D 186 -5.57 5.43 -1.39
C ASN D 186 -6.56 5.43 -2.55
N PHE D 187 -7.84 5.15 -2.30
CA PHE D 187 -8.85 5.41 -3.32
C PHE D 187 -8.77 6.85 -3.79
N TRP D 188 -8.50 7.76 -2.87
CA TRP D 188 -8.38 9.18 -3.19
C TRP D 188 -7.00 9.55 -3.74
N TYR D 189 -6.20 8.56 -4.10
CA TYR D 189 -4.96 8.77 -4.85
C TYR D 189 -5.18 8.66 -6.35
N GLN D 190 -6.30 8.06 -6.77
CA GLN D 190 -6.59 7.90 -8.19
C GLN D 190 -6.49 9.24 -8.92
N PRO D 191 -5.71 9.34 -9.99
CA PRO D 191 -5.71 10.57 -10.80
C PRO D 191 -6.77 10.62 -11.88
N SER D 192 -7.49 9.52 -12.14
CA SER D 192 -8.47 9.50 -13.22
C SER D 192 -9.58 8.51 -12.86
N PHE D 193 -10.35 8.83 -11.82
CA PHE D 193 -11.55 8.07 -11.49
C PHE D 193 -12.69 8.58 -12.35
N HIS D 194 -13.10 7.79 -13.34
CA HIS D 194 -14.07 8.24 -14.33
C HIS D 194 -13.65 9.56 -14.95
N GLY D 195 -12.33 9.72 -15.16
CA GLY D 195 -11.78 10.92 -15.74
C GLY D 195 -11.51 12.04 -14.77
N VAL D 196 -11.74 11.85 -13.48
CA VAL D 196 -11.61 12.91 -12.47
C VAL D 196 -10.37 12.63 -11.62
N ASP D 197 -9.60 13.68 -11.38
CA ASP D 197 -8.40 13.60 -10.55
C ASP D 197 -8.78 13.83 -9.10
N LEU D 198 -8.70 12.79 -8.28
CA LEU D 198 -9.03 12.86 -6.87
C LEU D 198 -7.80 13.02 -5.97
N SER D 199 -6.60 13.02 -6.55
CA SER D 199 -5.38 12.90 -5.76
C SER D 199 -5.23 14.05 -4.76
N ALA D 200 -5.82 15.21 -5.06
CA ALA D 200 -5.68 16.36 -4.17
C ALA D 200 -6.27 16.09 -2.78
N LEU D 201 -7.17 15.11 -2.65
CA LEU D 201 -7.79 14.77 -1.38
C LEU D 201 -7.14 13.57 -0.70
N ARG D 202 -6.03 13.06 -1.26
CA ARG D 202 -5.39 11.90 -0.66
C ARG D 202 -4.96 12.19 0.77
N GLY D 203 -4.36 13.36 1.00
CA GLY D 203 -3.96 13.70 2.35
C GLY D 203 -5.15 13.72 3.31
N ALA D 204 -6.23 14.38 2.92
CA ALA D 204 -7.41 14.44 3.78
C ALA D 204 -7.98 13.06 4.03
N ALA D 205 -8.03 12.22 3.00
CA ALA D 205 -8.55 10.85 3.17
C ALA D 205 -7.71 10.08 4.20
N VAL D 206 -6.39 10.17 4.08
CA VAL D 206 -5.51 9.50 5.04
C VAL D 206 -5.82 9.99 6.46
N ASP D 207 -5.89 11.31 6.63
CA ASP D 207 -6.24 11.87 7.93
C ASP D 207 -7.54 11.29 8.46
N GLU D 208 -8.57 11.27 7.62
CA GLU D 208 -9.89 10.82 8.07
C GLU D 208 -9.86 9.37 8.49
N TYR D 209 -9.22 8.51 7.70
CA TYR D 209 -9.26 7.07 7.99
C TYR D 209 -8.47 6.73 9.24
N PHE D 210 -7.35 7.41 9.47
CA PHE D 210 -6.46 7.06 10.56
C PHE D 210 -6.81 7.75 11.88
N ARG D 211 -7.77 8.66 11.88
CA ARG D 211 -8.33 9.14 13.14
C ARG D 211 -9.52 8.30 13.60
N GLN D 212 -9.83 7.22 12.89
CA GLN D 212 -10.82 6.24 13.34
C GLN D 212 -10.11 5.18 14.17
N PRO D 213 -10.35 5.09 15.48
CA PRO D 213 -9.87 3.91 16.21
C PRO D 213 -10.51 2.65 15.65
N VAL D 214 -9.77 1.55 15.74
CA VAL D 214 -10.21 0.27 15.21
C VAL D 214 -10.66 -0.59 16.38
N VAL D 215 -11.95 -0.95 16.39
CA VAL D 215 -12.53 -1.79 17.43
C VAL D 215 -12.60 -3.21 16.90
N ASP D 216 -11.83 -4.10 17.51
CA ASP D 216 -11.87 -5.53 17.22
C ASP D 216 -10.89 -6.21 18.16
N THR D 217 -10.72 -7.52 18.02
CA THR D 217 -9.78 -8.25 18.85
C THR D 217 -8.56 -8.68 18.02
N PHE D 218 -7.50 -9.06 18.71
CA PHE D 218 -6.25 -9.40 18.07
C PHE D 218 -5.51 -10.44 18.90
N ASP D 219 -4.57 -11.11 18.25
CA ASP D 219 -3.70 -12.05 18.94
C ASP D 219 -2.65 -11.27 19.74
N ILE D 220 -2.38 -11.74 20.96
CA ILE D 220 -1.46 -11.02 21.84
C ILE D 220 -0.05 -10.97 21.27
N ARG D 221 0.26 -11.80 20.27
CA ARG D 221 1.59 -11.82 19.70
C ARG D 221 1.94 -10.54 18.96
N ILE D 222 0.94 -9.71 18.63
CA ILE D 222 1.23 -8.46 17.94
C ILE D 222 1.79 -7.39 18.86
N LEU D 223 1.73 -7.61 20.18
CA LEU D 223 2.20 -6.62 21.13
C LEU D 223 3.72 -6.69 21.27
N MET D 224 4.35 -5.51 21.29
CA MET D 224 5.81 -5.41 21.22
C MET D 224 6.44 -4.92 22.52
N ALA D 225 5.65 -4.71 23.57
CA ALA D 225 6.21 -4.23 24.83
C ALA D 225 5.17 -4.45 25.93
N LYS D 226 5.67 -4.51 27.17
CA LYS D 226 4.79 -4.63 28.32
C LYS D 226 3.88 -3.40 28.41
N SER D 227 2.60 -3.65 28.70
CA SER D 227 1.61 -2.58 28.72
C SER D 227 1.91 -1.59 29.84
N VAL D 228 1.62 -0.32 29.57
CA VAL D 228 1.62 0.73 30.58
C VAL D 228 0.19 0.84 31.13
N LYS D 229 0.08 1.06 32.43
CA LYS D 229 -1.21 1.11 33.11
C LYS D 229 -1.51 2.52 33.59
N TYR D 230 -2.75 2.95 33.40
CA TYR D 230 -3.26 4.21 33.95
C TYR D 230 -4.53 3.91 34.72
N THR D 231 -4.56 4.28 36.00
CA THR D 231 -5.61 3.87 36.91
C THR D 231 -6.48 5.06 37.30
N VAL D 232 -7.80 4.87 37.22
CA VAL D 232 -8.77 5.82 37.74
C VAL D 232 -9.43 5.19 38.96
N ASN D 233 -9.20 5.78 40.13
CA ASN D 233 -9.81 5.32 41.37
C ASN D 233 -11.16 6.03 41.53
N PHE D 234 -12.24 5.29 41.29
CA PHE D 234 -13.56 5.91 41.31
C PHE D 234 -13.93 6.43 42.69
N LEU D 235 -13.47 5.77 43.75
CA LEU D 235 -13.73 6.24 45.11
C LEU D 235 -13.15 7.62 45.37
N GLU D 236 -12.11 8.02 44.62
CA GLU D 236 -11.38 9.25 44.89
C GLU D 236 -11.57 10.34 43.85
N ALA D 237 -11.74 9.98 42.58
CA ALA D 237 -11.67 10.95 41.52
C ALA D 237 -12.93 11.82 41.47
N LYS D 238 -12.73 13.08 41.04
CA LYS D 238 -13.82 13.97 40.70
C LYS D 238 -14.02 13.96 39.19
N GLU D 239 -15.24 14.28 38.75
CA GLU D 239 -15.53 14.26 37.32
C GLU D 239 -14.64 15.23 36.56
N GLY D 240 -14.18 16.30 37.21
CA GLY D 240 -13.25 17.21 36.56
C GLY D 240 -11.97 16.54 36.13
N ASP D 241 -11.58 15.45 36.80
CA ASP D 241 -10.35 14.76 36.46
C ASP D 241 -10.40 14.11 35.08
N LEU D 242 -11.59 13.88 34.53
CA LEU D 242 -11.73 13.19 33.25
C LEU D 242 -11.90 14.15 32.08
N HIS D 243 -11.80 15.46 32.31
CA HIS D 243 -11.91 16.42 31.21
C HIS D 243 -10.65 16.45 30.37
N ARG D 244 -9.48 16.19 30.97
CA ARG D 244 -8.22 16.19 30.24
C ARG D 244 -7.35 15.12 30.88
N ILE D 245 -7.27 13.96 30.24
CA ILE D 245 -6.53 12.81 30.76
C ILE D 245 -5.20 12.74 30.00
N GLU D 246 -4.09 12.76 30.75
CA GLU D 246 -2.76 12.70 30.18
C GLU D 246 -2.09 11.42 30.63
N ILE D 247 -1.73 10.57 29.67
CA ILE D 247 -1.13 9.26 29.97
C ILE D 247 0.27 9.21 29.39
N PRO D 248 1.31 9.55 30.16
CA PRO D 248 2.67 9.36 29.66
C PRO D 248 3.01 7.88 29.58
N PHE D 249 3.88 7.55 28.62
CA PHE D 249 4.32 6.17 28.46
C PHE D 249 5.79 6.13 28.06
N LYS D 250 6.46 5.07 28.48
CA LYS D 250 7.86 4.80 28.11
C LYS D 250 7.98 3.29 27.96
N PHE D 251 7.78 2.81 26.74
CA PHE D 251 7.82 1.38 26.49
C PHE D 251 9.24 0.91 26.27
N HIS D 252 9.56 -0.27 26.80
CA HIS D 252 10.84 -0.93 26.55
C HIS D 252 10.58 -2.03 25.53
N MET D 253 11.04 -1.81 24.30
CA MET D 253 10.67 -2.70 23.20
C MET D 253 11.25 -4.09 23.41
N LEU D 254 10.39 -5.10 23.36
CA LEU D 254 10.80 -6.49 23.50
C LEU D 254 11.11 -7.16 22.18
N HIS D 255 10.59 -6.63 21.07
CA HIS D 255 10.82 -7.19 19.75
C HIS D 255 11.17 -6.08 18.78
N SER D 256 11.93 -6.45 17.75
CA SER D 256 12.24 -5.53 16.66
C SER D 256 11.15 -5.60 15.60
N GLY D 257 10.91 -4.48 14.96
CA GLY D 257 9.92 -4.41 13.90
C GLY D 257 9.23 -3.06 13.89
N LEU D 258 8.18 -2.97 13.08
CA LEU D 258 7.45 -1.73 12.89
C LEU D 258 6.34 -1.62 13.94
N VAL D 259 6.25 -0.46 14.57
CA VAL D 259 5.17 -0.14 15.49
C VAL D 259 4.12 0.62 14.71
N HIS D 260 2.97 -0.02 14.46
CA HIS D 260 1.92 0.59 13.67
C HIS D 260 0.95 1.40 14.51
N GLY D 261 1.02 1.33 15.83
CA GLY D 261 0.15 2.08 16.69
C GLY D 261 0.18 1.53 18.10
N LEU D 262 -0.78 2.00 18.90
CA LEU D 262 -0.94 1.56 20.27
C LEU D 262 -2.26 0.81 20.41
N ALA D 263 -2.26 -0.24 21.22
CA ALA D 263 -3.46 -0.99 21.54
C ALA D 263 -3.96 -0.62 22.92
N PHE D 264 -5.28 -0.60 23.08
CA PHE D 264 -5.91 -0.22 24.34
C PHE D 264 -6.89 -1.29 24.78
N TRP D 265 -6.91 -1.56 26.08
CA TRP D 265 -7.96 -2.33 26.72
C TRP D 265 -8.08 -1.85 28.16
N PHE D 266 -9.03 -2.42 28.90
CA PHE D 266 -9.25 -1.93 30.25
C PHE D 266 -9.73 -3.07 31.14
N ASP D 267 -9.40 -2.96 32.43
CA ASP D 267 -9.95 -3.80 33.48
C ASP D 267 -10.60 -2.90 34.52
N VAL D 268 -11.69 -3.39 35.11
CA VAL D 268 -12.30 -2.77 36.28
C VAL D 268 -12.28 -3.79 37.40
N ALA D 269 -12.17 -3.30 38.63
CA ALA D 269 -12.13 -4.15 39.81
C ALA D 269 -13.30 -3.83 40.72
N PHE D 270 -13.94 -4.89 41.22
CA PHE D 270 -15.03 -4.76 42.19
C PHE D 270 -14.44 -5.14 43.55
N ILE D 271 -13.92 -4.14 44.25
CA ILE D 271 -13.21 -4.35 45.52
C ILE D 271 -14.27 -4.40 46.61
N GLY D 272 -14.81 -5.59 46.85
CA GLY D 272 -15.79 -5.78 47.90
C GLY D 272 -15.15 -6.30 49.18
N SER D 273 -15.97 -6.34 50.23
CA SER D 273 -15.48 -6.73 51.55
C SER D 273 -15.17 -8.22 51.65
N ILE D 274 -15.63 -9.04 50.71
CA ILE D 274 -15.36 -10.47 50.72
C ILE D 274 -14.25 -10.84 49.74
N MET D 275 -14.22 -10.19 48.58
CA MET D 275 -13.20 -10.51 47.58
C MET D 275 -13.25 -9.48 46.47
N THR D 276 -12.11 -9.28 45.82
CA THR D 276 -12.04 -8.45 44.62
C THR D 276 -12.36 -9.30 43.41
N VAL D 277 -13.29 -8.82 42.58
CA VAL D 277 -13.67 -9.49 41.34
C VAL D 277 -13.27 -8.57 40.20
N TRP D 278 -12.52 -9.12 39.25
CA TRP D 278 -12.03 -8.36 38.11
C TRP D 278 -12.87 -8.64 36.87
N LEU D 279 -13.19 -7.58 36.14
CA LEU D 279 -13.79 -7.67 34.81
C LEU D 279 -12.79 -7.07 33.83
N SER D 280 -12.20 -7.93 33.00
CA SER D 280 -11.10 -7.54 32.12
C SER D 280 -11.51 -7.70 30.66
N THR D 281 -11.09 -6.74 29.83
CA THR D 281 -11.28 -6.79 28.39
C THR D 281 -9.94 -6.95 27.67
N ALA D 282 -8.96 -7.55 28.34
CA ALA D 282 -7.64 -7.72 27.74
C ALA D 282 -7.69 -8.78 26.63
N PRO D 283 -6.77 -8.70 25.66
CA PRO D 283 -6.76 -9.71 24.59
C PRO D 283 -6.39 -11.10 25.07
N THR D 284 -5.90 -11.24 26.30
CA THR D 284 -5.64 -12.54 26.91
C THR D 284 -6.88 -13.17 27.53
N GLU D 285 -7.93 -12.40 27.75
CA GLU D 285 -9.13 -12.87 28.42
C GLU D 285 -10.23 -13.15 27.40
N PRO D 286 -11.25 -13.92 27.77
CA PRO D 286 -12.36 -14.16 26.86
C PRO D 286 -12.93 -12.85 26.32
N LEU D 287 -13.36 -12.89 25.06
CA LEU D 287 -13.77 -11.67 24.38
C LEU D 287 -15.08 -11.14 24.94
N THR D 288 -15.20 -9.82 25.00
CA THR D 288 -16.40 -9.14 25.45
C THR D 288 -16.88 -8.21 24.34
N HIS D 289 -18.10 -7.69 24.50
CA HIS D 289 -18.64 -6.77 23.53
C HIS D 289 -17.89 -5.44 23.50
N TRP D 290 -16.98 -5.21 24.45
CA TRP D 290 -16.07 -4.07 24.36
C TRP D 290 -14.88 -4.34 23.43
N TYR D 291 -14.56 -5.61 23.18
CA TYR D 291 -13.44 -5.95 22.32
C TYR D 291 -12.17 -5.25 22.80
N GLN D 292 -11.33 -4.81 21.88
CA GLN D 292 -10.18 -3.96 22.18
C GLN D 292 -10.15 -2.84 21.17
N VAL D 293 -9.31 -1.83 21.43
CA VAL D 293 -9.23 -0.65 20.59
C VAL D 293 -7.78 -0.38 20.24
N ARG D 294 -7.51 -0.11 18.96
CA ARG D 294 -6.18 0.19 18.48
C ARG D 294 -6.19 1.49 17.70
N CYS D 295 -5.19 2.33 17.95
CA CYS D 295 -5.03 3.61 17.27
C CYS D 295 -3.80 3.54 16.39
N LEU D 296 -4.01 3.70 15.08
CA LEU D 296 -2.96 3.56 14.08
C LEU D 296 -2.18 4.85 13.91
N PHE D 297 -0.90 4.70 13.61
CA PHE D 297 -0.08 5.80 13.11
C PHE D 297 -0.21 5.87 11.60
N GLN D 298 -0.19 7.09 11.06
CA GLN D 298 -0.25 7.24 9.61
C GLN D 298 0.98 6.63 8.95
N SER D 299 2.13 6.68 9.62
CA SER D 299 3.36 6.05 9.15
C SER D 299 3.96 5.35 10.37
N PRO D 300 4.26 4.05 10.28
CA PRO D 300 4.75 3.33 11.45
C PRO D 300 6.20 3.72 11.78
N LEU D 301 6.58 3.39 13.01
CA LEU D 301 7.92 3.67 13.52
C LEU D 301 8.70 2.36 13.61
N PHE D 302 9.95 2.40 13.16
CA PHE D 302 10.84 1.25 13.25
C PHE D 302 11.55 1.28 14.60
N ALA D 303 11.51 0.16 15.32
CA ALA D 303 12.12 0.06 16.64
C ALA D 303 12.87 -1.25 16.75
N LYS D 304 13.99 -1.22 17.47
CA LYS D 304 14.77 -2.41 17.75
C LYS D 304 14.51 -2.85 19.18
N ALA D 305 14.48 -4.17 19.39
CA ALA D 305 14.40 -4.70 20.74
C ALA D 305 15.47 -4.08 21.61
N GLY D 306 15.05 -3.53 22.75
CA GLY D 306 15.93 -2.79 23.62
C GLY D 306 15.74 -1.28 23.54
N ASP D 307 15.16 -0.78 22.46
CA ASP D 307 14.86 0.64 22.36
C ASP D 307 13.73 1.01 23.32
N THR D 308 13.59 2.31 23.56
CA THR D 308 12.49 2.85 24.35
C THR D 308 11.62 3.72 23.46
N LEU D 309 10.32 3.49 23.52
CA LEU D 309 9.33 4.28 22.81
C LEU D 309 8.62 5.17 23.84
N SER D 310 8.79 6.48 23.71
CA SER D 310 8.30 7.43 24.69
C SER D 310 7.33 8.41 24.04
N GLY D 311 6.44 8.96 24.86
CA GLY D 311 5.47 9.93 24.38
C GLY D 311 4.34 10.11 25.38
N THR D 312 3.22 10.59 24.86
CA THR D 312 2.06 10.86 25.70
C THR D 312 0.79 10.61 24.91
N CYS D 313 -0.17 9.96 25.55
CA CYS D 313 -1.52 9.82 25.04
C CYS D 313 -2.41 10.78 25.81
N LEU D 314 -2.94 11.79 25.12
CA LEU D 314 -3.72 12.85 25.74
C LEU D 314 -5.17 12.72 25.29
N LEU D 315 -6.08 12.58 26.24
CA LEU D 315 -7.51 12.44 25.97
C LEU D 315 -8.22 13.72 26.39
N ILE D 316 -8.81 14.41 25.43
CA ILE D 316 -9.53 15.65 25.67
C ILE D 316 -11.01 15.37 25.42
N ALA D 317 -11.83 15.53 26.46
CA ALA D 317 -13.25 15.27 26.36
C ALA D 317 -13.93 16.32 25.48
N ASN D 318 -14.90 15.88 24.69
CA ASN D 318 -15.65 16.75 23.81
C ASN D 318 -17.14 16.71 24.17
N LYS D 319 -17.91 17.59 23.51
CA LYS D 319 -19.33 17.74 23.80
C LYS D 319 -20.18 16.66 23.14
N ARG D 320 -19.57 15.70 22.43
CA ARG D 320 -20.30 14.58 21.83
C ARG D 320 -20.16 13.32 22.66
N GLN D 321 -19.98 13.46 23.98
CA GLN D 321 -19.92 12.32 24.90
C GLN D 321 -18.79 11.37 24.52
N SER D 322 -17.66 11.94 24.10
CA SER D 322 -16.52 11.14 23.69
C SER D 322 -15.25 11.95 23.97
N TYR D 323 -14.15 11.50 23.38
CA TYR D 323 -12.85 12.14 23.57
C TYR D 323 -12.17 12.29 22.22
N ASP D 324 -11.45 13.41 22.06
CA ASP D 324 -10.48 13.55 20.99
C ASP D 324 -9.13 13.09 21.53
N ILE D 325 -8.54 12.11 20.87
CA ILE D 325 -7.34 11.44 21.36
C ILE D 325 -6.13 11.96 20.61
N SER D 326 -5.12 12.40 21.36
CA SER D 326 -3.84 12.81 20.80
C SER D 326 -2.78 11.81 21.25
N ILE D 327 -2.05 11.25 20.29
CA ILE D 327 -0.95 10.33 20.57
C ILE D 327 0.29 10.89 19.90
N VAL D 328 1.30 11.18 20.71
CA VAL D 328 2.64 11.51 20.23
C VAL D 328 3.59 10.44 20.75
N ALA D 329 4.38 9.86 19.86
CA ALA D 329 5.28 8.77 20.21
C ALA D 329 6.61 8.98 19.51
N GLN D 330 7.68 8.48 20.14
CA GLN D 330 9.02 8.77 19.69
C GLN D 330 9.94 7.60 20.03
N VAL D 331 10.70 7.14 19.04
CA VAL D 331 11.78 6.20 19.29
C VAL D 331 12.97 7.02 19.78
N ASP D 332 13.31 6.87 21.06
CA ASP D 332 14.30 7.75 21.67
C ASP D 332 15.68 7.58 21.04
N GLN D 333 16.01 6.38 20.57
CA GLN D 333 17.35 6.11 20.08
C GLN D 333 17.62 6.82 18.74
N THR D 334 16.61 6.94 17.89
CA THR D 334 16.78 7.52 16.56
C THR D 334 16.08 8.86 16.37
N GLY D 335 15.17 9.24 17.27
CA GLY D 335 14.39 10.44 17.07
C GLY D 335 13.27 10.30 16.07
N SER D 336 12.93 9.08 15.67
CA SER D 336 11.78 8.86 14.80
C SER D 336 10.50 9.14 15.57
N LYS D 337 9.68 10.06 15.06
CA LYS D 337 8.55 10.60 15.81
C LYS D 337 7.26 10.43 15.02
N SER D 338 6.16 10.17 15.72
CA SER D 338 4.85 10.03 15.11
C SER D 338 3.80 10.69 15.98
N SER D 339 2.90 11.43 15.34
CA SER D 339 1.79 12.07 16.02
C SER D 339 0.50 11.78 15.27
N ASN D 340 -0.56 11.48 16.01
CA ASN D 340 -1.87 11.25 15.41
C ASN D 340 -2.95 11.85 16.29
N LEU D 341 -4.06 12.21 15.66
CA LEU D 341 -5.25 12.70 16.34
C LEU D 341 -6.42 11.81 15.95
N LEU D 342 -7.13 11.29 16.94
CA LEU D 342 -8.19 10.32 16.70
C LEU D 342 -9.49 10.80 17.32
N ASP D 343 -10.60 10.44 16.66
CA ASP D 343 -11.95 10.80 17.07
C ASP D 343 -12.60 9.55 17.63
N LEU D 344 -12.56 9.39 18.95
CA LEU D 344 -13.05 8.17 19.58
C LEU D 344 -14.54 7.94 19.33
N LYS D 345 -15.29 8.99 19.00
CA LYS D 345 -16.73 8.85 18.82
C LYS D 345 -17.10 8.10 17.55
N ASN D 346 -16.19 8.01 16.57
CA ASN D 346 -16.49 7.46 15.25
C ASN D 346 -15.45 6.44 14.86
N PRO D 347 -15.50 5.24 15.44
CA PRO D 347 -14.48 4.23 15.15
C PRO D 347 -14.82 3.34 13.96
N PHE D 348 -13.95 2.38 13.67
CA PHE D 348 -14.17 1.37 12.64
C PHE D 348 -14.38 0.03 13.31
N PHE D 349 -15.62 -0.45 13.29
CA PHE D 349 -15.96 -1.75 13.89
C PHE D 349 -15.57 -2.83 12.90
N ARG D 350 -14.44 -3.48 13.16
CA ARG D 350 -13.80 -4.37 12.19
C ARG D 350 -14.12 -5.83 12.39
N TYR D 351 -14.53 -6.24 13.59
N TYR D 351 -14.52 -6.24 13.60
CA TYR D 351 -14.84 -7.64 13.88
CA TYR D 351 -14.81 -7.64 13.89
C TYR D 351 -15.88 -8.19 12.90
C TYR D 351 -15.78 -8.23 12.86
N GLN E 2 24.07 -13.99 -10.91
CA GLN E 2 24.41 -13.41 -9.58
C GLN E 2 25.64 -12.51 -9.65
N ASN E 3 26.04 -12.16 -10.88
CA ASN E 3 26.96 -11.05 -11.07
C ASN E 3 26.25 -9.74 -10.75
N MET E 4 27.04 -8.72 -10.43
CA MET E 4 26.52 -7.40 -10.08
C MET E 4 27.19 -6.34 -10.94
N PRO E 5 26.99 -6.38 -12.25
CA PRO E 5 27.57 -5.34 -13.12
C PRO E 5 26.84 -4.02 -12.93
N GLY E 6 27.60 -2.98 -12.59
CA GLY E 6 27.04 -1.66 -12.37
C GLY E 6 26.47 -1.42 -11.00
N ALA E 7 26.29 -2.46 -10.18
CA ALA E 7 25.80 -2.30 -8.82
C ALA E 7 27.00 -2.04 -7.92
N ILE E 8 27.27 -0.76 -7.69
CA ILE E 8 28.44 -0.33 -6.94
C ILE E 8 28.37 -0.86 -5.51
N ARG E 9 27.22 -0.69 -4.88
CA ARG E 9 26.99 -1.21 -3.52
C ARG E 9 26.06 -2.47 -3.53
N PRO E 10 26.43 -3.52 -2.77
CA PRO E 10 25.54 -4.70 -2.75
C PRO E 10 24.17 -4.38 -2.16
N ALA E 11 23.15 -5.16 -2.56
CA ALA E 11 21.84 -5.02 -1.95
C ALA E 11 21.91 -5.40 -0.48
N ALA E 12 21.30 -4.58 0.38
CA ALA E 12 21.35 -4.80 1.82
C ALA E 12 20.66 -6.12 2.19
N PHE F 1 18.53 -7.20 -5.75
CA PHE F 1 19.02 -6.00 -6.41
C PHE F 1 17.89 -5.30 -7.18
N GLN F 2 17.71 -4.01 -6.90
CA GLN F 2 16.68 -3.22 -7.56
C GLN F 2 17.17 -2.59 -8.86
N ASN F 3 18.48 -2.37 -9.00
CA ASN F 3 19.06 -1.75 -10.19
C ASN F 3 20.33 -2.50 -10.56
N MET F 4 20.31 -3.19 -11.70
CA MET F 4 21.49 -3.83 -12.26
C MET F 4 21.85 -3.11 -13.56
N PRO F 5 22.34 -1.88 -13.48
CA PRO F 5 22.44 -1.05 -14.70
C PRO F 5 23.32 -1.63 -15.79
N GLY F 6 24.19 -2.58 -15.47
CA GLY F 6 25.05 -3.20 -16.45
C GLY F 6 24.58 -4.52 -16.99
N ALA F 7 23.46 -5.04 -16.49
CA ALA F 7 22.94 -6.34 -16.92
C ALA F 7 22.13 -6.13 -18.20
N ILE F 8 22.65 -6.64 -19.32
CA ILE F 8 22.00 -6.45 -20.61
C ILE F 8 20.95 -7.54 -20.86
N ARG F 9 21.34 -8.80 -20.65
CA ARG F 9 20.40 -9.92 -20.75
C ARG F 9 20.09 -10.50 -19.35
N PRO F 10 18.84 -10.94 -19.11
CA PRO F 10 18.56 -11.56 -17.82
C PRO F 10 19.24 -12.92 -17.66
N ALA F 11 19.51 -13.33 -16.42
CA ALA F 11 20.08 -14.65 -16.19
C ALA F 11 19.05 -15.71 -16.51
N ALA F 12 19.46 -16.74 -17.25
CA ALA F 12 18.56 -17.80 -17.67
C ALA F 12 17.98 -18.51 -16.44
N PRO G 5 -28.37 2.78 12.35
CA PRO G 5 -27.70 3.35 13.52
C PRO G 5 -26.94 4.62 13.18
N GLY G 6 -27.61 5.52 12.45
CA GLY G 6 -26.98 6.72 11.94
C GLY G 6 -26.42 6.59 10.54
N ALA G 7 -26.49 5.40 9.95
CA ALA G 7 -25.99 5.18 8.59
C ALA G 7 -27.12 5.52 7.61
N ILE G 8 -26.99 6.66 6.94
CA ILE G 8 -28.04 7.14 6.05
C ILE G 8 -28.10 6.28 4.79
N ARG G 9 -26.94 6.06 4.17
CA ARG G 9 -26.85 5.19 3.01
C ARG G 9 -26.16 3.85 3.37
N PRO G 10 -26.75 2.70 2.98
CA PRO G 10 -26.09 1.43 3.30
C PRO G 10 -24.71 1.30 2.67
N ALA G 11 -23.84 0.49 3.27
CA ALA G 11 -22.51 0.26 2.71
C ALA G 11 -22.60 -0.66 1.51
N ALA G 12 -21.94 -0.27 0.42
CA ALA G 12 -22.09 -0.96 -0.85
C ALA G 12 -21.59 -2.41 -0.80
N PHE H 1 -19.38 -1.69 7.00
CA PHE H 1 -19.65 -0.33 7.43
C PHE H 1 -18.39 0.36 7.98
N GLN H 2 -17.97 1.43 7.31
CA GLN H 2 -16.85 2.22 7.80
C GLN H 2 -17.27 3.26 8.82
N ASN H 3 -18.56 3.64 8.83
CA ASN H 3 -19.08 4.62 9.77
C ASN H 3 -20.42 4.14 10.30
N MET H 4 -20.49 3.92 11.61
CA MET H 4 -21.74 3.66 12.32
C MET H 4 -21.89 4.77 13.36
N PRO H 5 -22.24 5.99 12.93
CA PRO H 5 -22.16 7.13 13.86
C PRO H 5 -23.02 6.99 15.11
N GLY H 6 -24.01 6.10 15.12
CA GLY H 6 -24.91 5.97 16.25
C GLY H 6 -24.74 4.73 17.10
N ALA H 7 -23.72 3.91 16.85
CA ALA H 7 -23.51 2.68 17.61
C ALA H 7 -22.62 3.01 18.81
N ILE H 8 -23.26 3.30 19.95
CA ILE H 8 -22.56 3.68 21.15
C ILE H 8 -21.74 2.50 21.70
N ARG H 9 -22.38 1.34 21.76
CA ARG H 9 -21.76 0.13 22.30
C ARG H 9 -21.64 -0.97 21.21
N PRO H 10 -20.43 -1.54 21.01
CA PRO H 10 -20.28 -2.51 19.91
C PRO H 10 -21.16 -3.74 20.06
N ALA H 11 -21.54 -4.35 18.94
CA ALA H 11 -22.30 -5.60 18.99
C ALA H 11 -21.44 -6.68 19.64
N ALA H 12 -22.07 -7.47 20.50
CA ALA H 12 -21.35 -8.53 21.22
C ALA H 12 -20.96 -9.65 20.26
#